data_5TC1
#
_entry.id   5TC1
#
loop_
_entity.id
_entity.type
_entity.pdbx_description
1 polymer 'Capsid protein'
2 polymer 'Maturation protein'
3 polymer 'phage MS2 genome'
#
loop_
_entity_poly.entity_id
_entity_poly.type
_entity_poly.pdbx_seq_one_letter_code
_entity_poly.pdbx_strand_id
1 'polypeptide(L)'
;MASNFTQFVLVDNGGTGDVTVAPSNFANGVAEWISSNSRSQAYKVTCSVRQSSAQNRKYTIKVEVPKVATQTVGGVELPV
AAWRSYLNMELTIPIFATNSDCELIVKAMQGLLKDGNPIPSAIAANSGIY
;
A,B,C,D,E,F,G,H
2 'polypeptide(L)'
;MRAFSTLDRENETFVPSVRVYADGETEDNSFSLKYRSNWTPGRFNSTGAKTKQWHYPSPYSRGALSVTSIDQGAYKRSGS
SWGRPYEEKAGFGFSLDARSCYSLFPVSQNLTYIEVPQNVANRASTEVLQKVTQGNFNLGVALAEARSTASQLATQTIAL
VKAYTAARRGNWRQALRYLALNEDRKFRSKHVAGRWLELQFGWLPLMSDIQGAYEMLTKVHLQEFLPMRAVRQVGTNIKL
DGRLSYPAANFQTTCNISRRIVIWFYINDARLAWLSSLGILNPLGIVWEKVPFSFVVDWLLPVGNMLEGLTAPVGCSYMS
GTVTDVITGESIISVDAPYGWTVERQGTAKAQISAMHRGVQSVWPTTGAYVKSPFSMVHTLDALALIRQRLSR
;
M
3 'polyribonucleotide'
;GGGUGGGACCCCUUUCGGGGUCCUGCUCAACUUCCUGUCGAGCUAAUGCCAUUUUUAAUGUCUUUAGCGAGACGCUACCA
UGGCUAUCGCUGUAGGUAGCCGGAAUUCCAUUCCUAGGAGGUUUGACCUGUGCGAGCUUUUAGUACCCUUGAUAGGGAGA
ACGAGACCUUCGUCCCCUCCGUUCGCGUUUACGCGGACGGUGAGACUGAAGAUAACUCAUUCUCUUUAAAAUAUCGUUCG
AACUGGACUCCCGGUCGUUUUAACUCGACUGGGGCCAAAACGAAACAGUGGCACUACCCCUCUCCGUAUUCACGGGGGGC
GUUAAGUGUCACAUCGAUAGAUCAAGGUGCCUACAAGCGAAGUGGGUCAUCGUGGGGUCGCCCGUACGAGGAGAAAGCCG
GUUUCGGCUUCUCCCUCGACGCACGCUCCUGCUACAGCCUCUUCCCUGUAAGCCAAAACUUGACUUACAUCGAAGUGCCG
CAGAACGUUGCGAACCGGGCGUCGACCGAAGUCCUGCAAAAGGUCACCCAGGGUAAUUUUAACCUUGGUGUUGCUUUAGC
AGAGGCCAGGUCGACAGCCUCACAACUCGCGACGCAAACCAUUGCGCUCGUGAAGGCGUACACUGCCGCUCGUCGCGGUA
AUUGGCGCCAGGCGCUCCGCUACCUUGCCCUAAACGAAGAUCGAAAGUUUCGAUCAAAACACGUGGCCGGCAGGUGGUUG
GAGUUGCAGUUCGGUUGGUUACCACUAAUGAGUGAUAUCCAGGGUGCAUAUGAGAUGCUUACGAAGGUUCACCUUCAAGA
GUUUCUUCCUAUGAGAGCCGUACGUCAGGUCGGUACUAACAUCAAGUUAGAUGGCCGUCUGUCGUAUCCAGCUGCAAACU
UCCAGACAACGUGCAACAUAUCGCGACGUAUCGUGAUAUGGUUUUACAUAAACGAUGCACGUUUGGCAUGGUUGUCGUCU
CUAGGUAUCUUGAACCCACUAGGUAUAGUGUGGGAAAAGGUGCCUUUCUCAUUCGUUGUCGACUGGCUCCUACCUGUAGG
UAACAUGCUCGAGGGCCUUACGGCCCCCGUGGGAUGCUCCUACAUGUCAGGAACAGUUACUGACGUAAUAACGGGUGAGU
CCAUCAUAAGCGUUGACGCUCCCUACGGGUGGACUGUGGAGAGACAGGGCACUGCUAAGGCCCAAAUCUCAGCCAUGCAU
CGAGGGGUACAAUCCGUAUGGCCAACAACUGGCGCGUACGUAAAGUCUCCUUUCUCGAUGGUCCAUACCUUAGAUGCGUU
AGCAUUAAUCAGGCAACGGCUCUCUAGAUAGAGCCCUCAACCGGAGUUUGAAGCAUGGCUUCUAACUUUACUCAGUUCGU
UCUCGUCGACAAUGGCGGAACUGGCGACGUGACUGUCGCCCCAAGCAACUUCGCUAACGGGGUCGCUGAAUGGAUCAGCU
CUAACUCGCGUUCACAGGCUUACAAAGUAACCUGUAGCGUUCGUCAGAGCUCUGCGCAGAAUCGCAAAUACACCAUCAAA
GUCGAGGUGCCUAAAGUGGCAACCCAGACUGUUGGUGGUGUAGAGCUUCCUGUAGCCGCAUGGCGUUCGUACUUAAAUAU
GGAACUAACCAUUCCAAUUUUCGCUACGAAUUCCGACUGCGAGCUUAUUGUUAAGGCAAUGCAAGGUCUCCUAAAAGAUG
GAAACCCGAUUCCCUCAGCAAUCGCAGCAAACUCCGGCAUCUACUAAUAGACGCCGGCCAUUCAAACAUGAGGAUUACCC
AUGUCGAAGACAACAAAGAAGUUCAACUCUUUAUGUAUUGAUCUUCCUCGCGAUCUUUCUCUCGAAAUUUACCAAUCAAU
UGCUUCUGUCGCUACUGGAAGCGGUGAUCCGCACAGUGACGACUUUACAGCAAUUGCUUACUUAAGGGACGAAUUGCUCA
CAAAGCAUCCGACCUUAGGUUCUGGUAAUGACGAGGCGACCCGUCGUACCUUAGCUAUCGCUAAGCUACGGGAGGCGAAU
GGUGAUCGCGGUCAGAUAAAUAGAGAAGGUUUCUUACAUGACAAAUCCUUGUCAUGGGAUCCGGAUGUUUUACAAACCAG
CAUCCGUAGCCUUAUUGGCAACCUCCUCUCUGGCUACCGAUCGUCGUUGUUUGGGCAAUGCACGUUCUCCAACGGUGCUC
CUAUGGGGCACAAGUUGCAGGAUGCAGCGCCUUACAAGAAGUUCGCUGAACAAGCAACCGUUACCCCCCGCGCUCUGAGA
GCGGCUCUAUUGGUCCGAGACCAAUGUGCGCCGUGGAUCAGACACGCGGUCCGCUAUAACGAGUCAUAUGAAUUUAGGCU
CGUUGUAGGGAACGGAGUGUUUACAGUUCCGAAGAAUAAUAAAAUAGAUCGGGCUGCCUGUAAGGAGCCUGAUAUGAAUA
UGUACCUCCAGAAAGGGGUCGGUGCUUUCAUCAGACGCCGGCUCAAAUCCGUUGGUAUAGACCUGAAUGAUCAAUCGAUC
AACCAGCGUCUGGCUCAGCAGGGCAGCGUAGAUGGUUCGCUUGCGACGAUAGACUUAUCGUCUGCAUCCGAUUCCAUCUC
CGAUCGCCUGGUGUGGAGUUUUCUCCCACCAGAGCUAUAUUCAUAUCUCGAUCGUAUCCGCUCACACUACGGAAUCGUAG
AUGGCGAGACGAUACGAUGGGAACUAUUUUCCACAAUGGGAAAUGGGUUCACAUUUGAGCUAGAGUCCAUGAUAUUCUGG
GCAAUAGUCAAAGCGACCCAAAUCCAUUUUGGUAACGCCGGAACCAUAGGCAUCUACGGGGACGAUAUUAUAUGUCCCAG
UGAGAUUGCACCCCGUGUGCUAGAGGCACUUGCCUACUACGGUUUUAAACCGAAUCUUCGUAAAACGUUCGUGUCCGGGC
UCUUUCGCGAGAGCUGCGGCGCGCACUUUUACCGUGGUGUCGAUGUCAAACCGUUUUACAUCAAGAAACCUGUUGACAAU
CUCUUCGCCCUGAUGCUGAUAUUAAAUCGGCUACGGGGUUGGGGAGUUGUCGGAGGUAUGUCAGAUCCACGCCUCUAUAA
GGUGUGGGUACGGCUCUCCUCCCAGGUGCCUUCGAUGUUCUUCGGUGGGACGGACCUCGCUGCCGACUACUACGUAGUCA
GCCCGCCUACGGCAGUCUCGGUAUACACCAAGACUCCGUACGGGCGGCUGCUCGCGGAUACCCGUACCUCGGGUUUCCGU
CUUGCUCGUAUCGCUCGAGAACGCAAGUUCUUCAGCGAAAAGCACGACAGUGGUCGCUACAUAGCGUGGUUCCAUACUGG
AGGUGAAAUCACCGACAGCAUGAAGUCCGCCGGCGUGCGCGUUAUACGCACUUCGGAGUGGCUAACGCCGGUUCCCACAU
UCCCUCAGGAGUGUGGGCCAGCGAGCUCUCCUCGGUAGCUGACCGAGGGACCCCCGUAAACGGGGUGGGUGUGCUCGAAA
GAGCACGGGUGCGAAAGCGGUCCGGCUCCACCGAAAGGUGGGCGGGCUUCGGCCCAGGGACCUCCCCCUAAAGAGAGGAC
CCGGGAUUCUCCCGAUUUGGUAACUAGCUGCUUGGCUAGUUACCACCCA
;
R
#
loop_
_chem_comp.id
_chem_comp.type
_chem_comp.name
_chem_comp.formula
A RNA linking ADENOSINE-5'-MONOPHOSPHATE 'C10 H14 N5 O7 P'
C RNA linking CYTIDINE-5'-MONOPHOSPHATE 'C9 H14 N3 O8 P'
G RNA linking GUANOSINE-5'-MONOPHOSPHATE 'C10 H14 N5 O8 P'
U RNA linking URIDINE-5'-MONOPHOSPHATE 'C9 H13 N2 O9 P'
#
# COMPACT_ATOMS: atom_id res chain seq x y z
N ALA A 2 -17.26 -22.74 45.82
CA ALA A 2 -18.53 -22.88 46.49
C ALA A 2 -19.64 -23.15 45.48
N SER A 3 -20.77 -23.66 45.96
CA SER A 3 -21.92 -23.93 45.11
C SER A 3 -23.20 -23.86 45.93
N ASN A 4 -24.27 -23.34 45.34
CA ASN A 4 -25.54 -23.18 46.03
C ASN A 4 -26.63 -24.11 45.51
N PHE A 5 -26.29 -25.04 44.62
CA PHE A 5 -27.24 -26.00 44.07
C PHE A 5 -27.21 -27.23 44.96
N THR A 6 -27.78 -27.08 46.15
CA THR A 6 -27.63 -28.05 47.23
C THR A 6 -28.99 -28.56 47.71
N GLN A 7 -28.93 -29.36 48.77
CA GLN A 7 -30.11 -29.94 49.39
C GLN A 7 -30.67 -28.99 50.44
N PHE A 8 -32.00 -28.90 50.49
CA PHE A 8 -32.67 -28.17 51.56
C PHE A 8 -33.97 -28.87 51.89
N VAL A 9 -34.59 -28.44 52.99
CA VAL A 9 -35.85 -29.00 53.45
C VAL A 9 -36.97 -28.04 53.03
N LEU A 10 -38.02 -28.60 52.42
CA LEU A 10 -39.08 -27.75 51.88
C LEU A 10 -40.21 -27.57 52.87
N VAL A 11 -40.68 -28.66 53.46
CA VAL A 11 -41.79 -28.63 54.41
C VAL A 11 -41.22 -29.01 55.77
N ASP A 12 -41.35 -28.11 56.74
CA ASP A 12 -40.67 -28.26 58.03
C ASP A 12 -41.70 -28.66 59.07
N ASN A 13 -41.92 -29.97 59.20
CA ASN A 13 -42.88 -30.49 60.18
C ASN A 13 -42.21 -30.84 61.50
N GLY A 14 -41.49 -29.87 62.07
CA GLY A 14 -40.92 -29.99 63.39
C GLY A 14 -39.81 -31.02 63.53
N GLY A 15 -39.11 -31.31 62.44
CA GLY A 15 -38.05 -32.30 62.46
C GLY A 15 -38.48 -33.70 62.02
N THR A 16 -39.54 -34.23 62.63
CA THR A 16 -40.03 -35.57 62.29
C THR A 16 -41.20 -35.40 61.32
N GLY A 17 -41.02 -35.92 60.10
CA GLY A 17 -42.01 -35.72 59.06
C GLY A 17 -41.65 -34.63 58.08
N ASP A 18 -40.37 -34.27 57.97
CA ASP A 18 -39.96 -33.26 57.02
C ASP A 18 -39.99 -33.83 55.61
N VAL A 19 -39.93 -32.94 54.62
CA VAL A 19 -39.67 -33.32 53.25
C VAL A 19 -38.38 -32.64 52.82
N THR A 20 -37.28 -33.39 52.81
CA THR A 20 -36.04 -32.89 52.25
C THR A 20 -36.14 -33.04 50.74
N VAL A 21 -35.54 -32.09 50.02
CA VAL A 21 -35.60 -32.10 48.57
C VAL A 21 -34.17 -32.03 48.05
N ALA A 22 -33.89 -32.77 46.98
CA ALA A 22 -32.53 -33.03 46.58
C ALA A 22 -32.33 -32.68 45.12
N PRO A 23 -31.15 -32.16 44.77
CA PRO A 23 -30.88 -31.80 43.37
C PRO A 23 -30.76 -33.03 42.48
N SER A 24 -31.34 -32.95 41.29
CA SER A 24 -31.30 -34.09 40.38
C SER A 24 -30.97 -33.77 38.93
N ASN A 25 -31.20 -32.55 38.46
CA ASN A 25 -31.03 -32.30 37.04
C ASN A 25 -30.67 -30.84 36.85
N PHE A 26 -29.97 -30.55 35.74
CA PHE A 26 -29.55 -29.19 35.46
C PHE A 26 -29.66 -28.87 33.97
N ALA A 27 -30.19 -29.80 33.18
CA ALA A 27 -30.11 -29.69 31.72
C ALA A 27 -31.00 -28.57 31.19
N ASN A 28 -30.58 -28.00 30.05
CA ASN A 28 -31.20 -26.86 29.39
C ASN A 28 -31.27 -25.62 30.28
N GLY A 29 -30.31 -25.46 31.17
CA GLY A 29 -30.22 -24.26 31.99
C GLY A 29 -31.29 -24.11 33.04
N VAL A 30 -31.93 -25.20 33.43
CA VAL A 30 -33.03 -25.18 34.40
C VAL A 30 -32.62 -26.07 35.56
N ALA A 31 -32.54 -25.50 36.75
CA ALA A 31 -32.29 -26.28 37.95
C ALA A 31 -33.52 -27.11 38.29
N GLU A 32 -33.32 -28.24 38.95
CA GLU A 32 -34.43 -29.11 39.33
C GLU A 32 -34.11 -29.88 40.60
N TRP A 33 -34.92 -29.66 41.63
CA TRP A 33 -34.86 -30.40 42.87
C TRP A 33 -36.05 -31.34 42.93
N ILE A 34 -35.83 -32.58 43.33
CA ILE A 34 -36.93 -33.51 43.57
C ILE A 34 -36.71 -34.20 44.91
N SER A 35 -37.81 -34.69 45.49
CA SER A 35 -37.78 -35.32 46.79
C SER A 35 -37.44 -36.80 46.66
N SER A 36 -37.23 -37.45 47.81
CA SER A 36 -36.82 -38.85 47.84
C SER A 36 -38.04 -39.79 47.75
N ASN A 37 -38.67 -39.77 46.59
CA ASN A 37 -39.79 -40.67 46.30
C ASN A 37 -39.63 -41.21 44.90
N SER A 38 -40.69 -41.84 44.36
CA SER A 38 -40.70 -42.15 42.94
C SER A 38 -40.91 -40.89 42.13
N ARG A 39 -40.74 -41.01 40.82
CA ARG A 39 -40.83 -39.84 39.95
C ARG A 39 -42.25 -39.34 39.78
N SER A 40 -43.25 -40.13 40.18
CA SER A 40 -44.64 -39.67 40.10
C SER A 40 -45.09 -39.02 41.40
N GLN A 41 -44.72 -39.59 42.55
CA GLN A 41 -45.14 -39.06 43.84
C GLN A 41 -44.14 -38.09 44.45
N ALA A 42 -43.36 -37.40 43.64
CA ALA A 42 -42.30 -36.54 44.16
C ALA A 42 -42.76 -35.10 44.25
N TYR A 43 -42.12 -34.35 45.15
CA TYR A 43 -42.19 -32.90 45.08
C TYR A 43 -41.15 -32.44 44.05
N LYS A 44 -41.35 -31.25 43.52
CA LYS A 44 -40.50 -30.81 42.42
C LYS A 44 -40.38 -29.30 42.44
N VAL A 45 -39.15 -28.81 42.45
CA VAL A 45 -38.85 -27.39 42.51
C VAL A 45 -37.87 -27.07 41.39
N THR A 46 -38.19 -26.08 40.55
CA THR A 46 -37.29 -25.65 39.50
C THR A 46 -36.90 -24.19 39.69
N CYS A 47 -35.91 -23.76 38.93
CA CYS A 47 -35.38 -22.40 38.98
C CYS A 47 -34.61 -22.13 37.71
N SER A 48 -34.86 -20.97 37.10
CA SER A 48 -34.13 -20.60 35.89
C SER A 48 -34.03 -19.09 35.80
N VAL A 49 -32.92 -18.62 35.24
CA VAL A 49 -32.60 -17.20 35.14
C VAL A 49 -32.31 -16.89 33.69
N ARG A 50 -32.95 -15.86 33.14
CA ARG A 50 -32.65 -15.42 31.79
C ARG A 50 -32.64 -13.90 31.71
N GLN A 51 -31.86 -13.39 30.75
CA GLN A 51 -31.85 -11.98 30.41
C GLN A 51 -33.05 -11.73 29.50
N SER A 52 -34.16 -11.29 30.09
CA SER A 52 -35.42 -11.24 29.35
C SER A 52 -35.43 -10.12 28.32
N SER A 53 -35.36 -8.88 28.78
CA SER A 53 -35.26 -7.74 27.89
C SER A 53 -33.81 -7.26 27.88
N ALA A 54 -33.58 -6.10 27.27
CA ALA A 54 -32.24 -5.53 27.29
C ALA A 54 -31.89 -4.97 28.67
N GLN A 55 -32.89 -4.62 29.47
CA GLN A 55 -32.67 -4.04 30.79
C GLN A 55 -33.48 -4.72 31.88
N ASN A 56 -33.70 -6.03 31.78
CA ASN A 56 -34.39 -6.78 32.82
C ASN A 56 -33.74 -8.15 32.98
N ARG A 57 -33.91 -8.71 34.16
CA ARG A 57 -33.54 -10.09 34.44
C ARG A 57 -34.70 -10.75 35.17
N LYS A 58 -35.09 -11.93 34.68
CA LYS A 58 -36.37 -12.53 35.05
C LYS A 58 -36.12 -13.93 35.60
N TYR A 59 -36.76 -14.24 36.72
CA TYR A 59 -36.63 -15.55 37.35
C TYR A 59 -37.90 -16.35 37.10
N THR A 60 -37.77 -17.67 37.13
CA THR A 60 -38.90 -18.58 36.90
C THR A 60 -38.80 -19.74 37.88
N ILE A 61 -39.73 -19.81 38.81
CA ILE A 61 -39.73 -20.82 39.86
C ILE A 61 -41.05 -21.59 39.82
N LYS A 62 -40.98 -22.91 39.77
CA LYS A 62 -42.17 -23.75 39.73
C LYS A 62 -42.07 -24.82 40.81
N VAL A 63 -43.12 -24.90 41.63
CA VAL A 63 -43.18 -25.84 42.75
C VAL A 63 -44.41 -26.73 42.58
N GLU A 64 -44.21 -28.05 42.68
CA GLU A 64 -45.28 -29.03 42.56
C GLU A 64 -45.45 -29.76 43.89
N VAL A 65 -46.67 -29.77 44.41
CA VAL A 65 -46.99 -30.48 45.65
C VAL A 65 -48.14 -31.45 45.36
N PRO A 66 -47.89 -32.74 45.26
CA PRO A 66 -48.96 -33.69 44.96
C PRO A 66 -49.61 -34.27 46.20
N LYS A 67 -50.75 -34.94 45.96
CA LYS A 67 -51.44 -35.74 46.96
C LYS A 67 -51.28 -37.19 46.56
N VAL A 68 -50.59 -37.96 47.40
CA VAL A 68 -50.23 -39.32 47.05
C VAL A 68 -51.44 -40.26 47.19
N ALA A 69 -51.45 -41.29 46.36
CA ALA A 69 -52.51 -42.29 46.40
C ALA A 69 -51.94 -43.61 45.88
N THR A 70 -52.84 -44.53 45.59
CA THR A 70 -52.47 -45.85 45.04
C THR A 70 -53.60 -46.32 44.14
N GLN A 71 -53.41 -46.18 42.83
CA GLN A 71 -54.45 -46.46 41.86
C GLN A 71 -54.36 -47.89 41.36
N THR A 72 -55.51 -48.56 41.26
CA THR A 72 -55.58 -49.91 40.72
C THR A 72 -55.82 -49.82 39.21
N VAL A 73 -54.76 -50.01 38.44
CA VAL A 73 -54.81 -49.96 36.98
C VAL A 73 -54.74 -51.39 36.47
N GLY A 74 -55.89 -51.93 36.07
CA GLY A 74 -55.94 -53.29 35.56
C GLY A 74 -55.66 -54.36 36.58
N GLY A 75 -55.95 -54.11 37.85
CA GLY A 75 -55.66 -55.07 38.90
C GLY A 75 -54.29 -54.94 39.51
N VAL A 76 -53.45 -54.04 39.02
CA VAL A 76 -52.09 -53.85 39.51
C VAL A 76 -52.00 -52.51 40.19
N GLU A 77 -51.43 -52.50 41.40
CA GLU A 77 -51.35 -51.29 42.22
C GLU A 77 -50.06 -50.53 41.90
N LEU A 78 -50.21 -49.27 41.51
CA LEU A 78 -49.08 -48.42 41.15
C LEU A 78 -49.12 -47.12 41.94
N PRO A 79 -47.98 -46.67 42.47
CA PRO A 79 -47.96 -45.40 43.22
C PRO A 79 -48.13 -44.21 42.28
N VAL A 80 -49.13 -43.37 42.56
CA VAL A 80 -49.51 -42.28 41.68
C VAL A 80 -50.03 -41.13 42.55
N ALA A 81 -50.12 -39.95 41.94
CA ALA A 81 -50.63 -38.76 42.61
C ALA A 81 -52.07 -38.53 42.19
N ALA A 82 -52.93 -38.18 43.14
CA ALA A 82 -54.34 -37.98 42.83
C ALA A 82 -54.59 -36.58 42.28
N TRP A 83 -53.91 -35.57 42.83
CA TRP A 83 -53.98 -34.20 42.33
C TRP A 83 -52.72 -33.47 42.77
N ARG A 84 -52.30 -32.52 41.94
CA ARG A 84 -51.11 -31.72 42.21
C ARG A 84 -51.48 -30.26 42.35
N SER A 85 -50.70 -29.56 43.18
CA SER A 85 -50.83 -28.12 43.35
C SER A 85 -49.57 -27.43 42.81
N TYR A 86 -49.77 -26.46 41.93
CA TYR A 86 -48.70 -25.88 41.14
C TYR A 86 -48.48 -24.44 41.56
N LEU A 87 -47.37 -24.18 42.24
CA LEU A 87 -46.91 -22.81 42.47
C LEU A 87 -46.01 -22.41 41.31
N ASN A 88 -46.19 -21.17 40.83
CA ASN A 88 -45.51 -20.70 39.64
C ASN A 88 -45.38 -19.19 39.75
N MET A 89 -44.19 -18.69 40.05
CA MET A 89 -43.96 -17.27 40.23
C MET A 89 -42.87 -16.79 39.27
N GLU A 90 -42.89 -15.49 38.98
CA GLU A 90 -41.94 -14.87 38.07
C GLU A 90 -41.53 -13.52 38.62
N LEU A 91 -40.23 -13.34 38.86
CA LEU A 91 -39.68 -12.15 39.50
C LEU A 91 -38.83 -11.39 38.51
N THR A 92 -39.20 -10.15 38.22
CA THR A 92 -38.49 -9.31 37.27
C THR A 92 -37.65 -8.31 38.03
N ILE A 93 -36.34 -8.47 37.96
CA ILE A 93 -35.39 -7.60 38.64
C ILE A 93 -34.57 -6.89 37.55
N PRO A 94 -34.51 -5.57 37.53
CA PRO A 94 -33.73 -4.89 36.49
C PRO A 94 -32.23 -5.02 36.73
N ILE A 95 -31.47 -4.63 35.71
CA ILE A 95 -30.02 -4.72 35.81
C ILE A 95 -29.43 -3.60 36.66
N PHE A 96 -30.24 -2.62 37.04
CA PHE A 96 -29.76 -1.50 37.84
C PHE A 96 -29.86 -1.74 39.33
N ALA A 97 -30.11 -2.97 39.76
CA ALA A 97 -30.38 -3.27 41.16
C ALA A 97 -29.10 -3.64 41.89
N THR A 98 -28.93 -3.09 43.09
CA THR A 98 -27.80 -3.41 43.95
C THR A 98 -28.09 -4.74 44.65
N ASN A 99 -27.03 -5.39 45.16
CA ASN A 99 -27.23 -6.59 45.97
C ASN A 99 -27.90 -6.27 47.30
N SER A 100 -27.78 -5.03 47.76
CA SER A 100 -28.57 -4.60 48.92
C SER A 100 -30.00 -4.25 48.52
N ASP A 101 -30.27 -4.17 47.21
CA ASP A 101 -31.64 -3.99 46.76
C ASP A 101 -32.29 -5.34 46.45
N CYS A 102 -31.48 -6.35 46.13
CA CYS A 102 -32.02 -7.68 45.93
C CYS A 102 -32.35 -8.33 47.27
N GLU A 103 -31.61 -7.98 48.33
CA GLU A 103 -31.94 -8.50 49.65
C GLU A 103 -33.18 -7.83 50.23
N LEU A 104 -33.60 -6.70 49.65
CA LEU A 104 -34.85 -6.10 50.06
C LEU A 104 -36.02 -6.78 49.39
N ILE A 105 -35.79 -7.38 48.22
CA ILE A 105 -36.82 -8.15 47.54
C ILE A 105 -37.10 -9.44 48.30
N VAL A 106 -36.03 -10.10 48.77
CA VAL A 106 -36.18 -11.41 49.41
C VAL A 106 -36.83 -11.26 50.79
N LYS A 107 -36.56 -10.14 51.48
CA LYS A 107 -37.27 -9.87 52.72
C LYS A 107 -38.74 -9.55 52.48
N ALA A 108 -39.08 -9.11 51.27
CA ALA A 108 -40.48 -8.85 50.96
C ALA A 108 -41.21 -10.12 50.60
N MET A 109 -40.50 -11.11 50.05
CA MET A 109 -41.16 -12.38 49.72
C MET A 109 -41.31 -13.25 50.96
N GLN A 110 -40.54 -12.97 52.01
CA GLN A 110 -40.64 -13.75 53.23
C GLN A 110 -41.63 -13.15 54.21
N GLY A 111 -41.73 -11.83 54.26
CA GLY A 111 -42.75 -11.20 55.07
C GLY A 111 -44.14 -11.34 54.47
N LEU A 112 -44.20 -11.61 53.16
CA LEU A 112 -45.47 -11.85 52.51
C LEU A 112 -46.06 -13.19 52.94
N LEU A 113 -45.19 -14.13 53.32
CA LEU A 113 -45.59 -15.50 53.60
C LEU A 113 -45.33 -15.90 55.05
N LYS A 114 -44.90 -14.97 55.89
CA LYS A 114 -44.73 -15.25 57.30
C LYS A 114 -46.09 -15.48 57.94
N ASP A 115 -46.15 -16.40 58.92
CA ASP A 115 -47.40 -16.77 59.55
C ASP A 115 -47.98 -15.61 60.34
N GLY A 116 -49.29 -15.46 60.27
CA GLY A 116 -49.97 -14.32 60.84
C GLY A 116 -50.31 -13.23 59.86
N ASN A 117 -49.83 -13.33 58.62
CA ASN A 117 -50.13 -12.37 57.58
C ASN A 117 -51.43 -12.78 56.88
N PRO A 118 -52.14 -11.82 56.26
CA PRO A 118 -53.46 -12.17 55.68
C PRO A 118 -53.41 -13.07 54.46
N ILE A 119 -52.37 -12.96 53.63
CA ILE A 119 -52.29 -13.79 52.43
C ILE A 119 -52.03 -15.26 52.73
N PRO A 120 -51.09 -15.65 53.63
CA PRO A 120 -51.03 -17.08 53.97
C PRO A 120 -52.17 -17.55 54.86
N SER A 121 -52.92 -16.63 55.47
CA SER A 121 -54.10 -17.05 56.23
C SER A 121 -55.27 -17.35 55.30
N ALA A 122 -55.25 -16.80 54.09
CA ALA A 122 -56.36 -17.00 53.16
C ALA A 122 -56.19 -18.32 52.41
N ILE A 123 -54.95 -18.73 52.18
CA ILE A 123 -54.72 -20.01 51.50
C ILE A 123 -54.99 -21.17 52.46
N ALA A 124 -54.61 -21.00 53.72
CA ALA A 124 -54.77 -22.07 54.70
C ALA A 124 -56.18 -22.18 55.27
N ALA A 125 -57.13 -21.41 54.75
CA ALA A 125 -58.52 -21.53 55.17
C ALA A 125 -59.49 -21.56 53.99
N ASN A 126 -58.97 -21.61 52.76
CA ASN A 126 -59.74 -21.60 51.51
C ASN A 126 -60.67 -20.40 51.42
N SER A 127 -60.21 -19.26 51.93
CA SER A 127 -60.97 -18.02 51.92
C SER A 127 -60.28 -17.01 51.03
N GLY A 128 -61.02 -15.95 50.70
CA GLY A 128 -60.46 -14.79 50.06
C GLY A 128 -60.20 -13.67 51.06
N ILE A 129 -59.76 -12.55 50.53
CA ILE A 129 -59.50 -11.37 51.35
C ILE A 129 -60.82 -10.63 51.54
N TYR A 130 -61.34 -10.68 52.76
CA TYR A 130 -62.61 -10.04 53.05
C TYR A 130 -62.49 -9.09 54.24
N ALA B 2 -10.90 -32.53 39.80
CA ALA B 2 -10.51 -31.16 39.47
C ALA B 2 -11.72 -30.23 39.49
N SER B 3 -11.50 -29.02 40.00
CA SER B 3 -12.56 -28.02 40.07
C SER B 3 -12.00 -26.65 39.75
N ASN B 4 -12.23 -26.19 38.51
CA ASN B 4 -11.66 -24.92 38.07
C ASN B 4 -12.60 -23.75 38.28
N PHE B 5 -13.88 -24.04 38.52
CA PHE B 5 -14.91 -23.01 38.59
C PHE B 5 -14.95 -22.45 40.02
N THR B 6 -13.94 -21.64 40.33
CA THR B 6 -13.79 -21.06 41.66
C THR B 6 -13.61 -19.56 41.54
N GLN B 7 -13.26 -18.95 42.67
CA GLN B 7 -13.10 -17.51 42.79
C GLN B 7 -11.68 -17.09 42.43
N PHE B 8 -11.55 -15.98 41.71
CA PHE B 8 -10.21 -15.47 41.43
C PHE B 8 -10.25 -13.95 41.36
N VAL B 9 -9.07 -13.36 41.11
CA VAL B 9 -8.90 -11.92 41.07
C VAL B 9 -8.70 -11.49 39.62
N LEU B 10 -9.61 -10.66 39.12
CA LEU B 10 -9.57 -10.26 37.71
C LEU B 10 -8.64 -9.09 37.47
N VAL B 11 -8.80 -8.00 38.22
CA VAL B 11 -7.93 -6.84 38.13
C VAL B 11 -7.07 -6.79 39.38
N ASP B 12 -5.75 -6.82 39.19
CA ASP B 12 -4.80 -6.91 40.29
C ASP B 12 -4.22 -5.52 40.55
N ASN B 13 -4.77 -4.83 41.56
CA ASN B 13 -4.32 -3.50 41.93
C ASN B 13 -3.27 -3.52 43.04
N GLY B 14 -2.58 -4.64 43.23
CA GLY B 14 -1.50 -4.71 44.19
C GLY B 14 -1.93 -4.71 45.63
N GLY B 15 -2.62 -5.76 46.05
CA GLY B 15 -3.04 -5.90 47.44
C GLY B 15 -4.35 -5.23 47.80
N THR B 16 -4.41 -3.90 47.71
CA THR B 16 -5.60 -3.14 48.01
C THR B 16 -6.29 -2.76 46.71
N GLY B 17 -7.60 -2.55 46.76
CA GLY B 17 -8.35 -2.14 45.60
C GLY B 17 -8.57 -3.20 44.54
N ASP B 18 -8.28 -4.46 44.84
CA ASP B 18 -8.53 -5.53 43.88
C ASP B 18 -10.03 -5.74 43.71
N VAL B 19 -10.41 -6.19 42.52
CA VAL B 19 -11.80 -6.51 42.22
C VAL B 19 -11.89 -8.02 42.09
N THR B 20 -12.23 -8.69 43.18
CA THR B 20 -12.29 -10.13 43.22
C THR B 20 -13.60 -10.61 42.61
N VAL B 21 -13.49 -11.31 41.49
CA VAL B 21 -14.64 -11.79 40.74
C VAL B 21 -15.06 -13.13 41.34
N ALA B 22 -16.35 -13.44 41.26
CA ALA B 22 -16.90 -14.58 41.96
C ALA B 22 -17.83 -15.38 41.06
N PRO B 23 -17.92 -16.70 41.24
CA PRO B 23 -18.83 -17.50 40.42
C PRO B 23 -20.29 -17.19 40.71
N SER B 24 -21.10 -17.18 39.66
CA SER B 24 -22.52 -16.90 39.85
C SER B 24 -23.49 -17.78 39.08
N ASN B 25 -23.11 -18.38 37.96
CA ASN B 25 -24.10 -19.04 37.12
C ASN B 25 -23.42 -20.09 36.25
N PHE B 26 -24.17 -21.15 35.95
CA PHE B 26 -23.65 -22.28 35.18
C PHE B 26 -24.68 -22.75 34.16
N ALA B 27 -25.59 -21.87 33.72
CA ALA B 27 -26.69 -22.28 32.87
C ALA B 27 -26.23 -22.55 31.44
N ASN B 28 -26.70 -23.67 30.88
CA ASN B 28 -26.40 -24.12 29.53
C ASN B 28 -24.91 -24.28 29.26
N GLY B 29 -24.15 -24.72 30.26
CA GLY B 29 -22.74 -24.97 30.08
C GLY B 29 -21.88 -23.75 29.92
N VAL B 30 -22.33 -22.58 30.37
CA VAL B 30 -21.55 -21.35 30.31
C VAL B 30 -21.16 -20.98 31.73
N ALA B 31 -19.89 -21.12 32.06
CA ALA B 31 -19.39 -20.77 33.37
C ALA B 31 -19.25 -19.25 33.48
N GLU B 32 -20.00 -18.65 34.40
CA GLU B 32 -20.10 -17.21 34.49
C GLU B 32 -19.59 -16.71 35.83
N TRP B 33 -18.64 -15.78 35.78
CA TRP B 33 -18.10 -15.13 36.97
C TRP B 33 -18.58 -13.68 37.00
N ILE B 34 -18.80 -13.15 38.20
CA ILE B 34 -19.26 -11.77 38.35
C ILE B 34 -18.79 -11.24 39.70
N SER B 35 -18.61 -9.92 39.79
CA SER B 35 -18.18 -9.32 41.04
C SER B 35 -19.39 -9.01 41.92
N SER B 36 -19.12 -8.42 43.08
CA SER B 36 -20.16 -8.13 44.06
C SER B 36 -20.69 -6.71 43.84
N ASN B 37 -21.40 -6.53 42.74
CA ASN B 37 -22.01 -5.25 42.40
C ASN B 37 -23.36 -5.53 41.75
N SER B 38 -24.00 -4.46 41.30
CA SER B 38 -25.20 -4.59 40.48
C SER B 38 -24.83 -5.09 39.10
N ARG B 39 -25.82 -5.61 38.38
CA ARG B 39 -25.56 -6.24 37.09
C ARG B 39 -25.14 -5.24 36.02
N SER B 40 -25.50 -3.96 36.19
CA SER B 40 -25.13 -2.94 35.22
C SER B 40 -23.73 -2.41 35.44
N GLN B 41 -23.13 -2.65 36.60
CA GLN B 41 -21.83 -2.07 36.94
C GLN B 41 -20.79 -3.10 37.35
N ALA B 42 -21.07 -4.39 37.24
CA ALA B 42 -20.10 -5.38 37.69
C ALA B 42 -19.27 -5.89 36.52
N TYR B 43 -18.12 -6.47 36.85
CA TYR B 43 -17.30 -7.16 35.87
C TYR B 43 -17.95 -8.51 35.60
N LYS B 44 -18.03 -8.91 34.35
CA LYS B 44 -18.63 -10.20 34.03
C LYS B 44 -17.71 -10.98 33.11
N VAL B 45 -17.40 -12.22 33.50
CA VAL B 45 -16.52 -13.09 32.74
C VAL B 45 -17.27 -14.38 32.45
N THR B 46 -17.30 -14.79 31.17
CA THR B 46 -17.90 -16.06 30.79
C THR B 46 -16.89 -16.91 30.04
N CYS B 47 -17.12 -18.21 30.02
CA CYS B 47 -16.22 -19.17 29.40
C CYS B 47 -16.99 -20.40 28.97
N SER B 48 -16.83 -20.79 27.72
CA SER B 48 -17.55 -21.94 27.19
C SER B 48 -16.66 -22.70 26.22
N VAL B 49 -16.90 -24.00 26.12
CA VAL B 49 -16.12 -24.89 25.28
C VAL B 49 -17.06 -25.62 24.34
N ARG B 50 -16.74 -25.63 23.06
CA ARG B 50 -17.50 -26.43 22.11
C ARG B 50 -16.56 -26.88 20.99
N GLN B 51 -17.00 -27.90 20.26
CA GLN B 51 -16.24 -28.38 19.13
C GLN B 51 -16.86 -27.85 17.84
N SER B 52 -16.16 -26.98 17.15
CA SER B 52 -16.75 -26.21 16.05
C SER B 52 -16.91 -27.05 14.80
N SER B 53 -15.93 -27.89 14.48
CA SER B 53 -16.00 -28.71 13.29
C SER B 53 -15.43 -30.08 13.63
N ALA B 54 -15.10 -30.86 12.59
CA ALA B 54 -14.50 -32.17 12.82
C ALA B 54 -13.03 -32.07 13.21
N GLN B 55 -12.44 -30.88 13.14
CA GLN B 55 -11.01 -30.72 13.37
C GLN B 55 -10.66 -29.78 14.53
N ASN B 56 -11.55 -28.85 14.90
CA ASN B 56 -11.15 -27.74 15.73
C ASN B 56 -12.05 -27.60 16.94
N ARG B 57 -11.56 -26.89 17.95
CA ARG B 57 -12.34 -26.51 19.12
C ARG B 57 -12.19 -25.01 19.37
N LYS B 58 -13.31 -24.36 19.66
CA LYS B 58 -13.33 -22.91 19.89
C LYS B 58 -13.64 -22.62 21.35
N TYR B 59 -12.82 -21.78 21.96
CA TYR B 59 -13.11 -21.26 23.30
C TYR B 59 -13.67 -19.85 23.16
N THR B 60 -14.77 -19.59 23.85
CA THR B 60 -15.41 -18.28 23.83
C THR B 60 -15.31 -17.65 25.21
N ILE B 61 -14.47 -16.62 25.33
CA ILE B 61 -14.28 -15.90 26.58
C ILE B 61 -14.72 -14.47 26.36
N LYS B 62 -15.52 -13.94 27.27
CA LYS B 62 -16.09 -12.60 27.15
C LYS B 62 -15.95 -11.88 28.48
N VAL B 63 -15.42 -10.65 28.44
CA VAL B 63 -15.21 -9.83 29.63
C VAL B 63 -15.88 -8.47 29.41
N GLU B 64 -16.67 -8.03 30.37
CA GLU B 64 -17.31 -6.73 30.32
C GLU B 64 -16.80 -5.86 31.46
N VAL B 65 -16.24 -4.70 31.11
CA VAL B 65 -15.65 -3.80 32.10
C VAL B 65 -16.35 -2.45 32.01
N PRO B 66 -16.97 -1.97 33.09
CA PRO B 66 -17.65 -0.68 33.04
C PRO B 66 -16.68 0.49 33.11
N LYS B 67 -17.22 1.67 32.81
CA LYS B 67 -16.47 2.91 32.92
C LYS B 67 -16.55 3.40 34.37
N VAL B 68 -15.40 3.78 34.93
CA VAL B 68 -15.27 3.95 36.37
C VAL B 68 -15.24 5.43 36.71
N ALA B 69 -14.80 6.25 35.75
CA ALA B 69 -14.66 7.69 35.99
C ALA B 69 -16.02 8.35 36.13
N THR B 70 -16.18 9.11 37.23
CA THR B 70 -17.44 9.70 37.69
C THR B 70 -18.57 8.69 37.75
N GLN B 71 -18.32 7.51 38.30
CA GLN B 71 -19.35 6.50 38.43
C GLN B 71 -20.29 6.87 39.56
N THR B 72 -21.57 6.60 39.35
CA THR B 72 -22.57 6.65 40.41
C THR B 72 -22.85 5.22 40.83
N VAL B 73 -22.35 4.85 42.01
CA VAL B 73 -22.34 3.44 42.41
C VAL B 73 -23.75 3.02 42.80
N GLY B 74 -24.32 2.10 42.03
CA GLY B 74 -25.66 1.62 42.28
C GLY B 74 -26.75 2.47 41.66
N GLY B 75 -26.43 3.64 41.12
CA GLY B 75 -27.43 4.47 40.49
C GLY B 75 -27.84 3.96 39.13
N VAL B 76 -28.90 4.55 38.60
CA VAL B 76 -29.42 4.18 37.29
C VAL B 76 -28.72 5.05 36.26
N GLU B 77 -28.08 4.43 35.28
CA GLU B 77 -27.18 5.10 34.36
C GLU B 77 -27.56 4.76 32.92
N LEU B 78 -27.97 5.76 32.16
CA LEU B 78 -28.35 5.59 30.77
C LEU B 78 -27.45 6.44 29.88
N PRO B 79 -27.13 5.97 28.66
CA PRO B 79 -27.48 4.69 28.05
C PRO B 79 -26.55 3.57 28.50
N VAL B 80 -26.94 2.32 28.29
CA VAL B 80 -26.17 1.20 28.82
C VAL B 80 -24.89 1.01 28.03
N ALA B 81 -24.97 1.17 26.70
CA ALA B 81 -23.83 0.89 25.85
C ALA B 81 -22.73 1.94 25.91
N ALA B 82 -22.98 3.08 26.53
CA ALA B 82 -21.96 4.11 26.66
C ALA B 82 -21.27 4.11 28.01
N TRP B 83 -21.54 3.12 28.86
CA TRP B 83 -20.87 3.00 30.14
C TRP B 83 -20.04 1.73 30.27
N ARG B 84 -20.12 0.81 29.32
CA ARG B 84 -19.51 -0.50 29.47
C ARG B 84 -18.66 -0.85 28.26
N SER B 85 -17.55 -1.54 28.52
CA SER B 85 -16.70 -2.10 27.48
C SER B 85 -17.05 -3.56 27.27
N TYR B 86 -16.51 -4.15 26.22
CA TYR B 86 -16.80 -5.54 25.88
C TYR B 86 -15.54 -6.20 25.35
N LEU B 87 -15.32 -7.45 25.73
CA LEU B 87 -14.25 -8.27 25.19
C LEU B 87 -14.86 -9.50 24.53
N ASN B 88 -14.27 -9.95 23.44
CA ASN B 88 -14.76 -11.11 22.71
C ASN B 88 -13.55 -11.86 22.17
N MET B 89 -13.36 -13.10 22.62
CA MET B 89 -12.22 -13.92 22.24
C MET B 89 -12.70 -15.25 21.69
N GLU B 90 -12.11 -15.67 20.58
CA GLU B 90 -12.38 -16.97 19.97
C GLU B 90 -11.05 -17.66 19.74
N LEU B 91 -10.83 -18.76 20.45
CA LEU B 91 -9.56 -19.47 20.42
C LEU B 91 -9.76 -20.80 19.72
N THR B 92 -9.49 -20.83 18.42
CA THR B 92 -9.67 -22.02 17.61
C THR B 92 -8.43 -22.88 17.72
N ILE B 93 -8.51 -23.94 18.52
CA ILE B 93 -7.40 -24.87 18.74
C ILE B 93 -7.79 -26.19 18.10
N PRO B 94 -6.95 -26.76 17.23
CA PRO B 94 -7.28 -28.06 16.64
C PRO B 94 -7.17 -29.18 17.67
N ILE B 95 -7.74 -30.33 17.31
CA ILE B 95 -7.76 -31.48 18.21
C ILE B 95 -6.43 -32.20 18.28
N PHE B 96 -5.50 -31.89 17.39
CA PHE B 96 -4.19 -32.54 17.40
C PHE B 96 -3.26 -31.96 18.46
N ALA B 97 -3.63 -30.88 19.10
CA ALA B 97 -2.73 -30.22 20.04
C ALA B 97 -2.76 -30.90 21.40
N THR B 98 -1.58 -31.24 21.92
CA THR B 98 -1.48 -31.87 23.22
C THR B 98 -1.48 -30.81 24.32
N ASN B 99 -1.14 -31.22 25.54
CA ASN B 99 -1.15 -30.29 26.66
C ASN B 99 -0.02 -29.28 26.56
N SER B 100 1.15 -29.71 26.10
CA SER B 100 2.30 -28.81 26.03
C SER B 100 2.13 -27.79 24.91
N ASP B 101 1.37 -28.13 23.88
CA ASP B 101 1.08 -27.17 22.83
C ASP B 101 0.01 -26.19 23.27
N CYS B 102 -0.89 -26.64 24.16
CA CYS B 102 -1.88 -25.73 24.73
C CYS B 102 -1.27 -24.85 25.81
N GLU B 103 -0.07 -25.19 26.28
CA GLU B 103 0.66 -24.27 27.15
C GLU B 103 1.32 -23.17 26.33
N LEU B 104 1.70 -23.47 25.09
CA LEU B 104 2.38 -22.49 24.25
C LEU B 104 1.40 -21.45 23.74
N ILE B 105 0.12 -21.80 23.59
CA ILE B 105 -0.87 -20.85 23.12
C ILE B 105 -1.21 -19.85 24.21
N VAL B 106 -1.25 -20.31 25.46
CA VAL B 106 -1.55 -19.43 26.58
C VAL B 106 -0.37 -18.50 26.84
N LYS B 107 0.86 -18.98 26.62
CA LYS B 107 2.03 -18.11 26.73
C LYS B 107 2.06 -17.07 25.61
N ALA B 108 1.43 -17.37 24.48
CA ALA B 108 1.33 -16.38 23.42
C ALA B 108 0.32 -15.29 23.78
N MET B 109 -0.80 -15.67 24.38
CA MET B 109 -1.81 -14.68 24.76
C MET B 109 -1.36 -13.86 25.96
N GLN B 110 -0.55 -14.44 26.84
CA GLN B 110 0.06 -13.66 27.91
C GLN B 110 1.14 -12.73 27.38
N GLY B 111 1.91 -13.17 26.39
CA GLY B 111 2.94 -12.31 25.83
C GLY B 111 2.38 -11.22 24.92
N LEU B 112 1.16 -11.43 24.43
CA LEU B 112 0.52 -10.39 23.63
C LEU B 112 0.07 -9.23 24.51
N LEU B 113 -0.29 -9.51 25.75
CA LEU B 113 -0.84 -8.51 26.65
C LEU B 113 0.10 -8.15 27.79
N LYS B 114 1.37 -8.53 27.71
CA LYS B 114 2.35 -8.10 28.70
C LYS B 114 2.63 -6.61 28.51
N ASP B 115 2.83 -5.91 29.64
CA ASP B 115 3.03 -4.47 29.62
C ASP B 115 4.30 -4.08 28.90
N GLY B 116 4.20 -3.01 28.10
CA GLY B 116 5.29 -2.53 27.30
C GLY B 116 5.23 -2.96 25.85
N ASN B 117 4.46 -4.00 25.56
CA ASN B 117 4.28 -4.44 24.18
C ASN B 117 3.43 -3.44 23.42
N PRO B 118 3.59 -3.32 22.09
CA PRO B 118 2.88 -2.28 21.36
C PRO B 118 1.38 -2.46 21.24
N ILE B 119 0.85 -3.68 21.44
CA ILE B 119 -0.59 -3.87 21.41
C ILE B 119 -1.30 -3.39 22.68
N PRO B 120 -0.88 -3.77 23.91
CA PRO B 120 -1.61 -3.21 25.06
C PRO B 120 -1.19 -1.79 25.41
N SER B 121 -0.09 -1.29 24.86
CA SER B 121 0.24 0.11 25.08
C SER B 121 -0.57 1.04 24.18
N ALA B 122 -1.19 0.51 23.14
CA ALA B 122 -2.09 1.31 22.31
C ALA B 122 -3.49 1.37 22.89
N ILE B 123 -3.87 0.34 23.65
CA ILE B 123 -5.21 0.29 24.22
C ILE B 123 -5.31 1.26 25.39
N ALA B 124 -4.31 1.27 26.26
CA ALA B 124 -4.34 2.14 27.43
C ALA B 124 -4.05 3.60 27.10
N ALA B 125 -3.63 3.89 25.87
CA ALA B 125 -3.32 5.25 25.46
C ALA B 125 -4.28 5.77 24.39
N ASN B 126 -5.37 5.04 24.13
CA ASN B 126 -6.41 5.41 23.15
C ASN B 126 -5.85 5.59 21.75
N SER B 127 -4.82 4.81 21.41
CA SER B 127 -4.10 4.98 20.15
C SER B 127 -4.18 3.70 19.34
N GLY B 128 -3.69 3.79 18.11
CA GLY B 128 -3.54 2.64 17.24
C GLY B 128 -2.08 2.31 17.00
N ILE B 129 -1.80 1.74 15.85
CA ILE B 129 -0.43 1.44 15.46
C ILE B 129 0.02 2.46 14.43
N TYR B 130 0.88 3.36 14.84
CA TYR B 130 1.30 4.48 14.01
C TYR B 130 2.78 4.38 13.63
N ALA C 2 -23.69 -29.05 45.88
CA ALA C 2 -23.18 -30.33 45.42
C ALA C 2 -23.56 -30.56 43.96
N SER C 3 -22.78 -31.40 43.28
CA SER C 3 -23.00 -31.69 41.87
C SER C 3 -22.36 -33.02 41.55
N ASN C 4 -22.93 -33.75 40.61
CA ASN C 4 -22.35 -34.98 40.11
C ASN C 4 -21.76 -34.83 38.71
N PHE C 5 -21.62 -33.60 38.21
CA PHE C 5 -20.97 -33.32 36.94
C PHE C 5 -19.51 -33.00 37.25
N THR C 6 -18.80 -34.02 37.71
CA THR C 6 -17.49 -33.85 38.32
C THR C 6 -16.47 -34.73 37.61
N GLN C 7 -15.24 -34.68 38.10
CA GLN C 7 -14.16 -35.48 37.57
C GLN C 7 -14.11 -36.84 38.23
N PHE C 8 -14.27 -37.88 37.43
CA PHE C 8 -14.28 -39.23 37.98
C PHE C 8 -13.31 -40.09 37.16
N VAL C 9 -12.99 -41.26 37.72
CA VAL C 9 -12.03 -42.17 37.10
C VAL C 9 -12.81 -43.18 36.28
N LEU C 10 -12.46 -43.30 35.00
CA LEU C 10 -13.16 -44.23 34.13
C LEU C 10 -12.50 -45.61 34.12
N VAL C 11 -11.17 -45.65 34.16
CA VAL C 11 -10.43 -46.91 34.11
C VAL C 11 -9.60 -47.01 35.38
N ASP C 12 -9.90 -48.00 36.22
CA ASP C 12 -9.11 -48.29 37.41
C ASP C 12 -7.99 -49.25 37.02
N ASN C 13 -6.89 -48.71 36.49
CA ASN C 13 -5.78 -49.52 36.01
C ASN C 13 -4.65 -49.40 37.03
N GLY C 14 -4.71 -50.23 38.07
CA GLY C 14 -3.77 -50.16 39.16
C GLY C 14 -3.87 -48.84 39.91
N GLY C 15 -2.79 -48.08 39.90
CA GLY C 15 -2.81 -46.74 40.45
C GLY C 15 -2.05 -45.78 39.57
N THR C 16 -1.44 -46.31 38.50
CA THR C 16 -0.56 -45.52 37.65
C THR C 16 -1.19 -45.25 36.29
N GLY C 17 -1.73 -46.29 35.66
CA GLY C 17 -2.25 -46.16 34.32
C GLY C 17 -3.72 -45.80 34.25
N ASP C 18 -4.23 -45.11 35.27
CA ASP C 18 -5.62 -44.68 35.26
C ASP C 18 -5.84 -43.60 34.23
N VAL C 19 -7.02 -43.62 33.60
CA VAL C 19 -7.43 -42.56 32.70
C VAL C 19 -8.59 -41.83 33.36
N THR C 20 -8.28 -40.77 34.10
CA THR C 20 -9.27 -40.01 34.82
C THR C 20 -9.90 -38.98 33.89
N VAL C 21 -11.20 -39.10 33.68
CA VAL C 21 -11.93 -38.31 32.70
C VAL C 21 -12.53 -37.10 33.41
N ALA C 22 -12.72 -36.01 32.68
CA ALA C 22 -13.10 -34.74 33.27
C ALA C 22 -14.20 -34.06 32.45
N PRO C 23 -15.09 -33.29 33.09
CA PRO C 23 -16.19 -32.64 32.37
C PRO C 23 -15.73 -31.61 31.34
N SER C 24 -16.44 -31.56 30.22
CA SER C 24 -16.09 -30.65 29.13
C SER C 24 -17.21 -29.73 28.70
N ASN C 25 -18.44 -30.23 28.60
CA ASN C 25 -19.51 -29.46 27.99
C ASN C 25 -20.84 -30.01 28.47
N PHE C 26 -21.86 -29.14 28.50
CA PHE C 26 -23.19 -29.53 28.94
C PHE C 26 -24.22 -28.88 28.01
N ALA C 27 -23.92 -28.89 26.72
CA ALA C 27 -24.79 -28.24 25.75
C ALA C 27 -25.92 -29.18 25.33
N ASN C 28 -27.14 -28.63 25.27
CA ASN C 28 -28.38 -29.34 24.91
C ASN C 28 -28.65 -30.52 25.85
N GLY C 29 -28.27 -30.37 27.11
CA GLY C 29 -28.54 -31.40 28.09
C GLY C 29 -27.76 -32.68 27.94
N VAL C 30 -26.57 -32.61 27.34
CA VAL C 30 -25.71 -33.77 27.16
C VAL C 30 -24.46 -33.56 27.99
N ALA C 31 -24.35 -34.29 29.08
CA ALA C 31 -23.18 -34.18 29.95
C ALA C 31 -22.02 -34.97 29.39
N GLU C 32 -21.00 -34.26 28.93
CA GLU C 32 -19.94 -34.84 28.12
C GLU C 32 -18.59 -34.73 28.82
N TRP C 33 -18.00 -35.88 29.12
CA TRP C 33 -16.69 -35.95 29.77
C TRP C 33 -15.62 -36.32 28.74
N ILE C 34 -14.49 -35.62 28.80
CA ILE C 34 -13.36 -35.84 27.90
C ILE C 34 -12.09 -35.93 28.74
N SER C 35 -11.25 -36.93 28.47
CA SER C 35 -10.00 -37.08 29.20
C SER C 35 -9.00 -35.98 28.81
N SER C 36 -7.90 -35.92 29.56
CA SER C 36 -7.02 -34.77 29.49
C SER C 36 -5.72 -35.12 28.76
N ASN C 37 -5.80 -35.07 27.43
CA ASN C 37 -4.71 -35.26 26.46
C ASN C 37 -5.18 -34.67 25.15
N SER C 38 -4.52 -35.04 24.05
CA SER C 38 -4.97 -34.66 22.72
C SER C 38 -6.41 -35.12 22.48
N ARG C 39 -7.18 -34.28 21.80
CA ARG C 39 -8.60 -34.54 21.60
C ARG C 39 -8.84 -35.72 20.67
N SER C 40 -7.91 -35.96 19.73
CA SER C 40 -8.05 -37.12 18.85
C SER C 40 -7.69 -38.41 19.57
N GLN C 41 -6.98 -38.33 20.70
CA GLN C 41 -6.64 -39.49 21.50
C GLN C 41 -7.25 -39.44 22.89
N ALA C 42 -8.49 -38.99 23.01
CA ALA C 42 -9.15 -38.87 24.29
C ALA C 42 -10.36 -39.79 24.36
N TYR C 43 -10.81 -40.07 25.58
CA TYR C 43 -12.00 -40.89 25.75
C TYR C 43 -13.23 -39.99 25.69
N LYS C 44 -14.40 -40.58 25.86
CA LYS C 44 -15.64 -39.81 25.83
C LYS C 44 -16.73 -40.56 26.57
N VAL C 45 -17.46 -39.84 27.42
CA VAL C 45 -18.60 -40.39 28.16
C VAL C 45 -19.72 -39.37 28.11
N THR C 46 -20.89 -39.77 27.60
CA THR C 46 -22.03 -38.88 27.54
C THR C 46 -23.20 -39.44 28.33
N CYS C 47 -24.14 -38.55 28.67
CA CYS C 47 -25.31 -38.93 29.44
C CYS C 47 -26.39 -37.88 29.22
N SER C 48 -27.61 -38.33 28.94
CA SER C 48 -28.73 -37.42 28.77
C SER C 48 -30.02 -38.13 29.20
N VAL C 49 -30.87 -37.38 29.88
CA VAL C 49 -32.13 -37.88 30.42
C VAL C 49 -33.25 -37.11 29.76
N ARG C 50 -34.24 -37.82 29.24
CA ARG C 50 -35.35 -37.16 28.57
C ARG C 50 -36.63 -37.94 28.85
N GLN C 51 -37.72 -37.21 29.00
CA GLN C 51 -39.04 -37.79 29.19
C GLN C 51 -39.49 -38.35 27.85
N SER C 52 -39.36 -39.66 27.67
CA SER C 52 -39.56 -40.26 26.36
C SER C 52 -41.04 -40.38 26.02
N SER C 53 -41.85 -40.83 26.97
CA SER C 53 -43.28 -41.00 26.74
C SER C 53 -44.01 -40.52 27.98
N ALA C 54 -45.28 -40.90 28.08
CA ALA C 54 -46.12 -40.41 29.17
C ALA C 54 -45.71 -41.00 30.51
N GLN C 55 -45.11 -42.19 30.52
CA GLN C 55 -44.75 -42.86 31.76
C GLN C 55 -43.34 -43.42 31.76
N ASN C 56 -42.42 -42.87 30.97
CA ASN C 56 -41.08 -43.43 30.87
C ASN C 56 -40.03 -42.34 30.84
N ARG C 57 -38.93 -42.56 31.55
CA ARG C 57 -37.71 -41.79 31.36
C ARG C 57 -36.69 -42.68 30.67
N LYS C 58 -35.82 -42.07 29.87
CA LYS C 58 -34.89 -42.84 29.06
C LYS C 58 -33.51 -42.22 29.13
N TYR C 59 -32.53 -42.99 29.61
CA TYR C 59 -31.15 -42.53 29.62
C TYR C 59 -30.49 -42.91 28.31
N THR C 60 -29.41 -42.23 27.96
CA THR C 60 -28.63 -42.55 26.78
C THR C 60 -27.16 -42.32 27.07
N ILE C 61 -26.42 -43.41 27.23
CA ILE C 61 -25.00 -43.37 27.57
C ILE C 61 -24.21 -43.78 26.32
N LYS C 62 -23.14 -43.04 26.04
CA LYS C 62 -22.24 -43.40 24.95
C LYS C 62 -20.81 -43.29 25.44
N VAL C 63 -19.99 -44.30 25.11
CA VAL C 63 -18.61 -44.37 25.53
C VAL C 63 -17.73 -44.67 24.32
N GLU C 64 -16.71 -43.84 24.11
CA GLU C 64 -15.73 -44.07 23.05
C GLU C 64 -14.38 -44.38 23.70
N VAL C 65 -13.75 -45.47 23.27
CA VAL C 65 -12.42 -45.84 23.74
C VAL C 65 -11.51 -45.99 22.53
N PRO C 66 -10.61 -45.06 22.28
CA PRO C 66 -9.72 -45.18 21.11
C PRO C 66 -8.41 -45.87 21.41
N LYS C 67 -7.74 -46.29 20.34
CA LYS C 67 -6.43 -46.92 20.39
C LYS C 67 -5.39 -45.88 19.98
N VAL C 68 -4.38 -45.70 20.83
CA VAL C 68 -3.45 -44.60 20.67
C VAL C 68 -2.34 -44.95 19.71
N ALA C 69 -2.25 -44.21 18.59
CA ALA C 69 -1.25 -44.46 17.56
C ALA C 69 -0.75 -43.12 17.05
N THR C 70 -0.04 -43.17 15.92
CA THR C 70 0.61 -42.00 15.34
C THR C 70 0.51 -42.04 13.82
N GLN C 71 -0.20 -41.08 13.24
CA GLN C 71 -0.32 -40.96 11.79
C GLN C 71 0.89 -40.24 11.24
N THR C 72 1.51 -40.81 10.22
CA THR C 72 2.64 -40.18 9.53
C THR C 72 2.32 -40.10 8.06
N VAL C 73 1.90 -38.91 7.60
CA VAL C 73 1.57 -38.66 6.21
C VAL C 73 2.42 -37.50 5.72
N GLY C 74 3.25 -37.76 4.72
CA GLY C 74 4.13 -36.73 4.22
C GLY C 74 5.27 -36.39 5.16
N GLY C 75 5.68 -37.34 5.99
CA GLY C 75 6.75 -37.13 6.95
C GLY C 75 6.35 -36.46 8.24
N VAL C 76 5.24 -35.71 8.26
CA VAL C 76 4.79 -35.00 9.45
C VAL C 76 3.96 -35.94 10.29
N GLU C 77 4.42 -36.22 11.51
CA GLU C 77 3.74 -37.15 12.38
C GLU C 77 2.78 -36.40 13.30
N LEU C 78 1.63 -37.03 13.58
CA LEU C 78 0.53 -36.44 14.33
C LEU C 78 -0.10 -37.46 15.27
N PRO C 79 -0.52 -37.06 16.47
CA PRO C 79 -1.18 -38.01 17.38
C PRO C 79 -2.65 -38.20 17.03
N VAL C 80 -2.98 -39.39 16.53
CA VAL C 80 -4.35 -39.74 16.15
C VAL C 80 -4.73 -41.05 16.82
N ALA C 81 -5.98 -41.46 16.57
CA ALA C 81 -6.49 -42.74 17.00
C ALA C 81 -6.64 -43.67 15.80
N ALA C 82 -6.16 -44.90 15.93
CA ALA C 82 -6.23 -45.84 14.82
C ALA C 82 -7.65 -46.33 14.61
N TRP C 83 -8.35 -46.67 15.70
CA TRP C 83 -9.73 -47.12 15.65
C TRP C 83 -10.35 -46.83 17.01
N ARG C 84 -11.66 -46.99 17.09
CA ARG C 84 -12.40 -46.68 18.30
C ARG C 84 -13.43 -47.77 18.59
N SER C 85 -13.68 -47.99 19.88
CA SER C 85 -14.75 -48.85 20.32
C SER C 85 -15.92 -48.01 20.80
N TYR C 86 -17.12 -48.39 20.40
CA TYR C 86 -18.32 -47.61 20.65
C TYR C 86 -19.28 -48.39 21.51
N LEU C 87 -19.42 -47.98 22.77
CA LEU C 87 -20.47 -48.48 23.64
C LEU C 87 -21.65 -47.53 23.53
N ASN C 88 -22.84 -48.08 23.33
CA ASN C 88 -24.05 -47.28 23.15
C ASN C 88 -25.19 -47.99 23.87
N MET C 89 -25.53 -47.52 25.06
CA MET C 89 -26.51 -48.20 25.89
C MET C 89 -27.61 -47.24 26.31
N GLU C 90 -28.85 -47.71 26.20
CA GLU C 90 -30.04 -46.92 26.52
C GLU C 90 -30.85 -47.66 27.56
N LEU C 91 -31.20 -46.97 28.65
CA LEU C 91 -31.93 -47.54 29.76
C LEU C 91 -33.28 -46.85 29.86
N THR C 92 -34.35 -47.64 29.91
CA THR C 92 -35.69 -47.11 30.09
C THR C 92 -36.16 -47.45 31.50
N ILE C 93 -36.53 -46.43 32.27
CA ILE C 93 -37.06 -46.61 33.61
C ILE C 93 -38.45 -45.97 33.64
N PRO C 94 -39.49 -46.70 34.04
CA PRO C 94 -40.80 -46.07 34.21
C PRO C 94 -40.81 -45.15 35.40
N ILE C 95 -41.75 -44.19 35.38
CA ILE C 95 -41.84 -43.19 36.43
C ILE C 95 -42.40 -43.72 37.74
N PHE C 96 -42.90 -44.95 37.75
CA PHE C 96 -43.44 -45.55 38.96
C PHE C 96 -42.36 -46.17 39.84
N ALA C 97 -41.11 -46.13 39.41
CA ALA C 97 -40.04 -46.78 40.16
C ALA C 97 -39.54 -45.89 41.28
N THR C 98 -39.53 -46.42 42.49
CA THR C 98 -39.03 -45.68 43.63
C THR C 98 -37.50 -45.73 43.65
N ASN C 99 -36.90 -45.08 44.66
CA ASN C 99 -35.45 -45.07 44.78
C ASN C 99 -34.89 -46.44 45.16
N SER C 100 -35.71 -47.27 45.80
CA SER C 100 -35.28 -48.64 46.06
C SER C 100 -35.33 -49.47 44.79
N ASP C 101 -36.22 -49.12 43.87
CA ASP C 101 -36.29 -49.84 42.60
C ASP C 101 -35.14 -49.44 41.68
N CYS C 102 -34.69 -48.19 41.77
CA CYS C 102 -33.60 -47.74 40.92
C CYS C 102 -32.27 -48.31 41.37
N GLU C 103 -32.14 -48.64 42.65
CA GLU C 103 -30.92 -49.27 43.12
C GLU C 103 -30.83 -50.71 42.63
N LEU C 104 -31.98 -51.34 42.38
CA LEU C 104 -31.97 -52.73 41.95
C LEU C 104 -31.74 -52.84 40.46
N ILE C 105 -31.97 -51.75 39.73
CA ILE C 105 -31.59 -51.72 38.32
C ILE C 105 -30.10 -51.54 38.17
N VAL C 106 -29.49 -50.72 39.03
CA VAL C 106 -28.06 -50.49 38.98
C VAL C 106 -27.30 -51.74 39.44
N LYS C 107 -27.89 -52.49 40.37
CA LYS C 107 -27.30 -53.77 40.74
C LYS C 107 -27.40 -54.80 39.63
N ALA C 108 -28.34 -54.62 38.69
CA ALA C 108 -28.39 -55.51 37.54
C ALA C 108 -27.27 -55.20 36.56
N MET C 109 -26.91 -53.93 36.42
CA MET C 109 -25.83 -53.56 35.52
C MET C 109 -24.47 -53.94 36.09
N GLN C 110 -24.27 -53.71 37.39
CA GLN C 110 -22.98 -53.98 37.99
C GLN C 110 -22.71 -55.47 38.14
N GLY C 111 -23.75 -56.29 38.22
CA GLY C 111 -23.55 -57.73 38.21
C GLY C 111 -23.43 -58.27 36.80
N LEU C 112 -23.85 -57.49 35.82
CA LEU C 112 -23.77 -57.94 34.43
C LEU C 112 -22.35 -57.86 33.91
N LEU C 113 -21.58 -56.90 34.42
CA LEU C 113 -20.23 -56.63 33.95
C LEU C 113 -19.15 -56.99 34.95
N LYS C 114 -19.51 -57.67 36.05
CA LYS C 114 -18.51 -58.11 37.00
C LYS C 114 -17.70 -59.27 36.42
N ASP C 115 -16.39 -59.22 36.62
CA ASP C 115 -15.47 -60.22 36.07
C ASP C 115 -15.74 -61.59 36.66
N GLY C 116 -15.80 -62.59 35.79
CA GLY C 116 -16.24 -63.93 36.14
C GLY C 116 -17.56 -64.30 35.48
N ASN C 117 -18.43 -63.33 35.25
CA ASN C 117 -19.67 -63.56 34.54
C ASN C 117 -19.37 -63.81 33.05
N PRO C 118 -20.26 -64.52 32.34
CA PRO C 118 -19.91 -64.92 30.96
C PRO C 118 -19.86 -63.77 29.96
N ILE C 119 -20.64 -62.71 30.16
CA ILE C 119 -20.66 -61.62 29.18
C ILE C 119 -19.39 -60.78 29.19
N PRO C 120 -18.82 -60.35 30.34
CA PRO C 120 -17.54 -59.64 30.24
C PRO C 120 -16.36 -60.55 29.95
N SER C 121 -16.50 -61.86 30.19
CA SER C 121 -15.43 -62.78 29.81
C SER C 121 -15.45 -63.12 28.33
N ALA C 122 -16.48 -62.69 27.61
CA ALA C 122 -16.49 -62.89 26.16
C ALA C 122 -15.90 -61.69 25.44
N ILE C 123 -16.06 -60.50 26.02
CA ILE C 123 -15.50 -59.30 25.40
C ILE C 123 -14.00 -59.26 25.63
N ALA C 124 -13.54 -59.77 26.78
CA ALA C 124 -12.12 -59.79 27.08
C ALA C 124 -11.39 -60.98 26.47
N ALA C 125 -12.00 -61.66 25.50
CA ALA C 125 -11.35 -62.76 24.81
C ALA C 125 -11.69 -62.76 23.31
N ASN C 126 -12.44 -61.74 22.87
CA ASN C 126 -13.04 -61.66 21.53
C ASN C 126 -13.85 -62.91 21.19
N SER C 127 -14.81 -63.21 22.04
CA SER C 127 -15.59 -64.43 21.91
C SER C 127 -17.07 -64.12 21.95
N GLY C 128 -17.88 -65.09 21.57
CA GLY C 128 -19.31 -65.04 21.75
C GLY C 128 -19.75 -65.96 22.88
N ILE C 129 -21.05 -66.13 23.00
CA ILE C 129 -21.59 -67.03 24.01
C ILE C 129 -21.43 -68.45 23.52
N TYR C 130 -20.48 -69.17 24.11
CA TYR C 130 -20.16 -70.52 23.65
C TYR C 130 -20.41 -71.55 24.74
N ALA D 2 9.03 8.92 15.98
CA ALA D 2 8.55 8.04 17.04
C ALA D 2 7.51 7.07 16.51
N SER D 3 7.55 5.83 16.99
CA SER D 3 6.63 4.82 16.52
C SER D 3 6.42 3.73 17.56
N ASN D 4 5.19 3.25 17.71
CA ASN D 4 4.88 2.09 18.52
C ASN D 4 4.71 0.83 17.70
N PHE D 5 5.04 0.88 16.41
CA PHE D 5 4.96 -0.27 15.52
C PHE D 5 6.35 -0.89 15.45
N THR D 6 6.76 -1.46 16.58
CA THR D 6 8.13 -1.91 16.78
C THR D 6 8.18 -3.41 16.95
N GLN D 7 9.38 -3.91 17.20
CA GLN D 7 9.59 -5.33 17.41
C GLN D 7 9.40 -5.68 18.88
N PHE D 8 8.62 -6.73 19.15
CA PHE D 8 8.44 -7.17 20.53
C PHE D 8 8.56 -8.69 20.57
N VAL D 9 8.53 -9.21 21.79
CA VAL D 9 8.68 -10.65 22.03
C VAL D 9 7.31 -11.24 22.39
N LEU D 10 6.97 -12.33 21.73
CA LEU D 10 5.66 -12.95 21.85
C LEU D 10 5.61 -14.07 22.87
N VAL D 11 6.53 -15.02 22.80
CA VAL D 11 6.60 -16.12 23.76
C VAL D 11 7.88 -15.93 24.56
N ASP D 12 7.74 -15.72 25.86
CA ASP D 12 8.88 -15.40 26.71
C ASP D 12 9.32 -16.67 27.43
N ASN D 13 10.24 -17.40 26.83
CA ASN D 13 10.80 -18.61 27.45
C ASN D 13 12.08 -18.31 28.22
N GLY D 14 12.03 -17.32 29.12
CA GLY D 14 13.07 -17.07 30.09
C GLY D 14 14.47 -16.74 29.60
N GLY D 15 14.58 -16.09 28.44
CA GLY D 15 15.87 -15.68 27.94
C GLY D 15 16.43 -16.58 26.84
N THR D 16 16.10 -17.86 26.88
CA THR D 16 16.61 -18.82 25.90
C THR D 16 15.44 -19.31 25.06
N GLY D 17 15.55 -19.17 23.74
CA GLY D 17 14.52 -19.64 22.85
C GLY D 17 13.30 -18.74 22.76
N ASP D 18 13.48 -17.43 22.96
CA ASP D 18 12.35 -16.52 22.95
C ASP D 18 11.91 -16.27 21.51
N VAL D 19 10.60 -16.33 21.29
CA VAL D 19 10.02 -16.10 19.98
C VAL D 19 9.76 -14.61 19.81
N THR D 20 10.60 -13.94 19.04
CA THR D 20 10.41 -12.54 18.72
C THR D 20 9.57 -12.43 17.47
N VAL D 21 8.91 -11.30 17.31
CA VAL D 21 8.00 -11.08 16.19
C VAL D 21 8.25 -9.67 15.64
N ALA D 22 8.23 -9.54 14.32
CA ALA D 22 8.82 -8.37 13.70
C ALA D 22 7.83 -7.64 12.80
N PRO D 23 7.92 -6.31 12.71
CA PRO D 23 7.03 -5.55 11.84
C PRO D 23 7.28 -5.79 10.36
N SER D 24 6.25 -6.17 9.60
CA SER D 24 6.44 -6.42 8.19
C SER D 24 5.60 -5.52 7.28
N ASN D 25 4.29 -5.49 7.48
CA ASN D 25 3.40 -4.96 6.46
C ASN D 25 2.34 -4.09 7.10
N PHE D 26 1.86 -3.10 6.34
CA PHE D 26 0.89 -2.15 6.88
C PHE D 26 -0.23 -1.84 5.89
N ALA D 27 -0.76 -2.83 5.18
CA ALA D 27 -1.77 -2.54 4.17
C ALA D 27 -3.13 -2.28 4.81
N ASN D 28 -3.88 -1.37 4.19
CA ASN D 28 -5.29 -1.05 4.48
C ASN D 28 -5.55 -0.59 5.91
N GLY D 29 -4.57 0.00 6.58
CA GLY D 29 -4.76 0.42 7.96
C GLY D 29 -4.71 -0.70 8.97
N VAL D 30 -4.35 -1.91 8.56
CA VAL D 30 -4.24 -3.06 9.45
C VAL D 30 -2.78 -3.39 9.65
N ALA D 31 -2.26 -3.12 10.85
CA ALA D 31 -0.87 -3.40 11.21
C ALA D 31 -0.68 -4.90 11.26
N GLU D 32 0.53 -5.35 10.98
CA GLU D 32 0.84 -6.78 10.95
C GLU D 32 2.27 -7.04 11.39
N TRP D 33 2.42 -7.85 12.42
CA TRP D 33 3.69 -8.39 12.85
C TRP D 33 3.77 -9.83 12.42
N ILE D 34 4.92 -10.26 11.90
CA ILE D 34 5.18 -11.67 11.70
C ILE D 34 6.57 -12.00 12.21
N SER D 35 6.82 -13.28 12.40
CA SER D 35 8.11 -13.77 12.88
C SER D 35 9.09 -13.78 11.71
N SER D 36 10.14 -14.61 11.80
CA SER D 36 11.09 -14.77 10.71
C SER D 36 10.42 -15.07 9.37
N ASN D 37 11.05 -14.65 8.29
CA ASN D 37 10.41 -14.29 7.03
C ASN D 37 9.92 -15.47 6.19
N SER D 38 9.77 -16.65 6.81
CA SER D 38 9.40 -17.84 6.05
C SER D 38 7.96 -17.81 5.58
N ARG D 39 7.08 -17.10 6.30
CA ARG D 39 5.70 -16.78 5.94
C ARG D 39 4.76 -17.99 5.92
N SER D 40 5.28 -19.20 6.15
CA SER D 40 4.43 -20.39 6.20
C SER D 40 4.51 -21.05 7.56
N GLN D 41 5.71 -21.11 8.13
CA GLN D 41 5.90 -21.54 9.50
C GLN D 41 5.96 -20.38 10.48
N ALA D 42 5.31 -19.27 10.17
CA ALA D 42 5.53 -18.04 10.93
C ALA D 42 4.38 -17.76 11.89
N TYR D 43 4.73 -17.22 13.05
CA TYR D 43 3.76 -16.57 13.92
C TYR D 43 3.27 -15.29 13.26
N LYS D 44 2.09 -14.83 13.65
CA LYS D 44 1.50 -13.67 12.98
C LYS D 44 0.57 -12.93 13.92
N VAL D 45 0.81 -11.64 14.09
CA VAL D 45 0.01 -10.79 14.96
C VAL D 45 -0.48 -9.59 14.16
N THR D 46 -1.81 -9.40 14.10
CA THR D 46 -2.36 -8.25 13.39
C THR D 46 -3.23 -7.44 14.34
N CYS D 47 -3.19 -6.11 14.20
CA CYS D 47 -4.01 -5.20 14.97
C CYS D 47 -4.65 -4.16 14.06
N SER D 48 -5.93 -3.89 14.27
CA SER D 48 -6.62 -2.86 13.52
C SER D 48 -7.52 -2.08 14.45
N VAL D 49 -7.76 -0.83 14.11
CA VAL D 49 -8.59 0.08 14.88
C VAL D 49 -9.59 0.70 13.92
N ARG D 50 -10.88 0.68 14.29
CA ARG D 50 -11.85 1.38 13.46
C ARG D 50 -12.95 1.97 14.33
N GLN D 51 -13.55 3.04 13.82
CA GLN D 51 -14.69 3.69 14.45
C GLN D 51 -15.94 2.93 14.01
N SER D 52 -16.43 2.03 14.86
CA SER D 52 -17.55 1.18 14.46
C SER D 52 -18.85 1.97 14.44
N SER D 53 -19.28 2.45 15.60
CA SER D 53 -20.46 3.29 15.70
C SER D 53 -20.01 4.73 15.89
N ALA D 54 -20.97 5.61 16.17
CA ALA D 54 -20.63 7.02 16.37
C ALA D 54 -20.09 7.25 17.77
N GLN D 55 -20.25 6.29 18.68
CA GLN D 55 -19.82 6.45 20.07
C GLN D 55 -18.98 5.28 20.55
N ASN D 56 -18.54 4.41 19.65
CA ASN D 56 -17.75 3.24 20.04
C ASN D 56 -16.52 3.14 19.16
N ARG D 57 -15.54 2.38 19.64
CA ARG D 57 -14.32 2.08 18.91
C ARG D 57 -13.99 0.61 19.08
N LYS D 58 -13.76 -0.07 17.96
CA LYS D 58 -13.66 -1.53 17.96
C LYS D 58 -12.25 -1.95 17.57
N TYR D 59 -11.44 -2.33 18.55
CA TYR D 59 -10.12 -2.90 18.33
C TYR D 59 -10.26 -4.34 17.87
N THR D 60 -9.35 -4.79 17.02
CA THR D 60 -9.34 -6.16 16.53
C THR D 60 -7.92 -6.71 16.55
N ILE D 61 -7.70 -7.75 17.33
CA ILE D 61 -6.39 -8.37 17.50
C ILE D 61 -6.49 -9.82 17.06
N LYS D 62 -5.56 -10.24 16.21
CA LYS D 62 -5.49 -11.63 15.78
C LYS D 62 -4.10 -12.17 16.08
N VAL D 63 -4.04 -13.41 16.52
CA VAL D 63 -2.77 -14.11 16.73
C VAL D 63 -2.91 -15.49 16.10
N GLU D 64 -1.93 -15.88 15.28
CA GLU D 64 -1.87 -17.23 14.74
C GLU D 64 -0.63 -17.93 15.26
N VAL D 65 -0.84 -18.99 16.05
CA VAL D 65 0.27 -19.75 16.62
C VAL D 65 0.41 -21.06 15.86
N PRO D 66 1.47 -21.25 15.09
CA PRO D 66 1.64 -22.52 14.38
C PRO D 66 2.31 -23.55 15.26
N LYS D 67 2.29 -24.81 14.84
CA LYS D 67 3.04 -25.87 15.51
C LYS D 67 4.04 -26.41 14.48
N VAL D 68 5.30 -26.02 14.63
CA VAL D 68 6.31 -26.33 13.61
C VAL D 68 6.64 -27.81 13.65
N ALA D 69 7.02 -28.35 12.49
CA ALA D 69 7.26 -29.78 12.36
C ALA D 69 8.27 -29.99 11.26
N THR D 70 8.55 -31.26 10.98
CA THR D 70 9.56 -31.66 10.01
C THR D 70 8.92 -32.53 8.94
N GLN D 71 8.87 -32.00 7.72
CA GLN D 71 8.35 -32.72 6.57
C GLN D 71 9.51 -33.33 5.82
N THR D 72 9.39 -34.60 5.46
CA THR D 72 10.42 -35.32 4.73
C THR D 72 9.83 -35.85 3.43
N VAL D 73 10.29 -35.29 2.31
CA VAL D 73 9.85 -35.71 0.98
C VAL D 73 11.09 -36.06 0.16
N GLY D 74 11.30 -37.35 -0.06
CA GLY D 74 12.42 -37.80 -0.87
C GLY D 74 13.78 -37.58 -0.24
N GLY D 75 13.86 -37.59 1.07
CA GLY D 75 15.11 -37.34 1.76
C GLY D 75 15.45 -35.87 1.94
N VAL D 76 14.63 -34.97 1.42
CA VAL D 76 14.84 -33.53 1.55
C VAL D 76 13.98 -33.02 2.68
N GLU D 77 14.61 -32.39 3.66
CA GLU D 77 13.95 -31.98 4.90
C GLU D 77 13.53 -30.52 4.82
N LEU D 78 12.21 -30.29 4.80
CA LEU D 78 11.66 -28.95 4.82
C LEU D 78 10.80 -28.82 6.06
N PRO D 79 10.98 -27.77 6.86
CA PRO D 79 10.08 -27.56 7.99
C PRO D 79 8.75 -26.99 7.51
N VAL D 80 7.67 -27.46 8.13
CA VAL D 80 6.33 -27.02 7.75
C VAL D 80 5.47 -27.00 9.01
N ALA D 81 4.44 -26.18 9.00
CA ALA D 81 3.48 -26.08 10.08
C ALA D 81 2.42 -27.14 9.87
N ALA D 82 2.23 -28.01 10.86
CA ALA D 82 1.23 -29.06 10.75
C ALA D 82 -0.17 -28.49 10.91
N TRP D 83 -0.36 -27.59 11.88
CA TRP D 83 -1.65 -26.99 12.14
C TRP D 83 -1.42 -25.64 12.82
N ARG D 84 -2.45 -24.80 12.80
CA ARG D 84 -2.38 -23.47 13.38
C ARG D 84 -3.48 -23.27 14.40
N SER D 85 -3.23 -22.42 15.38
CA SER D 85 -4.22 -22.02 16.36
C SER D 85 -4.53 -20.53 16.21
N TYR D 86 -5.82 -20.21 16.26
CA TYR D 86 -6.29 -18.87 15.90
C TYR D 86 -6.90 -18.20 17.12
N LEU D 87 -6.20 -17.21 17.67
CA LEU D 87 -6.79 -16.31 18.64
C LEU D 87 -7.30 -15.08 17.91
N ASN D 88 -8.53 -14.67 18.24
CA ASN D 88 -9.20 -13.62 17.48
C ASN D 88 -10.11 -12.84 18.44
N MET D 89 -9.60 -11.77 19.04
CA MET D 89 -10.38 -11.00 19.99
C MET D 89 -10.77 -9.67 19.39
N GLU D 90 -11.91 -9.15 19.83
CA GLU D 90 -12.49 -7.90 19.34
C GLU D 90 -12.98 -7.10 20.52
N LEU D 91 -12.30 -6.00 20.82
CA LEU D 91 -12.54 -5.20 22.01
C LEU D 91 -13.31 -3.96 21.62
N THR D 92 -14.49 -3.77 22.22
CA THR D 92 -15.33 -2.60 21.94
C THR D 92 -15.30 -1.67 23.15
N ILE D 93 -14.74 -0.49 22.96
CA ILE D 93 -14.63 0.52 24.02
C ILE D 93 -15.47 1.71 23.58
N PRO D 94 -16.31 2.27 24.44
CA PRO D 94 -16.99 3.52 24.08
C PRO D 94 -16.03 4.68 24.05
N ILE D 95 -16.44 5.77 23.38
CA ILE D 95 -15.55 6.92 23.28
C ILE D 95 -15.56 7.76 24.54
N PHE D 96 -16.41 7.43 25.51
CA PHE D 96 -16.49 8.20 26.75
C PHE D 96 -15.56 7.66 27.82
N ALA D 97 -14.63 6.79 27.48
CA ALA D 97 -13.76 6.16 28.46
C ALA D 97 -12.52 7.02 28.69
N THR D 98 -12.23 7.28 29.96
CA THR D 98 -11.02 7.99 30.34
C THR D 98 -9.81 7.07 30.10
N ASN D 99 -8.61 7.66 29.98
CA ASN D 99 -7.40 6.85 29.84
C ASN D 99 -7.14 5.99 31.08
N SER D 100 -7.55 6.47 32.26
CA SER D 100 -7.44 5.63 33.44
C SER D 100 -8.46 4.50 33.43
N ASP D 101 -9.51 4.62 32.60
CA ASP D 101 -10.44 3.52 32.41
C ASP D 101 -9.94 2.57 31.32
N CYS D 102 -9.06 3.05 30.46
CA CYS D 102 -8.45 2.16 29.47
C CYS D 102 -7.32 1.36 30.09
N GLU D 103 -6.75 1.85 31.19
CA GLU D 103 -5.79 1.06 31.94
C GLU D 103 -6.49 -0.01 32.75
N LEU D 104 -7.79 0.14 32.97
CA LEU D 104 -8.55 -0.87 33.69
C LEU D 104 -8.95 -2.01 32.75
N ILE D 105 -9.02 -1.73 31.46
CA ILE D 105 -9.40 -2.76 30.49
C ILE D 105 -8.21 -3.67 30.21
N VAL D 106 -7.00 -3.10 30.19
CA VAL D 106 -5.79 -3.90 29.97
C VAL D 106 -5.52 -4.79 31.17
N LYS D 107 -5.71 -4.26 32.38
CA LYS D 107 -5.53 -5.06 33.59
C LYS D 107 -6.55 -6.19 33.67
N ALA D 108 -7.73 -5.98 33.08
CA ALA D 108 -8.74 -7.02 33.06
C ALA D 108 -8.35 -8.16 32.14
N MET D 109 -7.65 -7.86 31.06
CA MET D 109 -7.25 -8.92 30.14
C MET D 109 -5.98 -9.61 30.63
N GLN D 110 -5.10 -8.87 31.29
CA GLN D 110 -3.88 -9.45 31.85
C GLN D 110 -4.18 -10.37 33.01
N GLY D 111 -5.08 -9.96 33.91
CA GLY D 111 -5.41 -10.79 35.06
C GLY D 111 -6.28 -11.98 34.69
N LEU D 112 -6.92 -11.93 33.52
CA LEU D 112 -7.72 -13.06 33.07
C LEU D 112 -6.84 -14.23 32.67
N LEU D 113 -5.60 -13.95 32.27
CA LEU D 113 -4.70 -14.97 31.73
C LEU D 113 -3.47 -15.20 32.59
N LYS D 114 -3.45 -14.70 33.82
CA LYS D 114 -2.35 -14.99 34.72
C LYS D 114 -2.39 -16.46 35.11
N ASP D 115 -1.21 -17.08 35.20
CA ASP D 115 -1.12 -18.52 35.38
C ASP D 115 -1.61 -18.94 36.76
N GLY D 116 -2.74 -19.63 36.78
CA GLY D 116 -3.40 -20.00 38.02
C GLY D 116 -4.88 -19.70 38.05
N ASN D 117 -5.33 -18.71 37.27
CA ASN D 117 -6.73 -18.38 37.14
C ASN D 117 -7.46 -19.49 36.37
N PRO D 118 -8.78 -19.64 36.53
CA PRO D 118 -9.45 -20.82 35.97
C PRO D 118 -9.45 -20.92 34.44
N ILE D 119 -9.39 -19.80 33.72
CA ILE D 119 -9.40 -19.89 32.25
C ILE D 119 -8.07 -20.34 31.66
N PRO D 120 -6.89 -19.80 32.04
CA PRO D 120 -5.67 -20.40 31.51
C PRO D 120 -5.31 -21.71 32.15
N SER D 121 -5.96 -22.07 33.26
CA SER D 121 -5.77 -23.42 33.80
C SER D 121 -6.49 -24.44 32.95
N ALA D 122 -7.69 -24.10 32.47
CA ALA D 122 -8.52 -25.06 31.75
C ALA D 122 -8.00 -25.28 30.33
N ILE D 123 -7.43 -24.25 29.72
CA ILE D 123 -6.91 -24.39 28.36
C ILE D 123 -5.64 -25.23 28.36
N ALA D 124 -4.82 -25.06 29.40
CA ALA D 124 -3.56 -25.80 29.50
C ALA D 124 -3.75 -27.28 29.78
N ALA D 125 -4.94 -27.72 30.17
CA ALA D 125 -5.19 -29.13 30.44
C ALA D 125 -6.20 -29.75 29.48
N ASN D 126 -6.51 -29.05 28.37
CA ASN D 126 -7.49 -29.47 27.36
C ASN D 126 -8.86 -29.77 27.97
N SER D 127 -9.27 -28.93 28.91
CA SER D 127 -10.50 -29.16 29.66
C SER D 127 -11.40 -27.92 29.57
N GLY D 128 -12.54 -28.02 30.23
CA GLY D 128 -13.44 -26.89 30.39
C GLY D 128 -13.56 -26.48 31.84
N ILE D 129 -14.48 -25.56 32.07
CA ILE D 129 -14.76 -25.07 33.42
C ILE D 129 -15.84 -25.94 34.04
N TYR D 130 -15.48 -26.67 35.08
CA TYR D 130 -16.43 -27.51 35.79
C TYR D 130 -16.43 -27.19 37.26
N ALA E 2 14.16 12.36 9.06
CA ALA E 2 13.28 13.51 8.88
C ALA E 2 11.81 13.08 8.89
N SER E 3 11.28 12.85 10.08
CA SER E 3 9.90 12.42 10.26
C SER E 3 9.13 13.50 11.01
N ASN E 4 8.08 14.02 10.37
CA ASN E 4 7.24 15.05 10.98
C ASN E 4 6.10 14.46 11.80
N PHE E 5 5.95 13.14 11.84
CA PHE E 5 4.86 12.51 12.58
C PHE E 5 5.28 12.41 14.04
N THR E 6 5.32 13.57 14.70
CA THR E 6 5.85 13.67 16.06
C THR E 6 4.86 14.37 16.96
N GLN E 7 5.30 14.60 18.20
CA GLN E 7 4.48 15.26 19.20
C GLN E 7 4.69 16.76 19.15
N PHE E 8 3.63 17.53 19.37
CA PHE E 8 3.75 18.98 19.41
C PHE E 8 2.72 19.57 20.35
N VAL E 9 2.88 20.84 20.69
CA VAL E 9 1.95 21.52 21.57
C VAL E 9 0.93 22.28 20.73
N LEU E 10 -0.36 21.96 20.93
CA LEU E 10 -1.41 22.56 20.11
C LEU E 10 -1.85 23.91 20.67
N VAL E 11 -2.32 23.94 21.91
CA VAL E 11 -2.81 25.15 22.55
C VAL E 11 -1.80 25.58 23.59
N ASP E 12 -1.30 26.80 23.46
CA ASP E 12 -0.27 27.33 24.34
C ASP E 12 -0.91 28.28 25.34
N ASN E 13 -0.57 28.09 26.62
CA ASN E 13 -1.00 28.98 27.69
C ASN E 13 0.18 29.62 28.40
N GLY E 14 1.33 29.65 27.73
CA GLY E 14 2.49 30.30 28.29
C GLY E 14 3.17 29.52 29.40
N GLY E 15 3.72 28.37 29.07
CA GLY E 15 4.48 27.58 30.02
C GLY E 15 3.70 26.55 30.81
N THR E 16 2.87 27.01 31.75
CA THR E 16 2.04 26.13 32.55
C THR E 16 0.62 26.14 32.00
N GLY E 17 -0.08 25.02 32.13
CA GLY E 17 -1.40 24.90 31.57
C GLY E 17 -1.45 24.64 30.09
N ASP E 18 -0.33 24.27 29.49
CA ASP E 18 -0.30 23.97 28.06
C ASP E 18 -0.97 22.63 27.80
N VAL E 19 -1.42 22.43 26.56
CA VAL E 19 -2.02 21.18 26.14
C VAL E 19 -1.17 20.57 25.04
N THR E 20 -0.61 19.40 25.30
CA THR E 20 0.31 18.73 24.40
C THR E 20 -0.44 17.58 23.71
N VAL E 21 -0.43 17.58 22.38
CA VAL E 21 -1.14 16.60 21.59
C VAL E 21 -0.13 15.58 21.08
N ALA E 22 -0.54 14.25 21.03
CA ALA E 22 0.32 13.12 20.75
C ALA E 22 -0.17 12.31 19.56
N PRO E 23 0.72 11.73 18.75
CA PRO E 23 0.26 11.00 17.56
C PRO E 23 -0.34 9.64 17.93
N SER E 24 -1.42 9.27 17.26
CA SER E 24 -2.07 8.00 17.58
C SER E 24 -2.14 7.02 16.43
N ASN E 25 -2.71 7.40 15.29
CA ASN E 25 -3.16 6.41 14.31
C ASN E 25 -2.79 6.85 12.90
N PHE E 26 -2.69 5.87 12.00
CA PHE E 26 -2.48 6.09 10.57
C PHE E 26 -3.40 5.24 9.72
N ALA E 27 -4.71 5.30 9.94
CA ALA E 27 -5.62 4.50 9.14
C ALA E 27 -5.95 5.20 7.82
N ASN E 28 -5.82 4.44 6.72
CA ASN E 28 -6.32 4.81 5.39
C ASN E 28 -5.71 6.10 4.86
N GLY E 29 -4.42 6.29 5.12
CA GLY E 29 -3.75 7.48 4.63
C GLY E 29 -4.05 8.74 5.41
N VAL E 30 -4.61 8.63 6.60
CA VAL E 30 -4.95 9.78 7.44
C VAL E 30 -4.15 9.69 8.74
N ALA E 31 -3.34 10.69 9.00
CA ALA E 31 -2.49 10.72 10.19
C ALA E 31 -3.22 11.46 11.30
N GLU E 32 -3.32 10.85 12.47
CA GLU E 32 -4.18 11.32 13.54
C GLU E 32 -3.38 11.63 14.80
N TRP E 33 -3.64 12.80 15.38
CA TRP E 33 -3.10 13.21 16.66
C TRP E 33 -4.22 13.24 17.68
N ILE E 34 -3.89 13.07 18.96
CA ILE E 34 -4.88 13.14 20.03
C ILE E 34 -4.17 13.49 21.34
N SER E 35 -4.82 14.33 22.16
CA SER E 35 -4.25 14.73 23.44
C SER E 35 -4.55 13.68 24.50
N SER E 36 -4.14 13.97 25.73
CA SER E 36 -4.24 13.01 26.81
C SER E 36 -5.57 13.09 27.56
N ASN E 37 -6.64 12.63 26.92
CA ASN E 37 -7.98 12.58 27.51
C ASN E 37 -8.69 11.39 26.88
N SER E 38 -9.98 11.25 27.21
CA SER E 38 -10.82 10.26 26.56
C SER E 38 -11.10 10.68 25.12
N ARG E 39 -11.61 9.74 24.32
CA ARG E 39 -11.80 9.98 22.89
C ARG E 39 -12.89 11.00 22.59
N SER E 40 -13.74 11.33 23.55
CA SER E 40 -14.83 12.27 23.34
C SER E 40 -14.58 13.63 23.95
N GLN E 41 -13.46 13.82 24.66
CA GLN E 41 -13.13 15.10 25.27
C GLN E 41 -11.72 15.55 24.97
N ALA E 42 -11.07 15.03 23.94
CA ALA E 42 -9.68 15.35 23.67
C ALA E 42 -9.55 16.15 22.39
N TYR E 43 -8.44 16.88 22.28
CA TYR E 43 -8.16 17.63 21.07
C TYR E 43 -7.62 16.67 20.02
N LYS E 44 -8.31 16.58 18.88
CA LYS E 44 -7.93 15.62 17.84
C LYS E 44 -7.59 16.36 16.56
N VAL E 45 -6.45 16.00 15.96
CA VAL E 45 -5.98 16.60 14.72
C VAL E 45 -5.78 15.48 13.71
N THR E 46 -6.32 15.65 12.50
CA THR E 46 -6.09 14.71 11.40
C THR E 46 -5.59 15.46 10.19
N CYS E 47 -4.48 15.02 9.61
CA CYS E 47 -3.85 15.66 8.47
C CYS E 47 -3.55 14.63 7.40
N SER E 48 -4.29 14.65 6.30
CA SER E 48 -4.10 13.71 5.21
C SER E 48 -3.71 14.46 3.95
N VAL E 49 -2.71 13.95 3.24
CA VAL E 49 -2.21 14.55 2.02
C VAL E 49 -2.54 13.62 0.87
N ARG E 50 -3.22 14.15 -0.15
CA ARG E 50 -3.50 13.38 -1.34
C ARG E 50 -3.55 14.30 -2.54
N GLN E 51 -3.12 13.78 -3.67
CA GLN E 51 -3.05 14.58 -4.89
C GLN E 51 -4.33 14.39 -5.69
N SER E 52 -5.04 15.49 -5.93
CA SER E 52 -6.39 15.46 -6.48
C SER E 52 -6.45 15.25 -7.98
N SER E 53 -5.54 15.87 -8.73
CA SER E 53 -5.47 15.71 -10.17
C SER E 53 -4.02 15.50 -10.53
N ALA E 54 -3.70 15.64 -11.82
CA ALA E 54 -2.30 15.67 -12.22
C ALA E 54 -1.68 17.05 -12.06
N GLN E 55 -2.38 18.00 -11.42
CA GLN E 55 -1.91 19.37 -11.31
C GLN E 55 -1.96 19.94 -9.89
N ASN E 56 -2.68 19.31 -8.96
CA ASN E 56 -2.88 19.93 -7.65
C ASN E 56 -2.74 18.91 -6.55
N ARG E 57 -2.08 19.33 -5.47
CA ARG E 57 -2.01 18.56 -4.22
C ARG E 57 -2.96 19.18 -3.21
N LYS E 58 -3.81 18.35 -2.61
CA LYS E 58 -4.84 18.81 -1.69
C LYS E 58 -4.53 18.32 -0.27
N TYR E 59 -4.38 19.26 0.65
CA TYR E 59 -4.23 18.96 2.07
C TYR E 59 -5.60 18.99 2.72
N THR E 60 -5.86 18.04 3.60
CA THR E 60 -7.10 17.98 4.35
C THR E 60 -6.79 17.96 5.84
N ILE E 61 -7.11 19.04 6.53
CA ILE E 61 -6.78 19.21 7.94
C ILE E 61 -8.09 19.37 8.70
N LYS E 62 -8.25 18.60 9.78
CA LYS E 62 -9.41 18.69 10.66
C LYS E 62 -8.94 18.79 12.09
N VAL E 63 -9.54 19.71 12.85
CA VAL E 63 -9.24 19.89 14.26
C VAL E 63 -10.56 19.82 15.02
N GLU E 64 -10.58 19.07 16.12
CA GLU E 64 -11.75 18.99 16.99
C GLU E 64 -11.37 19.46 18.38
N VAL E 65 -12.11 20.41 18.93
CA VAL E 65 -11.83 21.00 20.24
C VAL E 65 -13.11 20.95 21.06
N PRO E 66 -13.09 20.36 22.26
CA PRO E 66 -14.30 20.34 23.08
C PRO E 66 -14.55 21.66 23.80
N LYS E 67 -15.82 21.89 24.09
CA LYS E 67 -16.25 23.00 24.94
C LYS E 67 -15.77 22.73 26.37
N VAL E 68 -15.38 23.78 27.08
CA VAL E 68 -14.56 23.65 28.28
C VAL E 68 -15.37 23.98 29.53
N ALA E 69 -16.27 24.96 29.43
CA ALA E 69 -17.05 25.39 30.59
C ALA E 69 -18.05 24.31 31.00
N THR E 70 -18.21 24.14 32.30
CA THR E 70 -19.01 23.08 32.94
C THR E 70 -18.64 21.68 32.45
N GLN E 71 -17.37 21.43 32.17
CA GLN E 71 -16.95 20.10 31.76
C GLN E 71 -16.88 19.17 32.97
N THR E 72 -17.51 18.02 32.85
CA THR E 72 -17.39 16.95 33.84
C THR E 72 -16.22 16.08 33.39
N VAL E 73 -15.14 16.11 34.15
CA VAL E 73 -13.88 15.50 33.72
C VAL E 73 -14.01 13.99 33.78
N GLY E 74 -14.07 13.37 32.60
CA GLY E 74 -14.26 11.94 32.49
C GLY E 74 -15.71 11.51 32.38
N GLY E 75 -16.65 12.42 32.55
CA GLY E 75 -18.05 12.06 32.58
C GLY E 75 -18.64 11.84 31.21
N VAL E 76 -19.86 11.31 31.19
CA VAL E 76 -20.59 11.05 29.96
C VAL E 76 -21.46 12.27 29.68
N GLU E 77 -21.31 12.84 28.49
CA GLU E 77 -21.95 14.10 28.13
C GLU E 77 -22.72 13.91 26.83
N LEU E 78 -24.04 14.04 26.91
CA LEU E 78 -24.92 13.94 25.76
C LEU E 78 -25.68 15.25 25.58
N PRO E 79 -25.94 15.68 24.34
CA PRO E 79 -25.56 15.07 23.05
C PRO E 79 -24.11 15.34 22.70
N VAL E 80 -23.55 14.54 21.79
CA VAL E 80 -22.13 14.66 21.48
C VAL E 80 -21.88 15.90 20.63
N ALA E 81 -22.82 16.24 19.75
CA ALA E 81 -22.63 17.37 18.84
C ALA E 81 -22.81 18.73 19.50
N ALA E 82 -23.10 18.79 20.79
CA ALA E 82 -23.25 20.06 21.47
C ALA E 82 -22.04 20.46 22.30
N TRP E 83 -21.10 19.54 22.52
CA TRP E 83 -19.97 19.79 23.40
C TRP E 83 -18.65 19.95 22.67
N ARG E 84 -18.61 19.80 21.35
CA ARG E 84 -17.35 19.80 20.63
C ARG E 84 -17.41 20.70 19.41
N SER E 85 -16.39 21.55 19.27
CA SER E 85 -16.24 22.42 18.11
C SER E 85 -15.51 21.66 17.01
N TYR E 86 -15.63 22.15 15.78
CA TYR E 86 -15.06 21.48 14.63
C TYR E 86 -14.39 22.48 13.71
N LEU E 87 -13.18 22.17 13.29
CA LEU E 87 -12.46 22.95 12.27
C LEU E 87 -12.23 22.05 11.06
N ASN E 88 -12.37 22.63 9.88
CA ASN E 88 -12.17 21.88 8.64
C ASN E 88 -11.44 22.77 7.65
N MET E 89 -10.14 22.52 7.49
CA MET E 89 -9.32 23.25 6.54
C MET E 89 -9.04 22.38 5.34
N GLU E 90 -9.09 22.98 4.15
CA GLU E 90 -8.67 22.34 2.92
C GLU E 90 -7.82 23.31 2.13
N LEU E 91 -6.63 22.85 1.73
CA LEU E 91 -5.63 23.70 1.11
C LEU E 91 -5.19 23.06 -0.21
N THR E 92 -5.19 23.83 -1.27
CA THR E 92 -4.81 23.36 -2.59
C THR E 92 -3.55 24.11 -3.05
N ILE E 93 -2.50 23.36 -3.37
CA ILE E 93 -1.25 23.93 -3.83
C ILE E 93 -0.96 23.35 -5.21
N PRO E 94 -0.74 24.18 -6.23
CA PRO E 94 -0.41 23.65 -7.55
C PRO E 94 0.99 23.06 -7.57
N ILE E 95 1.23 22.18 -8.54
CA ILE E 95 2.51 21.48 -8.64
C ILE E 95 3.61 22.35 -9.24
N PHE E 96 3.27 23.52 -9.77
CA PHE E 96 4.29 24.42 -10.29
C PHE E 96 4.90 25.30 -9.22
N ALA E 97 4.48 25.15 -7.96
CA ALA E 97 5.02 25.96 -6.89
C ALA E 97 6.38 25.43 -6.45
N THR E 98 7.28 26.34 -6.07
CA THR E 98 8.58 25.94 -5.55
C THR E 98 8.52 25.81 -4.03
N ASN E 99 9.67 25.52 -3.43
CA ASN E 99 9.74 25.47 -1.97
C ASN E 99 9.59 26.86 -1.37
N SER E 100 10.07 27.89 -2.08
CA SER E 100 9.89 29.25 -1.61
C SER E 100 8.45 29.70 -1.78
N ASP E 101 7.73 29.09 -2.71
CA ASP E 101 6.32 29.41 -2.88
C ASP E 101 5.49 28.82 -1.76
N CYS E 102 5.83 27.60 -1.33
CA CYS E 102 5.09 26.96 -0.25
C CYS E 102 5.40 27.56 1.10
N GLU E 103 6.54 28.26 1.22
CA GLU E 103 6.83 28.98 2.46
C GLU E 103 5.93 30.19 2.63
N LEU E 104 5.51 30.80 1.51
CA LEU E 104 4.65 31.98 1.59
C LEU E 104 3.19 31.57 1.81
N ILE E 105 2.82 30.38 1.38
CA ILE E 105 1.47 29.87 1.64
C ILE E 105 1.31 29.56 3.12
N VAL E 106 2.37 29.04 3.75
CA VAL E 106 2.36 28.83 5.20
C VAL E 106 2.28 30.16 5.94
N LYS E 107 3.02 31.18 5.46
CA LYS E 107 2.95 32.50 6.08
C LYS E 107 1.59 33.16 5.82
N ALA E 108 0.89 32.73 4.77
CA ALA E 108 -0.41 33.32 4.46
C ALA E 108 -1.47 32.87 5.47
N MET E 109 -1.34 31.67 6.01
CA MET E 109 -2.31 31.18 6.97
C MET E 109 -2.00 31.70 8.37
N GLN E 110 -0.72 31.92 8.67
CA GLN E 110 -0.33 32.40 9.98
C GLN E 110 -0.74 33.85 10.22
N GLY E 111 -0.71 34.68 9.18
CA GLY E 111 -1.11 36.07 9.35
C GLY E 111 -2.61 36.24 9.42
N LEU E 112 -3.35 35.29 8.85
CA LEU E 112 -4.81 35.34 8.93
C LEU E 112 -5.29 35.09 10.35
N LEU E 113 -4.59 34.23 11.09
CA LEU E 113 -5.02 33.80 12.41
C LEU E 113 -4.18 34.37 13.54
N LYS E 114 -3.35 35.37 13.27
CA LYS E 114 -2.60 36.02 14.33
C LYS E 114 -3.52 36.87 15.19
N ASP E 115 -3.34 36.77 16.50
CA ASP E 115 -4.22 37.46 17.44
C ASP E 115 -4.04 38.96 17.36
N GLY E 116 -5.16 39.66 17.11
CA GLY E 116 -5.17 41.05 16.75
C GLY E 116 -5.72 41.33 15.36
N ASN E 117 -5.65 40.35 14.47
CA ASN E 117 -6.26 40.46 13.16
C ASN E 117 -7.77 40.25 13.28
N PRO E 118 -8.57 40.74 12.31
CA PRO E 118 -10.03 40.70 12.49
C PRO E 118 -10.68 39.33 12.42
N ILE E 119 -10.06 38.34 11.79
CA ILE E 119 -10.66 37.01 11.76
C ILE E 119 -10.58 36.28 13.10
N PRO E 120 -9.42 36.13 13.76
CA PRO E 120 -9.46 35.43 15.05
C PRO E 120 -9.98 36.29 16.19
N SER E 121 -10.07 37.60 16.01
CA SER E 121 -10.71 38.43 17.03
C SER E 121 -12.21 38.52 16.86
N ALA E 122 -12.78 37.87 15.84
CA ALA E 122 -14.23 37.80 15.70
C ALA E 122 -14.75 36.44 16.15
N ILE E 123 -13.94 35.40 15.95
CA ILE E 123 -14.31 34.06 16.39
C ILE E 123 -14.26 33.99 17.91
N ALA E 124 -13.34 34.75 18.51
CA ALA E 124 -13.16 34.73 19.96
C ALA E 124 -14.23 35.53 20.70
N ALA E 125 -15.12 36.21 19.98
CA ALA E 125 -16.17 36.99 20.61
C ALA E 125 -17.56 36.53 20.20
N ASN E 126 -17.65 35.43 19.44
CA ASN E 126 -18.89 34.87 18.90
C ASN E 126 -19.65 35.91 18.08
N SER E 127 -18.93 36.67 17.26
CA SER E 127 -19.50 37.76 16.49
C SER E 127 -19.15 37.57 15.03
N GLY E 128 -19.68 38.46 14.19
CA GLY E 128 -19.34 38.51 12.79
C GLY E 128 -18.47 39.70 12.45
N ILE E 129 -18.36 39.97 11.17
CA ILE E 129 -17.60 41.11 10.69
C ILE E 129 -18.53 42.31 10.59
N TYR E 130 -18.46 43.22 11.55
CA TYR E 130 -19.37 44.36 11.58
C TYR E 130 -18.65 45.66 11.25
N ALA F 2 -16.18 51.39 17.32
CA ALA F 2 -15.28 50.25 17.16
C ALA F 2 -15.82 49.28 16.11
N SER F 3 -14.92 48.75 15.29
CA SER F 3 -15.31 47.83 14.23
C SER F 3 -14.17 46.85 13.96
N ASN F 4 -14.51 45.59 13.70
CA ASN F 4 -13.51 44.57 13.43
C ASN F 4 -13.29 44.36 11.94
N PHE F 5 -13.89 45.19 11.08
CA PHE F 5 -13.74 45.04 9.64
C PHE F 5 -12.68 46.02 9.17
N THR F 6 -11.44 45.77 9.57
CA THR F 6 -10.33 46.69 9.39
C THR F 6 -9.18 46.05 8.62
N GLN F 7 -8.09 46.80 8.56
CA GLN F 7 -6.88 46.44 7.84
C GLN F 7 -5.97 45.57 8.69
N PHE F 8 -5.41 44.53 8.08
CA PHE F 8 -4.39 43.73 8.74
C PHE F 8 -3.36 43.28 7.71
N VAL F 9 -2.30 42.67 8.21
CA VAL F 9 -1.22 42.16 7.38
C VAL F 9 -1.39 40.65 7.25
N LEU F 10 -1.28 40.15 6.02
CA LEU F 10 -1.52 38.72 5.79
C LEU F 10 -0.22 37.93 5.79
N VAL F 11 0.79 38.41 5.07
CA VAL F 11 2.09 37.74 4.98
C VAL F 11 3.13 38.70 5.55
N ASP F 12 3.66 38.38 6.73
CA ASP F 12 4.56 39.28 7.44
C ASP F 12 6.00 38.86 7.15
N ASN F 13 6.60 39.46 6.13
CA ASN F 13 8.02 39.25 5.85
C ASN F 13 8.89 40.32 6.49
N GLY F 14 8.69 40.55 7.78
CA GLY F 14 9.58 41.36 8.59
C GLY F 14 9.69 42.83 8.24
N GLY F 15 8.56 43.51 8.05
CA GLY F 15 8.57 44.94 7.85
C GLY F 15 8.72 45.39 6.42
N THR F 16 9.67 44.78 5.69
CA THR F 16 10.00 45.19 4.33
C THR F 16 9.35 44.20 3.36
N GLY F 17 8.41 44.70 2.55
CA GLY F 17 7.77 43.87 1.55
C GLY F 17 6.58 43.10 2.05
N ASP F 18 5.93 43.55 3.13
CA ASP F 18 4.77 42.86 3.65
C ASP F 18 3.58 43.04 2.73
N VAL F 19 2.83 41.96 2.52
CA VAL F 19 1.57 42.03 1.78
C VAL F 19 0.48 42.35 2.79
N THR F 20 0.08 43.61 2.84
CA THR F 20 -1.02 44.04 3.70
C THR F 20 -2.30 44.00 2.89
N VAL F 21 -3.40 43.74 3.56
CA VAL F 21 -4.67 43.49 2.90
C VAL F 21 -5.69 44.49 3.46
N ALA F 22 -6.73 44.78 2.69
CA ALA F 22 -7.57 45.92 2.99
C ALA F 22 -9.04 45.59 2.76
N PRO F 23 -9.94 46.20 3.53
CA PRO F 23 -11.38 45.97 3.32
C PRO F 23 -11.86 46.57 2.01
N SER F 24 -12.65 45.81 1.27
CA SER F 24 -13.17 46.30 0.00
C SER F 24 -14.64 46.02 -0.26
N ASN F 25 -15.24 45.01 0.36
CA ASN F 25 -16.59 44.62 -0.03
C ASN F 25 -17.28 43.95 1.14
N PHE F 26 -18.61 44.15 1.21
CA PHE F 26 -19.39 43.57 2.30
C PHE F 26 -20.75 43.08 1.79
N ALA F 27 -20.89 42.90 0.48
CA ALA F 27 -22.20 42.55 -0.09
C ALA F 27 -22.51 41.08 0.12
N ASN F 28 -23.82 40.78 0.19
CA ASN F 28 -24.38 39.42 0.31
C ASN F 28 -23.93 38.71 1.59
N GLY F 29 -23.58 39.47 2.63
CA GLY F 29 -23.16 38.86 3.87
C GLY F 29 -21.80 38.20 3.83
N VAL F 30 -21.02 38.44 2.78
CA VAL F 30 -19.71 37.86 2.61
C VAL F 30 -18.70 38.99 2.67
N ALA F 31 -17.90 39.03 3.73
CA ALA F 31 -16.82 39.99 3.84
C ALA F 31 -15.77 39.69 2.78
N GLU F 32 -14.98 40.69 2.43
CA GLU F 32 -13.96 40.51 1.41
C GLU F 32 -12.79 41.46 1.65
N TRP F 33 -11.59 40.89 1.69
CA TRP F 33 -10.36 41.64 1.82
C TRP F 33 -9.49 41.40 0.61
N ILE F 34 -8.99 42.48 0.00
CA ILE F 34 -8.03 42.36 -1.09
C ILE F 34 -6.89 43.34 -0.87
N SER F 35 -5.72 42.97 -1.39
CA SER F 35 -4.51 43.76 -1.25
C SER F 35 -4.52 44.94 -2.22
N SER F 36 -3.45 45.73 -2.17
CA SER F 36 -3.33 46.92 -3.01
C SER F 36 -2.70 46.58 -4.36
N ASN F 37 -3.36 45.68 -5.07
CA ASN F 37 -2.93 45.28 -6.41
C ASN F 37 -4.13 45.37 -7.36
N SER F 38 -3.94 44.92 -8.60
CA SER F 38 -5.08 44.80 -9.49
C SER F 38 -5.92 43.59 -9.08
N ARG F 39 -7.12 43.49 -9.66
CA ARG F 39 -8.04 42.41 -9.29
C ARG F 39 -7.59 41.05 -9.79
N SER F 40 -6.58 40.99 -10.66
CA SER F 40 -6.07 39.72 -11.12
C SER F 40 -4.90 39.23 -10.27
N GLN F 41 -4.08 40.15 -9.75
CA GLN F 41 -2.90 39.79 -8.98
C GLN F 41 -3.01 40.15 -7.50
N ALA F 42 -4.21 40.21 -6.94
CA ALA F 42 -4.36 40.49 -5.53
C ALA F 42 -4.69 39.23 -4.75
N TYR F 43 -4.36 39.25 -3.47
CA TYR F 43 -4.79 38.18 -2.58
C TYR F 43 -6.24 38.45 -2.20
N LYS F 44 -7.00 37.38 -1.95
CA LYS F 44 -8.42 37.55 -1.64
C LYS F 44 -8.79 36.76 -0.41
N VAL F 45 -9.35 37.43 0.59
CA VAL F 45 -9.69 36.81 1.87
C VAL F 45 -11.14 37.14 2.19
N THR F 46 -11.94 36.10 2.44
CA THR F 46 -13.36 36.25 2.69
C THR F 46 -13.72 35.80 4.10
N CYS F 47 -14.98 36.01 4.48
CA CYS F 47 -15.49 35.65 5.79
C CYS F 47 -17.01 35.66 5.75
N SER F 48 -17.64 34.63 6.32
CA SER F 48 -19.09 34.53 6.30
C SER F 48 -19.57 33.67 7.46
N VAL F 49 -20.68 34.08 8.05
CA VAL F 49 -21.27 33.45 9.23
C VAL F 49 -22.73 33.13 8.92
N ARG F 50 -23.14 31.88 9.15
CA ARG F 50 -24.56 31.56 9.08
C ARG F 50 -24.93 30.57 10.17
N GLN F 51 -26.23 30.53 10.48
CA GLN F 51 -26.81 29.58 11.42
C GLN F 51 -27.26 28.37 10.62
N SER F 52 -26.40 27.35 10.52
CA SER F 52 -26.67 26.22 9.65
C SER F 52 -27.78 25.34 10.21
N SER F 53 -27.54 24.75 11.37
CA SER F 53 -28.56 23.97 12.06
C SER F 53 -29.17 24.82 13.17
N ALA F 54 -30.01 24.20 13.99
CA ALA F 54 -30.61 24.94 15.09
C ALA F 54 -29.64 25.11 16.25
N GLN F 55 -28.57 24.32 16.29
CA GLN F 55 -27.64 24.30 17.42
C GLN F 55 -26.19 24.49 17.00
N ASN F 56 -25.93 25.05 15.82
CA ASN F 56 -24.57 25.25 15.36
C ASN F 56 -24.44 26.57 14.63
N ARG F 57 -23.28 27.18 14.78
CA ARG F 57 -22.86 28.32 13.98
C ARG F 57 -21.66 27.91 13.15
N LYS F 58 -21.73 28.16 11.85
CA LYS F 58 -20.75 27.65 10.91
C LYS F 58 -20.11 28.82 10.18
N TYR F 59 -18.81 28.98 10.34
CA TYR F 59 -18.07 30.01 9.62
C TYR F 59 -17.55 29.42 8.32
N THR F 60 -17.15 30.28 7.40
CA THR F 60 -16.53 29.87 6.15
C THR F 60 -15.54 30.95 5.74
N ILE F 61 -14.26 30.64 5.81
CA ILE F 61 -13.19 31.58 5.50
C ILE F 61 -12.38 31.01 4.34
N LYS F 62 -12.21 31.81 3.29
CA LYS F 62 -11.45 31.40 2.12
C LYS F 62 -10.34 32.39 1.84
N VAL F 63 -9.18 31.88 1.46
CA VAL F 63 -8.00 32.69 1.12
C VAL F 63 -7.47 32.23 -0.23
N GLU F 64 -7.23 33.19 -1.12
CA GLU F 64 -6.71 32.92 -2.45
C GLU F 64 -5.35 33.57 -2.58
N VAL F 65 -4.32 32.76 -2.82
CA VAL F 65 -2.93 33.23 -2.88
C VAL F 65 -2.42 32.99 -4.29
N PRO F 66 -2.32 34.01 -5.14
CA PRO F 66 -1.78 33.82 -6.49
C PRO F 66 -0.27 34.02 -6.60
N LYS F 67 0.24 33.64 -7.77
CA LYS F 67 1.63 33.84 -8.15
C LYS F 67 1.66 34.82 -9.32
N VAL F 68 2.29 35.97 -9.12
CA VAL F 68 2.19 37.06 -10.09
C VAL F 68 3.07 36.76 -11.31
N ALA F 69 2.69 37.33 -12.44
CA ALA F 69 3.38 37.13 -13.71
C ALA F 69 2.99 38.26 -14.65
N THR F 70 3.36 38.10 -15.91
CA THR F 70 2.99 39.03 -16.98
C THR F 70 2.85 38.25 -18.27
N GLN F 71 1.65 38.20 -18.81
CA GLN F 71 1.35 37.38 -19.99
C GLN F 71 1.17 38.26 -21.21
N THR F 72 1.76 37.84 -22.33
CA THR F 72 1.60 38.50 -23.61
C THR F 72 0.43 37.85 -24.35
N VAL F 73 -0.68 38.57 -24.47
CA VAL F 73 -1.86 38.10 -25.18
C VAL F 73 -2.11 39.04 -26.34
N GLY F 74 -1.89 38.54 -27.56
CA GLY F 74 -2.10 39.35 -28.75
C GLY F 74 -1.08 40.46 -28.93
N GLY F 75 0.13 40.27 -28.43
CA GLY F 75 1.16 41.28 -28.55
C GLY F 75 1.17 42.34 -27.48
N VAL F 76 0.24 42.29 -26.53
CA VAL F 76 0.14 43.26 -25.45
C VAL F 76 0.35 42.52 -24.14
N GLU F 77 1.24 43.04 -23.29
CA GLU F 77 1.52 42.43 -22.00
C GLU F 77 0.51 42.90 -20.97
N LEU F 78 -0.20 41.96 -20.35
CA LEU F 78 -1.20 42.24 -19.35
C LEU F 78 -0.85 41.52 -18.06
N PRO F 79 -0.98 42.18 -16.91
CA PRO F 79 -0.69 41.53 -15.63
C PRO F 79 -1.77 40.50 -15.29
N VAL F 80 -1.34 39.27 -15.01
CA VAL F 80 -2.24 38.18 -14.67
C VAL F 80 -1.44 37.19 -13.83
N ALA F 81 -2.16 36.33 -13.11
CA ALA F 81 -1.56 35.36 -12.21
C ALA F 81 -1.44 34.03 -12.91
N ALA F 82 -0.27 33.39 -12.80
CA ALA F 82 -0.04 32.12 -13.47
C ALA F 82 -0.81 30.98 -12.82
N TRP F 83 -0.90 30.99 -11.49
CA TRP F 83 -1.67 29.99 -10.75
C TRP F 83 -2.05 30.56 -9.41
N ARG F 84 -3.21 30.15 -8.90
CA ARG F 84 -3.69 30.54 -7.60
C ARG F 84 -3.77 29.32 -6.69
N SER F 85 -3.51 29.54 -5.41
CA SER F 85 -3.69 28.52 -4.39
C SER F 85 -4.86 28.91 -3.50
N TYR F 86 -5.57 27.91 -3.00
CA TYR F 86 -6.84 28.14 -2.31
C TYR F 86 -6.79 27.56 -0.91
N LEU F 87 -7.08 28.39 0.08
CA LEU F 87 -7.41 27.95 1.42
C LEU F 87 -8.93 27.91 1.55
N ASN F 88 -9.43 26.93 2.29
CA ASN F 88 -10.87 26.73 2.41
C ASN F 88 -11.15 26.02 3.73
N MET F 89 -11.57 26.76 4.74
CA MET F 89 -11.87 26.20 6.04
C MET F 89 -13.32 26.49 6.41
N GLU F 90 -13.88 25.63 7.25
CA GLU F 90 -15.24 25.79 7.76
C GLU F 90 -15.24 25.46 9.24
N LEU F 91 -15.40 26.48 10.08
CA LEU F 91 -15.30 26.34 11.52
C LEU F 91 -16.70 26.25 12.10
N THR F 92 -17.07 25.08 12.60
CA THR F 92 -18.39 24.84 13.18
C THR F 92 -18.29 24.93 14.68
N ILE F 93 -18.95 25.92 15.27
CA ILE F 93 -18.92 26.18 16.70
C ILE F 93 -20.34 26.01 17.23
N PRO F 94 -20.56 25.25 18.29
CA PRO F 94 -21.92 25.14 18.86
C PRO F 94 -22.37 26.44 19.49
N ILE F 95 -23.69 26.59 19.60
CA ILE F 95 -24.24 27.82 20.16
C ILE F 95 -24.16 27.85 21.68
N PHE F 96 -23.80 26.73 22.30
CA PHE F 96 -23.67 26.67 23.75
C PHE F 96 -22.27 27.03 24.23
N ALA F 97 -21.39 27.50 23.34
CA ALA F 97 -20.00 27.74 23.69
C ALA F 97 -19.84 29.14 24.28
N THR F 98 -19.12 29.21 25.39
CA THR F 98 -18.85 30.48 26.06
C THR F 98 -17.78 31.24 25.27
N ASN F 99 -17.58 32.52 25.61
CA ASN F 99 -16.53 33.33 24.99
C ASN F 99 -15.15 32.76 25.27
N SER F 100 -14.95 32.15 26.45
CA SER F 100 -13.68 31.53 26.76
C SER F 100 -13.45 30.26 25.94
N ASP F 101 -14.51 29.49 25.67
CA ASP F 101 -14.36 28.28 24.86
C ASP F 101 -14.19 28.61 23.39
N CYS F 102 -14.57 29.82 22.98
CA CYS F 102 -14.28 30.25 21.62
C CYS F 102 -12.83 30.67 21.48
N GLU F 103 -12.23 31.19 22.56
CA GLU F 103 -10.81 31.53 22.53
C GLU F 103 -9.94 30.30 22.45
N LEU F 104 -10.43 29.15 22.95
CA LEU F 104 -9.67 27.92 22.89
C LEU F 104 -9.59 27.39 21.46
N ILE F 105 -10.61 27.66 20.65
CA ILE F 105 -10.59 27.24 19.26
C ILE F 105 -9.66 28.12 18.45
N VAL F 106 -9.60 29.42 18.79
CA VAL F 106 -8.71 30.33 18.10
C VAL F 106 -7.26 30.05 18.47
N LYS F 107 -7.01 29.69 19.74
CA LYS F 107 -5.67 29.27 20.13
C LYS F 107 -5.29 27.94 19.50
N ALA F 108 -6.29 27.10 19.20
CA ALA F 108 -6.00 25.81 18.57
C ALA F 108 -5.59 25.97 17.12
N MET F 109 -6.14 26.98 16.45
CA MET F 109 -5.78 27.20 15.05
C MET F 109 -4.44 27.92 14.94
N GLN F 110 -4.10 28.75 15.94
CA GLN F 110 -2.80 29.40 15.94
C GLN F 110 -1.68 28.43 16.25
N GLY F 111 -1.92 27.47 17.14
CA GLY F 111 -0.89 26.50 17.45
C GLY F 111 -0.75 25.46 16.37
N LEU F 112 -1.77 25.31 15.53
CA LEU F 112 -1.71 24.34 14.44
C LEU F 112 -0.77 24.82 13.33
N LEU F 113 -0.67 26.13 13.14
CA LEU F 113 0.13 26.72 12.09
C LEU F 113 1.34 27.47 12.61
N LYS F 114 1.69 27.30 13.89
CA LYS F 114 2.88 27.92 14.43
C LYS F 114 4.12 27.26 13.83
N ASP F 115 5.15 28.07 13.59
CA ASP F 115 6.37 27.60 12.93
C ASP F 115 7.10 26.57 13.79
N GLY F 116 7.38 25.42 13.20
CA GLY F 116 8.03 24.33 13.91
C GLY F 116 7.16 23.13 14.15
N ASN F 117 5.84 23.27 14.07
CA ASN F 117 4.91 22.18 14.25
C ASN F 117 4.98 21.25 13.03
N PRO F 118 4.55 19.98 13.18
CA PRO F 118 4.70 19.03 12.06
C PRO F 118 3.89 19.35 10.81
N ILE F 119 2.70 19.96 10.95
CA ILE F 119 1.88 20.24 9.78
C ILE F 119 2.38 21.41 8.94
N PRO F 120 2.75 22.58 9.50
CA PRO F 120 3.32 23.60 8.60
C PRO F 120 4.72 23.29 8.11
N SER F 121 5.45 22.42 8.82
CA SER F 121 6.77 22.02 8.33
C SER F 121 6.65 21.01 7.21
N ALA F 122 5.54 20.28 7.15
CA ALA F 122 5.35 19.31 6.07
C ALA F 122 4.92 20.00 4.78
N ILE F 123 4.24 21.15 4.89
CA ILE F 123 3.75 21.84 3.71
C ILE F 123 4.89 22.56 2.99
N ALA F 124 5.79 23.17 3.75
CA ALA F 124 6.87 23.97 3.16
C ALA F 124 7.91 23.08 2.49
N ALA F 125 8.21 21.92 3.08
CA ALA F 125 9.26 21.07 2.52
C ALA F 125 8.70 20.05 1.53
N ASN F 126 7.40 20.12 1.26
CA ASN F 126 6.66 19.30 0.29
C ASN F 126 6.75 17.81 0.65
N SER F 127 6.90 17.51 1.93
CA SER F 127 6.96 16.13 2.37
C SER F 127 5.65 15.71 3.01
N GLY F 128 5.41 14.40 3.04
CA GLY F 128 4.25 13.90 3.75
C GLY F 128 4.52 13.79 5.24
N ILE F 129 3.45 13.52 5.99
CA ILE F 129 3.55 13.39 7.44
C ILE F 129 4.06 12.02 7.83
N TYR F 130 5.38 11.83 7.78
CA TYR F 130 5.99 10.56 8.14
C TYR F 130 7.52 10.67 8.13
N ALA G 2 38.59 20.40 -73.67
CA ALA G 2 37.84 21.55 -74.13
C ALA G 2 36.36 21.40 -73.80
N SER G 3 35.91 22.15 -72.80
CA SER G 3 34.53 22.10 -72.36
C SER G 3 34.14 23.46 -71.80
N ASN G 4 32.89 23.84 -71.99
CA ASN G 4 32.39 25.11 -71.45
C ASN G 4 31.46 24.92 -70.26
N PHE G 5 31.34 23.70 -69.73
CA PHE G 5 30.63 23.44 -68.49
C PHE G 5 31.61 23.67 -67.34
N THR G 6 32.02 24.93 -67.19
CA THR G 6 33.12 25.30 -66.32
C THR G 6 32.69 26.46 -65.43
N GLN G 7 33.62 26.89 -64.59
CA GLN G 7 33.36 27.91 -63.59
C GLN G 7 33.48 29.31 -64.19
N PHE G 8 32.45 30.13 -63.98
CA PHE G 8 32.45 31.47 -64.53
C PHE G 8 31.95 32.44 -63.48
N VAL G 9 32.35 33.70 -63.64
CA VAL G 9 32.00 34.76 -62.71
C VAL G 9 30.62 35.30 -63.08
N LEU G 10 29.69 35.29 -62.13
CA LEU G 10 28.35 35.79 -62.42
C LEU G 10 28.24 37.28 -62.15
N VAL G 11 28.61 37.73 -60.97
CA VAL G 11 28.47 39.12 -60.58
C VAL G 11 29.86 39.75 -60.59
N ASP G 12 30.10 40.62 -61.57
CA ASP G 12 31.34 41.39 -61.62
C ASP G 12 31.24 42.53 -60.61
N ASN G 13 31.56 42.23 -59.36
CA ASN G 13 31.42 43.19 -58.25
C ASN G 13 32.82 43.62 -57.86
N GLY G 14 33.36 44.60 -58.57
CA GLY G 14 34.72 45.04 -58.37
C GLY G 14 35.73 43.96 -58.69
N GLY G 15 36.54 43.59 -57.70
CA GLY G 15 37.46 42.48 -57.83
C GLY G 15 37.55 41.67 -56.54
N THR G 16 36.77 42.06 -55.54
CA THR G 16 36.87 41.45 -54.22
C THR G 16 35.59 40.69 -53.87
N GLY G 17 34.44 41.36 -53.97
CA GLY G 17 33.18 40.74 -53.63
C GLY G 17 32.49 40.05 -54.79
N ASP G 18 33.28 39.47 -55.69
CA ASP G 18 32.73 38.76 -56.84
C ASP G 18 32.08 37.46 -56.39
N VAL G 19 30.96 37.11 -57.01
CA VAL G 19 30.30 35.84 -56.79
C VAL G 19 30.60 34.95 -57.99
N THR G 20 31.51 34.00 -57.80
CA THR G 20 31.90 33.09 -58.85
C THR G 20 31.13 31.78 -58.67
N VAL G 21 30.39 31.39 -59.69
CA VAL G 21 29.46 30.27 -59.62
C VAL G 21 30.11 29.07 -60.30
N ALA G 22 29.85 27.87 -59.76
CA ALA G 22 30.57 26.67 -60.14
C ALA G 22 29.59 25.59 -60.60
N PRO G 23 29.99 24.73 -61.53
CA PRO G 23 29.08 23.69 -62.05
C PRO G 23 28.76 22.64 -61.00
N SER G 24 27.52 22.18 -61.01
CA SER G 24 27.02 21.25 -60.00
C SER G 24 26.39 19.99 -60.56
N ASN G 25 25.57 20.10 -61.61
CA ASN G 25 24.74 18.96 -62.01
C ASN G 25 24.35 19.14 -63.46
N PHE G 26 24.29 18.02 -64.19
CA PHE G 26 24.00 18.04 -65.63
C PHE G 26 23.02 16.90 -65.94
N ALA G 27 21.99 16.77 -65.12
CA ALA G 27 21.03 15.68 -65.28
C ALA G 27 20.00 16.03 -66.33
N ASN G 28 19.65 15.02 -67.16
CA ASN G 28 18.59 15.09 -68.16
C ASN G 28 18.85 16.16 -69.21
N GLY G 29 20.13 16.42 -69.50
CA GLY G 29 20.47 17.45 -70.45
C GLY G 29 20.25 18.87 -69.96
N VAL G 30 20.01 19.04 -68.68
CA VAL G 30 19.74 20.34 -68.08
C VAL G 30 20.93 20.71 -67.22
N ALA G 31 21.68 21.72 -67.63
CA ALA G 31 22.85 22.15 -66.88
C ALA G 31 22.42 22.85 -65.61
N GLU G 32 23.35 22.99 -64.66
CA GLU G 32 23.07 23.64 -63.40
C GLU G 32 24.36 24.14 -62.77
N TRP G 33 24.37 25.41 -62.40
CA TRP G 33 25.48 26.04 -61.70
C TRP G 33 25.00 26.48 -60.33
N ILE G 34 25.82 26.23 -59.30
CA ILE G 34 25.53 26.59 -57.92
C ILE G 34 26.77 27.25 -57.32
N SER G 35 26.57 28.41 -56.69
CA SER G 35 27.69 29.10 -56.06
C SER G 35 28.13 28.37 -54.79
N SER G 36 29.38 28.60 -54.41
CA SER G 36 30.02 27.80 -53.37
C SER G 36 29.79 28.41 -52.00
N ASN G 37 28.60 28.13 -51.45
CA ASN G 37 28.20 28.52 -50.10
C ASN G 37 27.15 27.53 -49.62
N SER G 38 26.39 27.91 -48.60
CA SER G 38 25.23 27.13 -48.19
C SER G 38 24.21 27.06 -49.32
N ARG G 39 23.49 25.94 -49.40
CA ARG G 39 22.60 25.68 -50.53
C ARG G 39 21.41 26.63 -50.56
N SER G 40 20.88 27.01 -49.40
CA SER G 40 19.74 27.91 -49.36
C SER G 40 20.15 29.35 -49.67
N GLN G 41 21.43 29.67 -49.56
CA GLN G 41 21.94 31.00 -49.87
C GLN G 41 22.82 31.00 -51.11
N ALA G 42 22.44 30.26 -52.14
CA ALA G 42 23.29 30.14 -53.32
C ALA G 42 22.58 30.60 -54.58
N TYR G 43 23.35 31.17 -55.50
CA TYR G 43 22.82 31.54 -56.80
C TYR G 43 22.69 30.29 -57.64
N LYS G 44 21.80 30.33 -58.63
CA LYS G 44 21.48 29.13 -59.38
C LYS G 44 21.23 29.47 -60.84
N VAL G 45 22.04 28.89 -61.73
CA VAL G 45 21.97 29.15 -63.16
C VAL G 45 21.79 27.83 -63.89
N THR G 46 20.77 27.73 -64.72
CA THR G 46 20.55 26.55 -65.54
C THR G 46 20.68 26.91 -67.02
N CYS G 47 20.68 25.89 -67.86
CA CYS G 47 20.73 26.05 -69.32
C CYS G 47 20.29 24.75 -69.96
N SER G 48 19.46 24.84 -71.00
CA SER G 48 18.98 23.66 -71.68
C SER G 48 18.57 24.04 -73.09
N VAL G 49 18.89 23.16 -74.04
CA VAL G 49 18.59 23.37 -75.45
C VAL G 49 17.67 22.24 -75.91
N ARG G 50 16.54 22.60 -76.51
CA ARG G 50 15.62 21.57 -76.99
C ARG G 50 15.21 21.91 -78.42
N GLN G 51 15.19 20.89 -79.27
CA GLN G 51 14.65 20.99 -80.62
C GLN G 51 13.14 21.03 -80.51
N SER G 52 12.57 22.23 -80.55
CA SER G 52 11.13 22.37 -80.30
C SER G 52 10.30 21.91 -81.48
N SER G 53 10.74 22.21 -82.70
CA SER G 53 10.03 21.80 -83.89
C SER G 53 11.04 21.54 -85.01
N ALA G 54 10.55 21.52 -86.24
CA ALA G 54 11.41 21.16 -87.37
C ALA G 54 12.37 22.27 -87.73
N GLN G 55 12.02 23.52 -87.42
CA GLN G 55 12.83 24.66 -87.81
C GLN G 55 13.21 25.57 -86.66
N ASN G 56 13.30 25.04 -85.43
CA ASN G 56 13.62 25.87 -84.28
C ASN G 56 14.50 25.12 -83.30
N ARG G 57 15.40 25.85 -82.65
CA ARG G 57 16.00 25.45 -81.39
C ARG G 57 15.67 26.51 -80.35
N LYS G 58 15.34 26.07 -79.15
CA LYS G 58 14.69 26.96 -78.18
C LYS G 58 15.41 26.83 -76.85
N TYR G 59 16.21 27.83 -76.51
CA TYR G 59 17.02 27.78 -75.29
C TYR G 59 16.16 28.05 -74.07
N THR G 60 16.74 27.86 -72.89
CA THR G 60 16.08 28.18 -71.62
C THR G 60 17.13 28.49 -70.58
N ILE G 61 17.16 29.74 -70.13
CA ILE G 61 18.10 30.19 -69.12
C ILE G 61 17.30 30.62 -67.90
N LYS G 62 17.75 30.23 -66.72
CA LYS G 62 17.07 30.60 -65.47
C LYS G 62 18.11 30.99 -64.45
N VAL G 63 17.89 32.14 -63.80
CA VAL G 63 18.80 32.66 -62.78
C VAL G 63 17.99 32.99 -61.53
N GLU G 64 18.42 32.48 -60.38
CA GLU G 64 17.76 32.75 -59.12
C GLU G 64 18.72 33.48 -58.20
N VAL G 65 18.34 34.68 -57.77
CA VAL G 65 19.19 35.53 -56.95
C VAL G 65 18.49 35.78 -55.62
N PRO G 66 19.00 35.25 -54.52
CA PRO G 66 18.38 35.50 -53.21
C PRO G 66 18.93 36.77 -52.57
N LYS G 67 18.47 37.01 -51.35
CA LYS G 67 18.92 38.13 -50.53
C LYS G 67 19.66 37.59 -49.32
N VAL G 68 20.92 37.99 -49.17
CA VAL G 68 21.73 37.51 -48.06
C VAL G 68 22.01 38.64 -47.08
N PRO G 79 20.90 30.49 -41.34
CA PRO G 79 21.29 30.97 -42.67
C PRO G 79 20.32 30.55 -43.77
N VAL G 80 19.23 31.30 -43.90
CA VAL G 80 18.21 31.05 -44.92
C VAL G 80 18.04 32.32 -45.74
N ALA G 81 17.44 32.17 -46.92
CA ALA G 81 17.17 33.32 -47.77
C ALA G 81 15.83 33.94 -47.40
N ALA G 82 15.80 35.27 -47.31
CA ALA G 82 14.56 35.96 -46.96
C ALA G 82 13.59 35.94 -48.12
N TRP G 83 14.06 36.24 -49.32
CA TRP G 83 13.27 36.20 -50.55
C TRP G 83 14.22 35.86 -51.69
N ARG G 84 13.65 35.70 -52.88
CA ARG G 84 14.44 35.24 -54.01
C ARG G 84 13.87 35.80 -55.31
N SER G 85 14.77 36.18 -56.22
CA SER G 85 14.40 36.64 -57.56
C SER G 85 14.40 35.46 -58.50
N TYR G 86 13.81 35.63 -59.68
CA TYR G 86 13.73 34.57 -60.68
C TYR G 86 13.76 35.17 -62.07
N LEU G 87 14.85 34.93 -62.80
CA LEU G 87 14.90 35.23 -64.21
C LEU G 87 14.49 33.99 -64.99
N ASN G 88 13.73 34.17 -66.07
CA ASN G 88 13.32 33.06 -66.92
C ASN G 88 13.26 33.58 -68.34
N MET G 89 14.29 33.29 -69.13
CA MET G 89 14.39 33.81 -70.48
C MET G 89 14.60 32.68 -71.47
N GLU G 90 13.97 32.81 -72.63
CA GLU G 90 14.02 31.82 -73.70
C GLU G 90 14.54 32.49 -74.95
N LEU G 91 15.08 31.70 -75.88
CA LEU G 91 15.65 32.20 -77.11
C LEU G 91 15.40 31.17 -78.21
N THR G 92 14.47 31.48 -79.11
CA THR G 92 14.18 30.63 -80.26
C THR G 92 15.05 31.09 -81.42
N ILE G 93 15.91 30.19 -81.90
CA ILE G 93 16.78 30.47 -83.04
C ILE G 93 16.47 29.43 -84.11
N PRO G 94 16.21 29.81 -85.35
CA PRO G 94 15.97 28.82 -86.39
C PRO G 94 17.25 28.10 -86.79
N ILE G 95 17.09 27.00 -87.50
CA ILE G 95 18.23 26.20 -87.93
C ILE G 95 18.95 26.81 -89.12
N PHE G 96 18.42 27.88 -89.71
CA PHE G 96 19.07 28.50 -90.85
C PHE G 96 20.09 29.55 -90.45
N ALA G 97 20.20 29.86 -89.16
CA ALA G 97 21.06 30.95 -88.73
C ALA G 97 22.51 30.50 -88.69
N THR G 98 23.36 31.21 -89.43
CA THR G 98 24.78 30.89 -89.47
C THR G 98 25.48 31.40 -88.22
N ASN G 99 26.77 31.08 -88.10
CA ASN G 99 27.53 31.53 -86.95
C ASN G 99 27.82 33.03 -86.99
N SER G 100 27.73 33.63 -88.18
CA SER G 100 27.79 35.08 -88.26
C SER G 100 26.46 35.72 -87.86
N ASP G 101 25.40 34.92 -87.83
CA ASP G 101 24.09 35.42 -87.39
C ASP G 101 23.82 35.07 -85.94
N CYS G 102 24.40 33.97 -85.45
CA CYS G 102 24.22 33.61 -84.05
C CYS G 102 25.00 34.56 -83.15
N GLU G 103 26.14 35.06 -83.62
CA GLU G 103 26.89 36.04 -82.84
C GLU G 103 26.19 37.40 -82.85
N LEU G 104 25.36 37.64 -83.86
CA LEU G 104 24.59 38.88 -83.91
C LEU G 104 23.47 38.88 -82.89
N ILE G 105 22.92 37.70 -82.58
CA ILE G 105 21.83 37.60 -81.62
C ILE G 105 22.35 37.87 -80.22
N VAL G 106 23.54 37.38 -79.91
CA VAL G 106 24.12 37.58 -78.58
C VAL G 106 24.58 39.03 -78.43
N LYS G 107 24.94 39.69 -79.54
CA LYS G 107 25.20 41.12 -79.49
C LYS G 107 23.94 41.92 -79.21
N ALA G 108 22.76 41.37 -79.51
CA ALA G 108 21.53 42.06 -79.18
C ALA G 108 21.24 41.96 -77.68
N MET G 109 21.52 40.81 -77.08
CA MET G 109 21.27 40.65 -75.66
C MET G 109 22.29 41.41 -74.82
N GLN G 110 23.54 41.46 -75.28
CA GLN G 110 24.54 42.26 -74.58
C GLN G 110 24.29 43.75 -74.75
N GLY G 111 23.77 44.17 -75.89
CA GLY G 111 23.45 45.57 -76.07
C GLY G 111 22.16 45.97 -75.36
N LEU G 112 21.30 44.99 -75.07
CA LEU G 112 20.04 45.30 -74.41
C LEU G 112 20.27 45.65 -72.95
N LEU G 113 21.17 44.92 -72.29
CA LEU G 113 21.39 45.04 -70.86
C LEU G 113 22.64 45.82 -70.50
N LYS G 114 23.23 46.54 -71.45
CA LYS G 114 24.41 47.34 -71.17
C LYS G 114 24.05 48.50 -70.24
N ASP G 115 24.94 48.80 -69.30
CA ASP G 115 24.72 49.82 -68.29
C ASP G 115 24.57 51.20 -68.92
N GLY G 116 23.35 51.73 -68.87
CA GLY G 116 22.97 52.96 -69.51
C GLY G 116 21.71 52.87 -70.34
N ASN G 117 21.42 51.68 -70.87
CA ASN G 117 20.23 51.47 -71.67
C ASN G 117 18.99 51.52 -70.78
N PRO G 118 17.81 51.82 -71.35
CA PRO G 118 16.63 52.07 -70.49
C PRO G 118 16.10 50.85 -69.74
N ILE G 119 16.23 49.64 -70.28
CA ILE G 119 15.75 48.46 -69.57
C ILE G 119 16.62 48.10 -68.36
N PRO G 120 17.97 48.10 -68.43
CA PRO G 120 18.71 47.89 -67.17
C PRO G 120 18.80 49.10 -66.28
N SER G 121 18.32 50.27 -66.73
CA SER G 121 18.20 51.38 -65.81
C SER G 121 16.81 51.48 -65.19
N ALA G 122 15.86 50.67 -65.66
CA ALA G 122 14.56 50.61 -65.03
C ALA G 122 14.52 49.51 -63.98
N ILE G 123 15.23 48.41 -64.22
CA ILE G 123 15.31 47.34 -63.24
C ILE G 123 16.13 47.80 -62.04
N ALA G 124 17.18 48.58 -62.29
CA ALA G 124 18.10 49.00 -61.24
C ALA G 124 17.54 50.13 -60.38
N ALA G 125 16.32 50.59 -60.61
CA ALA G 125 15.75 51.69 -59.85
C ALA G 125 14.29 51.45 -59.50
N ASN G 126 13.84 50.19 -59.59
CA ASN G 126 12.47 49.76 -59.27
C ASN G 126 11.41 50.53 -60.06
N SER G 127 11.73 50.84 -61.31
CA SER G 127 10.88 51.71 -62.11
C SER G 127 10.44 50.98 -63.36
N GLY G 128 9.38 51.49 -63.97
CA GLY G 128 8.95 51.06 -65.28
C GLY G 128 9.49 51.95 -66.38
N ILE G 129 8.90 51.84 -67.54
CA ILE G 129 9.30 52.66 -68.67
C ILE G 129 8.52 53.97 -68.62
N TYR G 130 9.25 55.07 -68.50
CA TYR G 130 8.61 56.37 -68.41
C TYR G 130 9.22 57.37 -69.39
N ALA H 2 39.68 -10.08 -25.34
CA ALA H 2 39.74 -8.97 -26.29
C ALA H 2 38.48 -8.90 -27.14
N SER H 3 38.11 -7.69 -27.52
CA SER H 3 36.91 -7.45 -28.32
C SER H 3 37.11 -6.19 -29.14
N ASN H 4 36.62 -6.17 -30.38
CA ASN H 4 36.76 -5.00 -31.24
C ASN H 4 35.69 -3.96 -30.98
N PHE H 5 34.61 -4.33 -30.29
CA PHE H 5 33.48 -3.44 -30.01
C PHE H 5 33.90 -2.47 -28.91
N THR H 6 34.72 -1.48 -29.30
CA THR H 6 35.38 -0.57 -28.37
C THR H 6 35.17 0.88 -28.77
N GLN H 7 35.87 1.73 -28.03
CA GLN H 7 35.85 3.18 -28.20
C GLN H 7 36.90 3.63 -29.20
N PHE H 8 36.51 4.56 -30.07
CA PHE H 8 37.47 5.19 -30.97
C PHE H 8 37.05 6.63 -31.22
N VAL H 9 37.94 7.38 -31.88
CA VAL H 9 37.71 8.78 -32.18
C VAL H 9 37.05 8.86 -33.56
N LEU H 10 36.05 9.75 -33.69
CA LEU H 10 35.34 9.85 -34.96
C LEU H 10 35.76 11.08 -35.74
N VAL H 11 35.74 12.25 -35.12
CA VAL H 11 36.14 13.50 -35.74
C VAL H 11 37.48 13.89 -35.12
N ASP H 12 38.49 14.10 -35.96
CA ASP H 12 39.83 14.43 -35.50
C ASP H 12 40.00 15.94 -35.57
N ASN H 13 39.57 16.64 -34.51
CA ASN H 13 39.69 18.10 -34.45
C ASN H 13 40.98 18.54 -33.77
N GLY H 14 42.11 17.98 -34.19
CA GLY H 14 43.42 18.39 -33.71
C GLY H 14 43.68 18.27 -32.22
N GLY H 15 43.01 17.34 -31.55
CA GLY H 15 43.18 17.19 -30.12
C GLY H 15 42.19 17.96 -29.28
N THR H 16 41.98 19.24 -29.60
CA THR H 16 41.06 20.09 -28.85
C THR H 16 39.70 20.03 -29.53
N GLY H 17 38.78 19.31 -28.91
CA GLY H 17 37.45 19.16 -29.46
C GLY H 17 37.25 17.93 -30.31
N ASP H 18 38.01 16.87 -30.06
CA ASP H 18 37.77 15.60 -30.73
C ASP H 18 36.45 15.01 -30.28
N VAL H 19 35.75 14.33 -31.17
CA VAL H 19 34.54 13.61 -30.83
C VAL H 19 34.87 12.13 -30.81
N THR H 20 35.00 11.58 -29.60
CA THR H 20 35.15 10.15 -29.43
C THR H 20 33.77 9.53 -29.46
N VAL H 21 33.72 8.22 -29.63
CA VAL H 21 32.45 7.52 -29.77
C VAL H 21 32.48 6.29 -28.85
N ALA H 22 31.36 6.00 -28.22
CA ALA H 22 31.34 5.05 -27.12
C ALA H 22 30.36 3.92 -27.39
N PRO H 23 30.73 2.68 -27.06
CA PRO H 23 29.82 1.55 -27.31
C PRO H 23 28.64 1.57 -26.35
N SER H 24 27.45 1.42 -26.90
CA SER H 24 26.27 1.41 -26.06
C SER H 24 25.50 0.09 -26.13
N ASN H 25 25.17 -0.35 -27.34
CA ASN H 25 24.19 -1.39 -27.52
C ASN H 25 24.70 -2.40 -28.55
N PHE H 26 24.26 -3.66 -28.42
CA PHE H 26 24.49 -4.69 -29.41
C PHE H 26 23.23 -5.54 -29.63
N ALA H 27 22.09 -4.89 -29.82
CA ALA H 27 20.85 -5.64 -29.92
C ALA H 27 20.58 -6.08 -31.36
N ASN H 28 20.00 -7.27 -31.50
CA ASN H 28 19.49 -7.86 -32.74
C ASN H 28 20.55 -8.03 -33.82
N GLY H 29 21.82 -8.14 -33.46
CA GLY H 29 22.88 -8.29 -34.43
C GLY H 29 23.42 -7.01 -34.99
N VAL H 30 22.79 -5.87 -34.69
CA VAL H 30 23.24 -4.56 -35.17
C VAL H 30 24.03 -3.90 -34.06
N ALA H 31 25.32 -3.71 -34.29
CA ALA H 31 26.16 -2.99 -33.35
C ALA H 31 25.81 -1.50 -33.37
N GLU H 32 26.14 -0.80 -32.29
CA GLU H 32 25.77 0.60 -32.18
C GLU H 32 26.72 1.35 -31.27
N TRP H 33 27.22 2.46 -31.79
CA TRP H 33 28.08 3.39 -31.07
C TRP H 33 27.31 4.68 -30.84
N ILE H 34 27.87 5.55 -29.99
CA ILE H 34 27.25 6.81 -29.63
C ILE H 34 28.34 7.73 -29.07
N SER H 35 28.19 9.03 -29.28
CA SER H 35 29.23 9.98 -28.93
C SER H 35 29.31 10.16 -27.41
N SER H 36 30.29 10.95 -27.00
CA SER H 36 30.57 11.13 -25.58
C SER H 36 29.50 11.98 -24.91
N ASN H 37 29.61 12.09 -23.59
CA ASN H 37 28.70 12.91 -22.81
C ASN H 37 29.02 14.39 -23.03
N SER H 38 28.01 15.14 -23.47
CA SER H 38 28.17 16.57 -23.71
C SER H 38 26.79 17.22 -23.70
N ARG H 39 26.77 18.52 -23.97
CA ARG H 39 25.55 19.31 -23.99
C ARG H 39 24.92 19.40 -25.37
N SER H 40 25.10 18.39 -26.22
CA SER H 40 24.63 18.44 -27.60
C SER H 40 23.82 17.20 -27.93
N GLN H 41 23.33 17.17 -29.16
CA GLN H 41 22.77 15.94 -29.73
C GLN H 41 23.89 14.94 -29.98
N ALA H 42 23.56 13.66 -29.92
CA ALA H 42 24.58 12.62 -29.98
C ALA H 42 24.73 12.06 -31.38
N TYR H 43 25.91 11.53 -31.65
CA TYR H 43 26.17 10.86 -32.93
C TYR H 43 25.75 9.39 -32.83
N LYS H 44 25.65 8.74 -33.98
CA LYS H 44 25.37 7.31 -34.06
C LYS H 44 26.26 6.68 -35.11
N VAL H 45 26.85 5.53 -34.78
CA VAL H 45 27.59 4.71 -35.73
C VAL H 45 27.12 3.27 -35.56
N THR H 46 26.64 2.67 -36.64
CA THR H 46 26.19 1.28 -36.55
C THR H 46 27.00 0.42 -37.51
N CYS H 47 26.92 -0.89 -37.31
CA CYS H 47 27.66 -1.87 -38.10
C CYS H 47 26.98 -3.22 -37.98
N SER H 48 26.44 -3.71 -39.08
CA SER H 48 25.77 -5.00 -39.06
C SER H 48 26.22 -5.83 -40.25
N VAL H 49 26.58 -7.08 -39.98
CA VAL H 49 27.15 -7.98 -40.96
C VAL H 49 26.13 -9.08 -41.22
N ARG H 50 25.97 -9.47 -42.47
CA ARG H 50 25.00 -10.50 -42.80
C ARG H 50 25.46 -11.29 -44.01
N GLN H 51 24.91 -12.50 -44.14
CA GLN H 51 25.16 -13.38 -45.28
C GLN H 51 23.93 -13.31 -46.18
N SER H 52 23.99 -12.46 -47.20
CA SER H 52 22.81 -12.21 -48.02
C SER H 52 22.53 -13.36 -48.98
N SER H 53 23.46 -13.64 -49.87
CA SER H 53 23.35 -14.73 -50.80
C SER H 53 24.34 -15.83 -50.41
N ALA H 54 24.43 -16.87 -51.24
CA ALA H 54 25.30 -17.99 -50.91
C ALA H 54 26.77 -17.69 -51.18
N GLN H 55 27.05 -16.58 -51.87
CA GLN H 55 28.41 -16.24 -52.26
C GLN H 55 28.77 -14.78 -51.98
N ASN H 56 28.06 -14.12 -51.08
CA ASN H 56 28.30 -12.71 -50.79
C ASN H 56 28.20 -12.44 -49.29
N ARG H 57 28.95 -11.45 -48.82
CA ARG H 57 28.87 -10.94 -47.46
C ARG H 57 28.75 -9.42 -47.53
N LYS H 58 27.86 -8.86 -46.70
CA LYS H 58 27.54 -7.44 -46.78
C LYS H 58 27.79 -6.77 -45.44
N TYR H 59 28.38 -5.58 -45.49
CA TYR H 59 28.66 -4.77 -44.31
C TYR H 59 27.88 -3.47 -44.43
N THR H 60 27.01 -3.18 -43.46
CA THR H 60 26.20 -1.97 -43.47
C THR H 60 26.67 -1.03 -42.37
N ILE H 61 27.06 0.19 -42.74
CA ILE H 61 27.53 1.20 -41.80
C ILE H 61 26.65 2.43 -41.95
N LYS H 62 26.15 2.96 -40.84
CA LYS H 62 25.33 4.15 -40.85
C LYS H 62 25.84 5.16 -39.83
N VAL H 63 26.08 6.38 -40.30
CA VAL H 63 26.63 7.47 -39.48
C VAL H 63 25.67 8.66 -39.57
N GLU H 64 25.37 9.26 -38.41
CA GLU H 64 24.50 10.42 -38.36
C GLU H 64 25.25 11.60 -37.74
N VAL H 65 25.07 12.78 -38.31
CA VAL H 65 25.70 14.00 -37.81
C VAL H 65 24.65 15.08 -37.63
N PRO H 66 24.26 15.41 -36.40
CA PRO H 66 23.32 16.53 -36.18
C PRO H 66 24.00 17.84 -35.87
N LYS H 67 23.29 18.95 -36.11
CA LYS H 67 23.68 20.28 -35.66
C LYS H 67 22.45 21.00 -35.14
N VAL H 68 22.57 21.62 -33.97
CA VAL H 68 21.48 22.37 -33.34
C VAL H 68 22.02 23.73 -32.93
N ALA H 69 21.34 24.80 -33.35
CA ALA H 69 21.75 26.16 -33.06
C ALA H 69 20.62 26.88 -32.33
N THR H 70 20.96 27.54 -31.22
CA THR H 70 19.99 28.19 -30.35
C THR H 70 20.30 29.67 -30.23
N GLN H 71 19.26 30.49 -30.15
CA GLN H 71 19.39 31.92 -29.90
C GLN H 71 18.63 32.27 -28.62
N THR H 72 19.01 33.37 -27.99
CA THR H 72 18.38 33.82 -26.75
C THR H 72 17.34 34.89 -27.07
N VAL H 73 16.07 34.48 -27.15
CA VAL H 73 14.98 35.37 -27.51
C VAL H 73 13.96 35.38 -26.38
N GLY H 74 13.89 36.52 -25.68
CA GLY H 74 12.93 36.64 -24.60
C GLY H 74 13.33 35.92 -23.33
N GLY H 75 14.63 35.83 -23.05
CA GLY H 75 15.09 35.24 -21.80
C GLY H 75 15.01 33.74 -21.73
N VAL H 76 14.89 33.06 -22.88
CA VAL H 76 14.94 31.61 -22.96
C VAL H 76 15.94 31.22 -24.03
N GLU H 77 16.25 29.93 -24.10
CA GLU H 77 17.14 29.37 -25.11
C GLU H 77 16.32 28.50 -26.06
N LEU H 78 15.76 29.12 -27.08
CA LEU H 78 14.93 28.40 -28.03
C LEU H 78 15.80 27.81 -29.14
N PRO H 79 15.54 26.56 -29.53
CA PRO H 79 16.28 25.98 -30.67
C PRO H 79 15.84 26.55 -32.00
N VAL H 80 16.77 27.14 -32.75
CA VAL H 80 16.41 27.80 -34.00
C VAL H 80 16.47 26.82 -35.17
N ALA H 81 17.63 26.21 -35.40
CA ALA H 81 17.82 25.33 -36.54
C ALA H 81 18.21 23.94 -36.06
N ALA H 82 17.65 22.93 -36.71
CA ALA H 82 17.91 21.54 -36.38
C ALA H 82 17.85 20.71 -37.64
N TRP H 83 18.95 20.02 -37.94
CA TRP H 83 19.03 19.17 -39.11
C TRP H 83 20.04 18.06 -38.87
N ARG H 84 20.01 17.06 -39.73
CA ARG H 84 20.97 15.97 -39.70
C ARG H 84 21.43 15.67 -41.12
N SER H 85 22.69 15.24 -41.24
CA SER H 85 23.20 14.66 -42.46
C SER H 85 23.62 13.24 -42.16
N TYR H 86 23.38 12.35 -43.11
CA TYR H 86 23.54 10.93 -42.90
C TYR H 86 24.74 10.39 -43.66
N LEU H 87 24.99 9.10 -43.47
CA LEU H 87 25.94 8.35 -44.26
C LEU H 87 25.44 6.92 -44.31
N ASN H 88 25.51 6.30 -45.48
CA ASN H 88 24.89 5.00 -45.69
C ASN H 88 25.69 4.27 -46.76
N MET H 89 26.42 3.24 -46.36
CA MET H 89 27.20 2.46 -47.31
C MET H 89 26.98 0.97 -47.07
N GLU H 90 26.97 0.22 -48.16
CA GLU H 90 27.02 -1.24 -48.13
C GLU H 90 28.32 -1.67 -48.78
N LEU H 91 28.76 -2.89 -48.48
CA LEU H 91 30.00 -3.43 -49.00
C LEU H 91 29.82 -4.91 -49.28
N THR H 92 29.48 -5.24 -50.51
CA THR H 92 29.28 -6.63 -50.91
C THR H 92 30.64 -7.22 -51.25
N ILE H 93 31.04 -8.23 -50.49
CA ILE H 93 32.33 -8.90 -50.65
C ILE H 93 32.05 -10.36 -50.98
N PRO H 94 32.65 -10.92 -52.02
CA PRO H 94 32.50 -12.35 -52.28
C PRO H 94 33.23 -13.17 -51.23
N ILE H 95 32.80 -14.42 -51.06
CA ILE H 95 33.42 -15.26 -50.05
C ILE H 95 34.71 -15.90 -50.55
N PHE H 96 35.16 -15.55 -51.74
CA PHE H 96 36.45 -15.99 -52.24
C PHE H 96 37.53 -14.95 -52.03
N ALA H 97 37.34 -14.02 -51.10
CA ALA H 97 38.27 -12.92 -50.90
C ALA H 97 39.28 -13.28 -49.83
N THR H 98 40.56 -13.13 -50.17
CA THR H 98 41.64 -13.39 -49.22
C THR H 98 41.65 -12.26 -48.18
N ASN H 99 42.27 -12.53 -47.02
CA ASN H 99 42.48 -11.49 -46.02
C ASN H 99 43.38 -10.38 -46.55
N SER H 100 44.33 -10.71 -47.42
CA SER H 100 45.12 -9.67 -48.08
C SER H 100 44.30 -8.96 -49.15
N ASP H 101 43.23 -9.59 -49.64
CA ASP H 101 42.34 -8.92 -50.57
C ASP H 101 41.33 -8.06 -49.83
N CYS H 102 41.12 -8.32 -48.54
CA CYS H 102 40.27 -7.44 -47.74
C CYS H 102 41.05 -6.25 -47.23
N GLU H 103 42.38 -6.33 -47.22
CA GLU H 103 43.20 -5.16 -46.94
C GLU H 103 43.21 -4.21 -48.11
N LEU H 104 42.89 -4.70 -49.30
CA LEU H 104 42.89 -3.86 -50.50
C LEU H 104 41.59 -3.09 -50.61
N ILE H 105 40.49 -3.66 -50.12
CA ILE H 105 39.19 -2.99 -50.17
C ILE H 105 39.16 -1.83 -49.19
N VAL H 106 39.77 -2.01 -48.02
CA VAL H 106 39.81 -0.96 -47.01
C VAL H 106 40.69 0.20 -47.47
N LYS H 107 41.83 -0.10 -48.09
CA LYS H 107 42.69 0.95 -48.63
C LYS H 107 42.05 1.63 -49.84
N ALA H 108 41.14 0.93 -50.52
CA ALA H 108 40.41 1.54 -51.62
C ALA H 108 39.43 2.58 -51.10
N MET H 109 38.87 2.36 -49.91
CA MET H 109 37.98 3.35 -49.32
C MET H 109 38.75 4.44 -48.59
N GLN H 110 39.89 4.10 -48.00
CA GLN H 110 40.70 5.10 -47.31
C GLN H 110 41.36 6.07 -48.27
N GLY H 111 41.77 5.59 -49.44
CA GLY H 111 42.39 6.48 -50.41
C GLY H 111 41.38 7.32 -51.15
N LEU H 112 40.10 6.93 -51.08
CA LEU H 112 39.04 7.67 -51.77
C LEU H 112 38.78 9.00 -51.09
N LEU H 113 38.87 9.04 -49.76
CA LEU H 113 38.52 10.21 -48.98
C LEU H 113 39.72 10.90 -48.36
N LYS H 114 40.93 10.64 -48.87
CA LYS H 114 42.10 11.35 -48.40
C LYS H 114 42.04 12.81 -48.84
N ASP H 115 42.51 13.71 -47.97
CA ASP H 115 42.41 15.14 -48.21
C ASP H 115 43.25 15.56 -49.42
N GLY H 116 42.59 16.16 -50.40
CA GLY H 116 43.20 16.50 -51.66
C GLY H 116 42.61 15.80 -52.86
N ASN H 117 41.99 14.63 -52.66
CA ASN H 117 41.35 13.90 -53.74
C ASN H 117 40.02 14.56 -54.08
N PRO H 118 39.50 14.37 -55.31
CA PRO H 118 38.34 15.17 -55.75
C PRO H 118 37.03 14.93 -55.00
N ILE H 119 36.78 13.72 -54.53
CA ILE H 119 35.50 13.43 -53.86
C ILE H 119 35.39 14.10 -52.48
N PRO H 120 36.42 14.12 -51.63
CA PRO H 120 36.33 15.05 -50.48
C PRO H 120 36.51 16.50 -50.86
N SER H 121 37.08 16.79 -52.02
CA SER H 121 37.15 18.19 -52.47
C SER H 121 35.78 18.67 -52.94
N ALA H 122 34.94 17.75 -53.40
CA ALA H 122 33.62 18.13 -53.89
C ALA H 122 32.64 18.36 -52.74
N ILE H 123 32.76 17.55 -51.68
CA ILE H 123 31.81 17.66 -50.57
C ILE H 123 32.13 18.89 -49.72
N ALA H 124 33.42 19.16 -49.52
CA ALA H 124 33.83 20.23 -48.61
C ALA H 124 33.66 21.63 -49.20
N ALA H 125 33.22 21.74 -50.46
CA ALA H 125 33.05 23.04 -51.08
C ALA H 125 31.65 23.23 -51.66
N ASN H 126 30.72 22.32 -51.35
CA ASN H 126 29.34 22.31 -51.87
C ASN H 126 29.31 22.33 -53.38
N SER H 127 30.18 21.55 -54.00
CA SER H 127 30.33 21.53 -55.45
C SER H 127 30.20 20.11 -55.97
N GLY H 128 30.15 19.99 -57.29
CA GLY H 128 30.18 18.71 -57.95
C GLY H 128 31.52 18.45 -58.62
N ILE H 129 31.56 17.40 -59.43
CA ILE H 129 32.73 17.06 -60.22
C ILE H 129 32.58 17.67 -61.60
N TYR H 130 33.36 18.71 -61.88
CA TYR H 130 33.29 19.37 -63.17
C TYR H 130 34.65 19.35 -63.86
N MET I 1 15.42 -20.31 -2.13
CA MET I 1 15.41 -20.41 -0.68
C MET I 1 14.30 -21.31 -0.19
N ARG I 2 14.66 -22.53 0.19
CA ARG I 2 13.73 -23.40 0.86
C ARG I 2 13.69 -23.10 2.34
N ALA I 3 12.76 -23.74 3.04
CA ALA I 3 12.55 -23.44 4.45
C ALA I 3 13.63 -24.07 5.32
N PHE I 4 13.86 -23.46 6.47
CA PHE I 4 14.83 -23.93 7.44
C PHE I 4 14.49 -23.31 8.79
N SER I 5 14.72 -24.08 9.85
CA SER I 5 14.40 -23.66 11.20
C SER I 5 15.68 -23.30 11.94
N THR I 6 15.55 -22.39 12.90
CA THR I 6 16.69 -21.91 13.67
C THR I 6 16.62 -22.32 15.14
N LEU I 7 15.51 -22.90 15.58
CA LEU I 7 15.41 -23.44 16.94
C LEU I 7 16.26 -24.70 17.02
N ASP I 8 17.35 -24.62 17.76
CA ASP I 8 18.29 -25.75 17.86
C ASP I 8 17.65 -26.89 18.64
N ARG I 9 17.40 -28.00 17.96
CA ARG I 9 16.83 -29.18 18.60
C ARG I 9 17.89 -30.27 18.65
N GLU I 10 17.74 -31.17 19.63
CA GLU I 10 18.71 -32.24 19.86
C GLU I 10 17.97 -33.55 20.01
N ASN I 11 18.36 -34.54 19.22
CA ASN I 11 17.81 -35.89 19.31
C ASN I 11 18.81 -36.79 20.00
N GLU I 12 18.36 -38.00 20.33
CA GLU I 12 19.18 -39.04 20.93
C GLU I 12 18.73 -40.38 20.40
N THR I 13 19.60 -41.05 19.65
CA THR I 13 19.28 -42.35 19.06
C THR I 13 20.17 -43.42 19.69
N PHE I 14 19.54 -44.51 20.11
CA PHE I 14 20.30 -45.61 20.69
C PHE I 14 20.84 -46.52 19.59
N VAL I 15 21.76 -47.39 19.97
CA VAL I 15 22.33 -48.35 19.04
C VAL I 15 21.89 -49.76 19.41
N TYR I 35 25.18 -34.18 19.69
CA TYR I 35 24.31 -34.52 18.58
C TYR I 35 23.16 -33.52 18.49
N ARG I 36 23.33 -32.49 17.69
CA ARG I 36 22.25 -31.60 17.33
C ARG I 36 21.59 -32.12 16.05
N SER I 37 20.30 -31.80 15.89
CA SER I 37 19.67 -32.09 14.62
C SER I 37 19.77 -30.90 13.67
N ASN I 38 19.82 -29.69 14.21
CA ASN I 38 20.09 -28.51 13.38
C ASN I 38 20.90 -27.50 14.18
N TRP I 39 21.40 -26.48 13.49
CA TRP I 39 22.21 -25.45 14.11
C TRP I 39 22.15 -24.18 13.30
N THR I 40 22.11 -23.04 13.99
CA THR I 40 22.12 -21.73 13.37
C THR I 40 23.01 -20.79 14.16
N PRO I 41 23.89 -20.03 13.51
CA PRO I 41 24.64 -18.99 14.22
C PRO I 41 23.76 -17.81 14.62
N GLY I 42 24.38 -16.78 15.17
CA GLY I 42 23.64 -15.59 15.55
C GLY I 42 23.05 -14.86 14.35
N ARG I 43 21.95 -14.18 14.61
CA ARG I 43 21.26 -13.37 13.61
C ARG I 43 22.13 -12.15 13.30
N PHE I 44 22.82 -12.19 12.17
CA PHE I 44 23.78 -11.16 11.80
C PHE I 44 23.03 -9.99 11.17
N ASN I 45 22.65 -9.01 11.98
CA ASN I 45 21.90 -7.85 11.54
C ASN I 45 22.83 -6.67 11.36
N SER I 46 22.86 -6.12 10.15
CA SER I 46 23.52 -4.86 9.88
C SER I 46 22.47 -3.90 9.32
N THR I 47 22.75 -2.61 9.47
CA THR I 47 21.87 -1.58 8.96
C THR I 47 22.56 -0.83 7.83
N GLY I 48 21.76 -0.14 7.04
CA GLY I 48 22.28 0.64 5.93
C GLY I 48 22.09 2.13 6.14
N ALA I 49 22.81 2.91 5.36
CA ALA I 49 22.68 4.35 5.43
C ALA I 49 21.38 4.80 4.78
N LYS I 50 21.02 6.06 5.02
CA LYS I 50 19.78 6.62 4.52
C LYS I 50 19.95 8.09 4.23
N THR I 51 19.88 8.46 2.96
CA THR I 51 19.83 9.85 2.54
C THR I 51 18.41 10.17 2.10
N LYS I 52 18.18 11.44 1.76
CA LYS I 52 16.82 11.89 1.51
C LYS I 52 16.30 11.42 0.15
N GLN I 53 17.20 11.04 -0.76
CA GLN I 53 16.76 10.59 -2.07
C GLN I 53 16.63 9.06 -2.12
N TRP I 54 17.62 8.34 -1.60
CA TRP I 54 17.65 6.90 -1.79
C TRP I 54 18.19 6.24 -0.53
N HIS I 55 17.75 5.01 -0.27
CA HIS I 55 18.07 4.28 0.96
C HIS I 55 19.11 3.21 0.63
N TYR I 56 20.27 3.29 1.30
CA TYR I 56 21.38 2.39 0.97
C TYR I 56 21.13 0.99 1.52
N PRO I 57 21.67 -0.04 0.85
CA PRO I 57 21.47 -1.41 1.33
C PRO I 57 22.43 -1.77 2.45
N SER I 58 22.38 -3.04 2.85
CA SER I 58 23.09 -3.51 4.03
C SER I 58 23.43 -4.99 3.93
N PRO I 59 24.56 -5.40 4.47
CA PRO I 59 24.89 -6.84 4.49
C PRO I 59 24.01 -7.59 5.48
N TYR I 60 23.86 -8.88 5.22
CA TYR I 60 22.93 -9.73 5.96
C TYR I 60 23.25 -11.17 5.61
N SER I 61 23.14 -12.06 6.61
CA SER I 61 23.47 -13.47 6.38
C SER I 61 22.77 -14.36 7.40
N ARG I 62 22.03 -15.35 6.90
CA ARG I 62 21.47 -16.41 7.74
C ARG I 62 21.55 -17.74 6.99
N GLY I 63 21.57 -18.82 7.76
CA GLY I 63 21.58 -20.16 7.19
C GLY I 63 21.31 -21.17 8.28
N ALA I 64 21.42 -22.45 7.92
CA ALA I 64 21.20 -23.52 8.88
C ALA I 64 21.88 -24.80 8.41
N LEU I 65 22.89 -25.22 9.16
CA LEU I 65 23.38 -26.59 9.12
C LEU I 65 22.40 -27.48 9.87
N SER I 66 22.05 -28.62 9.28
CA SER I 66 21.07 -29.49 9.89
C SER I 66 21.33 -30.93 9.49
N VAL I 67 21.31 -31.82 10.48
CA VAL I 67 21.53 -33.26 10.29
C VAL I 67 20.20 -33.96 10.51
N THR I 68 19.71 -34.65 9.49
CA THR I 68 18.37 -35.21 9.54
C THR I 68 18.36 -36.64 10.05
N SER I 69 19.23 -37.51 9.53
CA SER I 69 19.12 -38.93 9.82
C SER I 69 20.50 -39.53 10.05
N ILE I 70 20.51 -40.65 10.75
CA ILE I 70 21.74 -41.42 10.98
C ILE I 70 21.57 -42.85 10.47
N PHE I 94 27.85 -44.21 17.22
CA PHE I 94 28.01 -43.35 16.05
C PHE I 94 27.06 -42.16 16.13
N SER I 95 27.61 -40.95 16.11
CA SER I 95 26.83 -39.73 16.28
C SER I 95 27.61 -38.55 15.71
N LEU I 96 26.91 -37.64 15.05
CA LEU I 96 27.54 -36.46 14.47
C LEU I 96 27.10 -35.19 15.18
N ASP I 97 27.89 -34.14 15.02
CA ASP I 97 27.55 -32.80 15.49
C ASP I 97 27.09 -32.01 14.29
N ALA I 98 25.92 -31.36 14.41
CA ALA I 98 25.36 -30.62 13.29
C ALA I 98 26.12 -29.32 13.04
N ARG I 99 26.83 -28.81 14.04
CA ARG I 99 27.61 -27.59 13.84
C ARG I 99 28.85 -27.87 13.01
N SER I 100 29.47 -29.03 13.19
CA SER I 100 30.72 -29.33 12.52
C SER I 100 30.55 -29.83 11.09
N CYS I 101 29.34 -29.74 10.51
CA CYS I 101 29.13 -30.18 9.15
C CYS I 101 29.43 -29.10 8.12
N TYR I 102 30.08 -28.01 8.51
CA TYR I 102 30.48 -27.00 7.54
C TYR I 102 31.65 -27.47 6.69
N SER I 103 32.37 -28.51 7.14
CA SER I 103 33.54 -28.97 6.41
C SER I 103 33.18 -29.74 5.16
N LEU I 104 31.93 -30.20 5.05
CA LEU I 104 31.50 -30.91 3.85
C LEU I 104 31.32 -29.95 2.69
N PHE I 105 30.47 -29.06 2.82
CA PHE I 105 29.92 -27.93 2.11
C PHE I 105 30.97 -26.85 1.91
N PRO I 106 30.93 -26.07 0.83
CA PRO I 106 31.96 -25.05 0.62
C PRO I 106 31.68 -23.74 1.36
N VAL I 107 31.37 -23.83 2.65
CA VAL I 107 30.88 -22.69 3.43
C VAL I 107 31.81 -22.52 4.62
N SER I 108 32.04 -21.27 5.04
CA SER I 108 32.77 -21.00 6.27
C SER I 108 31.92 -21.34 7.49
N GLN I 109 32.54 -21.18 8.67
CA GLN I 109 31.89 -21.56 9.93
C GLN I 109 30.73 -20.63 10.25
N ASN I 110 30.88 -19.33 9.97
CA ASN I 110 29.84 -18.36 10.30
C ASN I 110 28.63 -18.44 9.38
N LEU I 111 28.68 -19.30 8.36
CA LEU I 111 27.75 -19.43 7.24
C LEU I 111 27.63 -18.15 6.43
N THR I 112 28.62 -17.25 6.49
CA THR I 112 28.57 -16.02 5.72
C THR I 112 29.23 -16.21 4.36
N TYR I 113 30.51 -16.57 4.36
CA TYR I 113 31.25 -16.65 3.10
C TYR I 113 30.92 -17.95 2.38
N ILE I 114 30.61 -17.83 1.09
CA ILE I 114 30.25 -18.96 0.25
C ILE I 114 31.07 -18.87 -1.03
N GLU I 115 31.87 -19.89 -1.33
CA GLU I 115 32.61 -19.88 -2.57
C GLU I 115 31.69 -20.15 -3.75
N VAL I 116 31.46 -19.13 -4.55
CA VAL I 116 30.67 -19.24 -5.77
C VAL I 116 31.66 -19.61 -6.87
N PRO I 117 31.30 -20.45 -7.84
CA PRO I 117 32.23 -20.74 -8.94
C PRO I 117 32.43 -19.53 -9.83
N GLN I 118 33.61 -19.47 -10.45
CA GLN I 118 33.89 -18.37 -11.37
C GLN I 118 33.10 -18.50 -12.66
N ASN I 119 32.61 -19.70 -12.97
CA ASN I 119 31.71 -19.84 -14.11
C ASN I 119 30.28 -19.48 -13.74
N VAL I 120 30.02 -19.22 -12.46
CA VAL I 120 28.72 -18.70 -12.04
C VAL I 120 28.80 -17.20 -11.84
N ALA I 121 29.91 -16.71 -11.28
CA ALA I 121 30.07 -15.29 -11.02
C ALA I 121 30.25 -14.50 -12.31
N ASN I 122 30.99 -15.06 -13.27
CA ASN I 122 31.23 -14.33 -14.51
C ASN I 122 30.04 -14.40 -15.45
N ARG I 123 29.24 -15.46 -15.40
CA ARG I 123 28.02 -15.48 -16.18
C ARG I 123 26.96 -14.57 -15.60
N ALA I 124 27.00 -14.33 -14.29
CA ALA I 124 25.99 -13.48 -13.69
C ALA I 124 26.31 -12.00 -13.91
N SER I 125 27.59 -11.65 -13.94
CA SER I 125 27.97 -10.25 -14.08
C SER I 125 27.73 -9.74 -15.50
N THR I 126 27.99 -10.58 -16.50
CA THR I 126 27.86 -10.14 -17.87
C THR I 126 26.39 -10.12 -18.31
N GLU I 127 25.59 -11.05 -17.81
CA GLU I 127 24.19 -11.10 -18.21
C GLU I 127 23.37 -10.00 -17.53
N VAL I 128 23.82 -9.51 -16.37
CA VAL I 128 23.21 -8.30 -15.81
C VAL I 128 23.61 -7.10 -16.64
N LEU I 129 24.90 -6.96 -16.91
CA LEU I 129 25.42 -5.77 -17.54
C LEU I 129 25.05 -5.68 -19.03
N GLN I 130 24.67 -6.80 -19.65
CA GLN I 130 24.14 -6.67 -21.00
C GLN I 130 22.66 -6.29 -20.98
N LYS I 131 21.93 -6.61 -19.91
CA LYS I 131 20.56 -6.13 -19.80
C LYS I 131 20.52 -4.63 -19.56
N VAL I 132 21.60 -4.08 -18.99
CA VAL I 132 21.68 -2.64 -18.77
C VAL I 132 21.77 -1.90 -20.10
N THR I 133 22.63 -2.38 -21.00
CA THR I 133 22.78 -1.69 -22.28
C THR I 133 21.64 -1.99 -23.23
N GLN I 134 21.15 -3.24 -23.24
CA GLN I 134 20.12 -3.62 -24.19
C GLN I 134 18.75 -3.02 -23.87
N GLY I 135 18.57 -2.51 -22.65
CA GLY I 135 17.32 -1.85 -22.32
C GLY I 135 16.26 -2.75 -21.74
N ASN I 136 16.63 -3.90 -21.18
CA ASN I 136 15.68 -4.83 -20.58
C ASN I 136 15.81 -4.69 -19.08
N PHE I 137 14.97 -3.85 -18.48
CA PHE I 137 15.04 -3.56 -17.05
C PHE I 137 13.66 -3.07 -16.62
N ASN I 138 13.56 -2.72 -15.33
CA ASN I 138 12.34 -2.17 -14.76
C ASN I 138 12.56 -0.71 -14.41
N LEU I 139 11.46 0.02 -14.28
CA LEU I 139 11.46 1.46 -14.19
C LEU I 139 10.99 1.92 -12.82
N GLY I 140 11.53 3.04 -12.36
CA GLY I 140 11.01 3.64 -11.15
C GLY I 140 9.69 4.33 -11.39
N VAL I 141 9.10 4.84 -10.30
CA VAL I 141 7.86 5.61 -10.42
C VAL I 141 8.13 6.94 -11.10
N ALA I 142 9.32 7.49 -10.91
CA ALA I 142 9.66 8.79 -11.51
C ALA I 142 9.86 8.67 -13.02
N LEU I 143 10.14 7.47 -13.53
CA LEU I 143 10.26 7.29 -14.97
C LEU I 143 8.96 6.79 -15.59
N ALA I 144 8.14 6.07 -14.83
CA ALA I 144 6.85 5.66 -15.36
C ALA I 144 5.89 6.84 -15.46
N GLU I 145 6.17 7.92 -14.73
CA GLU I 145 5.43 9.16 -14.92
C GLU I 145 6.12 10.07 -15.93
N ALA I 146 7.41 9.83 -16.20
CA ALA I 146 8.11 10.65 -17.18
C ALA I 146 7.89 10.12 -18.59
N ARG I 147 7.85 8.80 -18.76
CA ARG I 147 7.53 8.23 -20.06
C ARG I 147 6.08 8.49 -20.43
N SER I 148 5.19 8.53 -19.44
CA SER I 148 3.78 8.77 -19.71
C SER I 148 3.54 10.21 -20.17
N THR I 149 4.24 11.16 -19.55
CA THR I 149 4.11 12.54 -20.01
C THR I 149 5.01 12.85 -21.19
N ALA I 150 5.88 11.93 -21.59
CA ALA I 150 6.56 12.00 -22.87
C ALA I 150 5.91 11.13 -23.92
N SER I 151 4.89 10.35 -23.55
CA SER I 151 4.02 9.72 -24.53
C SER I 151 2.82 10.58 -24.85
N GLN I 152 2.75 11.78 -24.30
CA GLN I 152 1.69 12.73 -24.64
C GLN I 152 2.17 13.81 -25.60
N LEU I 153 3.48 14.02 -25.71
CA LEU I 153 4.02 14.77 -26.84
C LEU I 153 3.81 13.97 -28.11
N ALA I 154 4.22 12.71 -28.08
CA ALA I 154 4.23 11.90 -29.28
C ALA I 154 2.81 11.52 -29.71
N THR I 155 1.86 11.51 -28.79
CA THR I 155 0.49 11.24 -29.18
C THR I 155 -0.11 12.45 -29.90
N GLN I 156 0.36 13.65 -29.58
CA GLN I 156 -0.23 14.86 -30.15
C GLN I 156 0.62 15.45 -31.25
N THR I 157 1.93 15.19 -31.25
CA THR I 157 2.71 15.58 -32.42
C THR I 157 2.56 14.61 -33.58
N ILE I 158 1.91 13.47 -33.38
CA ILE I 158 1.35 12.74 -34.50
C ILE I 158 0.08 13.45 -34.99
N ALA I 159 -0.67 14.06 -34.08
CA ALA I 159 -1.97 14.64 -34.44
C ALA I 159 -1.82 15.90 -35.27
N LEU I 160 -0.83 16.75 -34.97
CA LEU I 160 -0.62 17.95 -35.79
C LEU I 160 0.02 17.62 -37.11
N VAL I 161 1.10 16.83 -37.09
CA VAL I 161 1.92 16.60 -38.28
C VAL I 161 1.16 15.79 -39.32
N LYS I 162 0.31 14.85 -38.89
CA LYS I 162 -0.56 14.19 -39.85
C LYS I 162 -1.66 15.11 -40.35
N ALA I 163 -1.98 16.18 -39.62
CA ALA I 163 -2.98 17.13 -40.07
C ALA I 163 -2.34 18.30 -40.82
N TYR I 164 -1.12 18.70 -40.43
CA TYR I 164 -0.46 19.79 -41.12
C TYR I 164 0.01 19.36 -42.51
N THR I 165 0.54 18.14 -42.62
CA THR I 165 0.91 17.65 -43.94
C THR I 165 -0.31 17.23 -44.76
N ALA I 166 -1.47 17.12 -44.15
CA ALA I 166 -2.72 17.02 -44.90
C ALA I 166 -3.19 18.37 -45.42
N ALA I 167 -2.57 19.48 -44.97
CA ALA I 167 -2.93 20.79 -45.48
C ALA I 167 -2.06 21.17 -46.68
N ARG I 168 -0.77 20.81 -46.64
CA ARG I 168 0.11 21.00 -47.79
C ARG I 168 -0.38 20.21 -48.99
N ARG I 169 -0.71 18.94 -48.77
CA ARG I 169 -1.16 18.04 -49.83
C ARG I 169 -2.54 18.45 -50.35
N GLY I 170 -3.34 19.14 -49.56
CA GLY I 170 -4.64 19.58 -50.00
C GLY I 170 -5.77 18.65 -49.63
N ASN I 171 -5.49 17.50 -49.05
CA ASN I 171 -6.53 16.57 -48.64
C ASN I 171 -7.13 17.08 -47.34
N TRP I 172 -8.07 18.03 -47.45
CA TRP I 172 -8.76 18.57 -46.29
C TRP I 172 -9.75 17.59 -45.67
N ARG I 173 -10.10 16.51 -46.37
CA ARG I 173 -10.97 15.50 -45.78
C ARG I 173 -10.21 14.68 -44.72
N GLN I 174 -8.88 14.61 -44.82
CA GLN I 174 -8.10 13.93 -43.80
C GLN I 174 -7.65 14.88 -42.71
N ALA I 175 -7.59 16.18 -43.02
CA ALA I 175 -7.15 17.16 -42.03
C ALA I 175 -8.22 17.44 -40.99
N LEU I 176 -9.46 17.06 -41.24
CA LEU I 176 -10.52 17.29 -40.28
C LEU I 176 -10.73 16.11 -39.33
N ARG I 177 -10.21 14.93 -39.68
CA ARG I 177 -10.27 13.80 -38.77
C ARG I 177 -9.30 13.98 -37.62
N TYR I 178 -8.12 14.50 -37.92
CA TYR I 178 -7.01 14.49 -36.97
C TYR I 178 -7.15 15.59 -35.93
N LEU I 179 -7.99 16.58 -36.19
CA LEU I 179 -8.29 17.63 -35.23
C LEU I 179 -9.58 17.36 -34.48
N ALA I 180 -10.14 16.15 -34.60
CA ALA I 180 -11.42 15.71 -34.07
C ALA I 180 -12.58 16.58 -34.54
N LEU I 181 -12.53 17.14 -35.74
CA LEU I 181 -13.62 17.96 -36.24
C LEU I 181 -14.53 17.15 -37.15
N ASN I 182 -15.57 17.80 -37.65
CA ASN I 182 -16.54 17.17 -38.53
C ASN I 182 -16.14 17.42 -39.99
N GLU I 183 -16.19 16.37 -40.80
CA GLU I 183 -15.83 16.51 -42.21
C GLU I 183 -16.90 17.24 -43.02
N ASP I 184 -18.08 17.46 -42.45
CA ASP I 184 -19.19 18.05 -43.21
C ASP I 184 -19.00 19.54 -43.45
N ARG I 185 -18.00 20.16 -42.83
CA ARG I 185 -17.76 21.58 -43.00
C ARG I 185 -17.21 21.88 -44.39
N LYS I 186 -17.84 22.82 -45.08
CA LYS I 186 -17.30 23.39 -46.29
C LYS I 186 -16.66 24.74 -45.97
N PHE I 187 -15.58 25.06 -46.68
CA PHE I 187 -14.77 26.21 -46.30
C PHE I 187 -15.19 27.46 -47.05
N ARG I 188 -14.80 28.61 -46.51
CA ARG I 188 -15.20 29.88 -47.10
C ARG I 188 -14.08 30.48 -47.95
N SER I 189 -12.84 30.37 -47.50
CA SER I 189 -11.70 30.86 -48.25
C SER I 189 -11.18 29.77 -49.17
N LYS I 190 -10.43 30.17 -50.20
CA LYS I 190 -9.98 29.22 -51.21
C LYS I 190 -8.47 29.04 -51.24
N HIS I 191 -7.71 29.96 -50.66
CA HIS I 191 -6.28 29.75 -50.54
C HIS I 191 -5.98 28.71 -49.47
N VAL I 192 -4.77 28.14 -49.52
CA VAL I 192 -4.43 27.06 -48.60
C VAL I 192 -4.15 27.61 -47.20
N ALA I 193 -3.55 28.80 -47.11
CA ALA I 193 -3.28 29.39 -45.81
C ALA I 193 -4.52 30.02 -45.19
N GLY I 194 -5.49 30.41 -46.00
CA GLY I 194 -6.72 30.98 -45.49
C GLY I 194 -7.63 29.92 -44.89
N ARG I 195 -7.61 28.72 -45.48
CA ARG I 195 -8.40 27.61 -44.94
C ARG I 195 -7.84 27.12 -43.62
N TRP I 196 -6.53 27.29 -43.40
CA TRP I 196 -5.93 26.82 -42.15
C TRP I 196 -6.31 27.71 -40.98
N LEU I 197 -6.40 29.02 -41.21
CA LEU I 197 -6.78 29.93 -40.13
C LEU I 197 -8.26 29.84 -39.78
N GLU I 198 -9.07 29.27 -40.66
CA GLU I 198 -10.47 29.04 -40.32
C GLU I 198 -10.63 27.93 -39.29
N LEU I 199 -9.68 27.00 -39.25
CA LEU I 199 -9.72 25.88 -38.33
C LEU I 199 -8.96 26.15 -37.04
N GLN I 200 -8.72 27.42 -36.71
CA GLN I 200 -7.80 27.78 -35.62
C GLN I 200 -8.36 27.41 -34.26
N PHE I 201 -9.69 27.31 -34.14
CA PHE I 201 -10.27 26.79 -32.90
C PHE I 201 -10.04 25.28 -32.76
N GLY I 202 -9.66 24.61 -33.84
CA GLY I 202 -9.43 23.18 -33.80
C GLY I 202 -8.04 22.78 -33.35
N TRP I 203 -7.01 23.47 -33.84
CA TRP I 203 -5.64 23.07 -33.55
C TRP I 203 -4.98 23.83 -32.42
N LEU I 204 -5.47 25.02 -32.04
CA LEU I 204 -4.96 25.66 -30.83
C LEU I 204 -5.16 24.89 -29.53
N PRO I 205 -6.16 24.01 -29.36
CA PRO I 205 -6.06 23.06 -28.25
C PRO I 205 -4.88 22.10 -28.36
N LEU I 206 -4.53 21.67 -29.58
CA LEU I 206 -3.37 20.78 -29.71
C LEU I 206 -2.06 21.54 -29.54
N MET I 207 -2.09 22.85 -29.81
CA MET I 207 -0.88 23.65 -29.60
C MET I 207 -0.60 23.83 -28.12
N SER I 208 -1.65 23.99 -27.31
CA SER I 208 -1.46 24.21 -25.89
C SER I 208 -1.27 22.90 -25.13
N ASP I 209 -1.86 21.80 -25.62
CA ASP I 209 -1.69 20.52 -24.95
C ASP I 209 -0.31 19.92 -25.19
N ILE I 210 0.41 20.38 -26.21
CA ILE I 210 1.79 19.97 -26.36
C ILE I 210 2.68 20.71 -25.37
N GLN I 211 2.40 22.00 -25.10
CA GLN I 211 3.08 22.70 -24.02
C GLN I 211 2.72 22.11 -22.65
N GLY I 212 1.54 21.52 -22.55
CA GLY I 212 1.22 20.78 -21.34
C GLY I 212 2.07 19.54 -21.15
N ALA I 213 2.63 19.01 -22.23
CA ALA I 213 3.52 17.87 -22.12
C ALA I 213 4.98 18.28 -22.29
N TYR I 214 5.24 19.37 -23.03
CA TYR I 214 6.61 19.82 -23.21
C TYR I 214 7.17 20.45 -21.94
N GLU I 215 6.37 21.26 -21.26
CA GLU I 215 6.87 21.96 -20.08
C GLU I 215 6.97 21.06 -18.87
N MET I 216 6.16 20.00 -18.79
CA MET I 216 6.26 19.10 -17.66
C MET I 216 7.54 18.27 -17.73
N LEU I 217 8.06 18.05 -18.94
CA LEU I 217 9.34 17.37 -19.06
C LEU I 217 10.49 18.27 -18.63
N THR I 218 10.61 19.43 -19.27
CA THR I 218 11.83 20.23 -19.11
C THR I 218 11.88 20.94 -17.76
N LYS I 219 10.74 21.18 -17.12
CA LYS I 219 10.76 21.91 -15.87
C LYS I 219 10.64 21.00 -14.66
N VAL I 220 9.95 19.86 -14.80
CA VAL I 220 9.70 19.00 -13.65
C VAL I 220 10.40 17.66 -13.81
N HIS I 221 10.06 16.92 -14.88
CA HIS I 221 10.43 15.51 -14.95
C HIS I 221 11.91 15.32 -15.27
N LEU I 222 12.47 16.15 -16.15
CA LEU I 222 13.88 15.98 -16.48
C LEU I 222 14.80 16.56 -15.42
N GLN I 223 14.26 17.22 -14.40
CA GLN I 223 15.04 17.69 -13.27
C GLN I 223 14.89 16.82 -12.04
N GLU I 224 14.45 15.57 -12.21
CA GLU I 224 14.26 14.67 -11.08
C GLU I 224 15.33 13.58 -11.04
N PHE I 225 15.33 12.85 -9.93
CA PHE I 225 16.08 11.61 -9.81
C PHE I 225 15.28 10.50 -10.48
N LEU I 226 15.94 9.66 -11.28
CA LEU I 226 15.25 8.74 -12.18
C LEU I 226 15.85 7.34 -12.11
N PRO I 227 15.38 6.46 -11.21
CA PRO I 227 16.07 5.20 -10.97
C PRO I 227 15.56 4.07 -11.85
N MET I 228 16.39 3.02 -11.96
CA MET I 228 16.14 1.85 -12.80
C MET I 228 16.63 0.61 -12.07
N ARG I 229 16.15 -0.57 -12.48
CA ARG I 229 16.48 -1.82 -11.79
C ARG I 229 16.63 -2.97 -12.79
N ALA I 230 17.73 -3.71 -12.68
CA ALA I 230 17.99 -4.87 -13.54
C ALA I 230 18.44 -6.07 -12.72
N VAL I 231 17.83 -7.23 -12.99
CA VAL I 231 18.03 -8.46 -12.22
C VAL I 231 18.39 -9.58 -13.18
N ARG I 232 19.37 -10.41 -12.81
CA ARG I 232 19.61 -11.68 -13.50
C ARG I 232 20.22 -12.68 -12.51
N GLN I 233 19.67 -13.90 -12.51
CA GLN I 233 20.05 -14.96 -11.61
C GLN I 233 20.76 -16.08 -12.35
N VAL I 234 21.85 -16.59 -11.79
CA VAL I 234 22.67 -17.63 -12.39
C VAL I 234 23.04 -18.63 -11.31
N GLY I 235 22.76 -19.92 -11.54
CA GLY I 235 23.12 -20.97 -10.62
C GLY I 235 23.40 -22.32 -11.25
N THR I 236 24.38 -23.03 -10.72
CA THR I 236 24.74 -24.36 -11.20
C THR I 236 24.67 -25.35 -10.05
N ASN I 237 25.14 -26.57 -10.33
CA ASN I 237 25.09 -27.68 -9.40
C ASN I 237 26.46 -28.34 -9.33
N ILE I 238 26.98 -28.54 -8.12
CA ILE I 238 28.33 -29.04 -7.91
C ILE I 238 28.23 -30.34 -7.12
N LYS I 239 29.20 -31.23 -7.33
CA LYS I 239 29.31 -32.46 -6.57
C LYS I 239 30.72 -32.60 -6.06
N LEU I 240 30.86 -32.93 -4.78
CA LEU I 240 32.16 -33.13 -4.16
C LEU I 240 32.18 -34.50 -3.49
N ASP I 241 33.36 -34.90 -3.03
CA ASP I 241 33.57 -36.19 -2.39
C ASP I 241 34.28 -35.98 -1.06
N GLY I 242 33.55 -36.19 0.04
CA GLY I 242 34.10 -36.03 1.37
C GLY I 242 34.29 -37.35 2.10
N GLN I 252 29.61 -38.39 -0.68
CA GLN I 252 28.84 -37.67 -1.70
C GLN I 252 28.17 -36.44 -1.10
N THR I 253 28.23 -35.33 -1.82
CA THR I 253 27.50 -34.13 -1.47
C THR I 253 27.18 -33.34 -2.73
N THR I 254 25.91 -32.92 -2.85
CA THR I 254 25.46 -32.16 -4.01
C THR I 254 24.81 -30.88 -3.55
N CYS I 255 25.35 -29.74 -3.97
CA CYS I 255 24.84 -28.43 -3.59
C CYS I 255 24.25 -27.73 -4.80
N ASN I 256 23.70 -26.54 -4.56
CA ASN I 256 23.12 -25.70 -5.60
C ASN I 256 23.42 -24.25 -5.26
N ILE I 257 24.54 -23.73 -5.78
CA ILE I 257 25.00 -22.38 -5.49
C ILE I 257 24.51 -21.45 -6.58
N SER I 258 23.72 -20.45 -6.19
CA SER I 258 23.16 -19.51 -7.16
C SER I 258 23.34 -18.09 -6.66
N ARG I 259 23.51 -17.17 -7.60
CA ARG I 259 23.73 -15.76 -7.31
C ARG I 259 22.61 -14.91 -7.91
N ARG I 260 22.12 -13.97 -7.09
CA ARG I 260 21.10 -13.00 -7.49
C ARG I 260 21.72 -11.61 -7.45
N ILE I 261 21.91 -11.01 -8.61
CA ILE I 261 22.48 -9.67 -8.72
C ILE I 261 21.38 -8.68 -9.06
N VAL I 262 21.18 -7.70 -8.19
CA VAL I 262 20.25 -6.61 -8.42
C VAL I 262 21.05 -5.34 -8.41
N ILE I 263 21.02 -4.59 -9.51
CA ILE I 263 21.77 -3.34 -9.63
C ILE I 263 20.80 -2.21 -9.93
N TRP I 264 20.74 -1.25 -9.02
CA TRP I 264 20.00 -0.01 -9.24
C TRP I 264 20.92 1.03 -9.85
N PHE I 265 20.38 1.82 -10.78
CA PHE I 265 21.14 2.86 -11.44
C PHE I 265 20.18 3.92 -11.95
N TYR I 266 20.67 5.15 -12.02
CA TYR I 266 19.84 6.29 -12.35
C TYR I 266 20.39 7.01 -13.56
N ILE I 267 19.56 7.86 -14.15
CA ILE I 267 19.97 8.59 -15.35
C ILE I 267 20.89 9.74 -14.95
N ASN I 268 22.09 9.74 -15.52
CA ASN I 268 23.00 10.86 -15.41
C ASN I 268 23.52 11.15 -16.80
N ASP I 269 22.98 12.18 -17.43
CA ASP I 269 23.39 12.51 -18.78
C ASP I 269 23.57 14.01 -18.88
N ALA I 270 24.49 14.42 -19.76
CA ALA I 270 24.75 15.84 -19.94
C ALA I 270 23.74 16.48 -20.87
N ARG I 271 23.26 15.75 -21.87
CA ARG I 271 22.32 16.30 -22.85
C ARG I 271 20.87 16.15 -22.44
N LEU I 272 20.59 15.60 -21.26
CA LEU I 272 19.26 15.71 -20.68
C LEU I 272 19.16 16.87 -19.70
N ALA I 273 20.30 17.42 -19.29
CA ALA I 273 20.29 18.73 -18.67
C ALA I 273 20.30 19.84 -19.71
N TRP I 274 20.62 19.51 -20.96
CA TRP I 274 20.59 20.47 -22.05
C TRP I 274 19.17 20.65 -22.57
N LEU I 275 18.39 19.57 -22.60
CA LEU I 275 17.00 19.66 -23.03
C LEU I 275 16.15 20.38 -21.99
N SER I 276 16.55 20.35 -20.72
CA SER I 276 15.87 21.12 -19.70
C SER I 276 16.24 22.60 -19.74
N SER I 277 17.28 22.97 -20.48
CA SER I 277 17.64 24.38 -20.61
C SER I 277 16.78 25.07 -21.67
N LEU I 278 16.17 24.32 -22.57
CA LEU I 278 15.52 24.91 -23.72
C LEU I 278 14.08 25.28 -23.42
N GLY I 279 13.48 26.04 -24.33
CA GLY I 279 12.12 26.48 -24.22
C GLY I 279 11.31 26.20 -25.46
N ILE I 280 10.13 26.84 -25.53
CA ILE I 280 9.24 26.72 -26.66
C ILE I 280 8.44 28.02 -26.74
N LEU I 281 7.94 28.35 -27.92
CA LEU I 281 7.14 29.54 -28.08
C LEU I 281 5.71 29.31 -27.62
N ASN I 282 5.09 30.36 -27.11
CA ASN I 282 3.71 30.30 -26.63
C ASN I 282 2.77 30.50 -27.79
N PRO I 283 1.94 29.50 -28.14
CA PRO I 283 1.07 29.65 -29.32
C PRO I 283 -0.06 30.63 -29.11
N LEU I 284 -0.43 30.91 -27.86
CA LEU I 284 -1.42 31.94 -27.61
C LEU I 284 -0.83 33.33 -27.84
N GLY I 285 0.43 33.53 -27.45
CA GLY I 285 1.10 34.79 -27.59
C GLY I 285 1.66 35.10 -28.96
N ILE I 286 1.34 34.29 -29.97
CA ILE I 286 1.79 34.50 -31.33
C ILE I 286 0.57 34.82 -32.19
N VAL I 287 0.60 35.97 -32.85
CA VAL I 287 -0.48 36.37 -33.75
C VAL I 287 -0.33 35.53 -35.02
N TRP I 288 -1.29 34.63 -35.25
CA TRP I 288 -1.11 33.63 -36.30
C TRP I 288 -1.46 34.19 -37.67
N GLU I 289 -2.09 35.35 -37.71
CA GLU I 289 -2.55 35.89 -38.99
C GLU I 289 -1.39 36.48 -39.79
N LYS I 290 -0.44 37.10 -39.10
CA LYS I 290 0.63 37.81 -39.79
C LYS I 290 1.73 36.87 -40.26
N VAL I 291 1.96 35.80 -39.51
CA VAL I 291 3.10 34.91 -39.71
C VAL I 291 2.68 33.85 -40.74
N PRO I 292 3.51 33.53 -41.73
CA PRO I 292 3.06 32.67 -42.83
C PRO I 292 2.83 31.22 -42.41
N PHE I 293 2.36 30.44 -43.39
CA PHE I 293 1.85 29.10 -43.17
C PHE I 293 2.93 28.09 -42.82
N SER I 294 4.18 28.37 -43.17
CA SER I 294 5.28 27.46 -42.83
C SER I 294 5.83 27.70 -41.43
N PHE I 295 5.10 28.37 -40.54
CA PHE I 295 5.57 28.59 -39.18
C PHE I 295 5.23 27.45 -38.25
N VAL I 296 4.36 26.53 -38.66
CA VAL I 296 4.12 25.31 -37.89
C VAL I 296 5.37 24.46 -37.86
N VAL I 297 6.14 24.48 -38.96
CA VAL I 297 7.42 23.78 -39.01
C VAL I 297 8.42 24.45 -38.08
N ASP I 298 8.46 25.79 -38.08
CA ASP I 298 9.37 26.50 -37.18
C ASP I 298 8.89 26.52 -35.75
N TRP I 299 7.71 26.00 -35.45
CA TRP I 299 7.25 25.90 -34.08
C TRP I 299 7.61 24.56 -33.44
N LEU I 300 7.80 23.52 -34.25
CA LEU I 300 8.11 22.19 -33.76
C LEU I 300 9.60 21.89 -33.74
N LEU I 301 10.45 22.89 -33.98
CA LEU I 301 11.90 22.68 -33.86
C LEU I 301 12.37 22.35 -32.44
N PRO I 302 11.86 22.94 -31.35
CA PRO I 302 12.24 22.41 -30.03
C PRO I 302 11.63 21.06 -29.71
N VAL I 303 10.53 20.68 -30.38
CA VAL I 303 9.99 19.34 -30.18
C VAL I 303 10.84 18.31 -30.89
N GLY I 304 11.37 18.65 -32.06
CA GLY I 304 12.23 17.72 -32.79
C GLY I 304 13.57 17.49 -32.11
N ASN I 305 14.00 18.42 -31.25
CA ASN I 305 15.20 18.17 -30.46
C ASN I 305 14.91 17.20 -29.32
N MET I 306 13.68 17.19 -28.82
CA MET I 306 13.33 16.29 -27.72
C MET I 306 13.24 14.85 -28.19
N LEU I 307 12.48 14.61 -29.26
CA LEU I 307 12.20 13.24 -29.68
C LEU I 307 13.43 12.57 -30.27
N GLU I 308 14.43 13.33 -30.69
CA GLU I 308 15.74 12.73 -30.94
C GLU I 308 16.58 12.72 -29.67
N GLY I 309 16.42 13.73 -28.81
CA GLY I 309 17.24 13.81 -27.63
C GLY I 309 16.86 12.82 -26.55
N LEU I 310 15.61 12.40 -26.53
CA LEU I 310 15.20 11.39 -25.55
C LEU I 310 15.49 9.98 -26.04
N THR I 311 15.18 9.69 -27.31
CA THR I 311 15.29 8.34 -27.84
C THR I 311 16.71 7.92 -28.16
N ALA I 312 17.66 8.83 -28.16
CA ALA I 312 19.06 8.44 -28.26
C ALA I 312 19.48 7.70 -26.99
N PRO I 313 20.48 6.83 -27.06
CA PRO I 313 20.89 6.10 -25.85
C PRO I 313 21.54 7.00 -24.82
N VAL I 314 21.27 6.70 -23.56
CA VAL I 314 21.46 7.62 -22.45
C VAL I 314 22.57 7.10 -21.54
N GLY I 315 23.46 7.99 -21.10
CA GLY I 315 24.43 7.62 -20.11
C GLY I 315 23.83 7.52 -18.71
N CYS I 316 24.46 6.68 -17.88
CA CYS I 316 23.91 6.41 -16.57
C CYS I 316 25.02 6.23 -15.54
N SER I 317 24.72 6.62 -14.30
CA SER I 317 25.53 6.29 -13.13
C SER I 317 24.67 5.50 -12.16
N TYR I 318 25.31 4.73 -11.30
CA TYR I 318 24.59 3.81 -10.44
C TYR I 318 24.56 4.32 -9.01
N MET I 319 23.52 3.97 -8.27
CA MET I 319 23.50 4.27 -6.85
C MET I 319 24.30 3.23 -6.07
N SER I 320 23.78 2.00 -6.02
CA SER I 320 24.41 0.80 -5.46
C SER I 320 23.47 -0.36 -5.70
N GLY I 321 23.94 -1.57 -5.42
CA GLY I 321 23.12 -2.75 -5.60
C GLY I 321 23.51 -3.85 -4.64
N THR I 322 22.67 -4.88 -4.61
CA THR I 322 22.87 -6.02 -3.73
C THR I 322 23.20 -7.27 -4.54
N VAL I 323 23.97 -8.16 -3.92
CA VAL I 323 24.31 -9.46 -4.50
C VAL I 323 24.10 -10.52 -3.42
N THR I 324 23.12 -11.39 -3.61
CA THR I 324 22.85 -12.46 -2.65
C THR I 324 23.38 -13.77 -3.21
N ASP I 325 23.73 -14.68 -2.30
CA ASP I 325 24.25 -15.99 -2.65
C ASP I 325 23.48 -17.04 -1.87
N VAL I 326 22.92 -18.01 -2.58
CA VAL I 326 22.11 -19.06 -1.98
C VAL I 326 22.71 -20.40 -2.32
N ILE I 327 23.15 -21.14 -1.31
CA ILE I 327 23.51 -22.55 -1.45
C ILE I 327 22.45 -23.38 -0.74
N THR I 328 21.90 -24.36 -1.46
CA THR I 328 21.01 -25.35 -0.87
C THR I 328 21.52 -26.72 -1.30
N GLY I 329 21.91 -27.53 -0.32
CA GLY I 329 22.52 -28.81 -0.66
C GLY I 329 22.30 -29.92 0.35
N GLU I 330 22.87 -31.08 0.04
CA GLU I 330 22.75 -32.28 0.88
C GLU I 330 24.12 -32.95 0.93
N SER I 331 24.20 -34.00 1.73
CA SER I 331 25.42 -34.80 1.83
C SER I 331 25.07 -36.19 2.33
N ILE I 332 25.89 -37.16 1.95
CA ILE I 332 25.70 -38.55 2.36
C ILE I 332 27.01 -39.06 2.94
N ILE I 333 26.92 -39.63 4.13
CA ILE I 333 28.10 -40.20 4.78
C ILE I 333 27.95 -41.70 4.93
N GLN I 346 26.72 -50.52 7.61
CA GLN I 346 26.80 -49.36 6.73
C GLN I 346 26.32 -48.10 7.45
N GLY I 347 27.26 -47.23 7.83
CA GLY I 347 26.91 -46.01 8.50
C GLY I 347 26.48 -44.94 7.51
N THR I 348 25.25 -44.44 7.68
CA THR I 348 24.70 -43.42 6.80
C THR I 348 24.40 -42.16 7.60
N ALA I 349 24.31 -41.05 6.87
CA ALA I 349 24.00 -39.75 7.44
C ALA I 349 23.54 -38.82 6.33
N LYS I 350 22.74 -37.83 6.69
CA LYS I 350 22.31 -36.79 5.75
C LYS I 350 22.33 -35.43 6.43
N ALA I 351 23.25 -34.57 5.99
CA ALA I 351 23.34 -33.20 6.47
C ALA I 351 22.85 -32.25 5.37
N GLN I 352 22.48 -31.03 5.78
CA GLN I 352 21.91 -30.07 4.84
C GLN I 352 22.42 -28.65 5.13
N ILE I 353 22.27 -27.79 4.13
CA ILE I 353 22.41 -26.34 4.27
C ILE I 353 21.37 -25.66 3.39
N SER I 354 20.76 -24.60 3.91
CA SER I 354 20.16 -23.57 3.08
C SER I 354 20.58 -22.22 3.65
N ALA I 355 21.50 -21.54 2.98
CA ALA I 355 22.13 -20.36 3.54
C ALA I 355 21.95 -19.18 2.60
N MET I 356 22.28 -17.99 3.11
CA MET I 356 22.09 -16.75 2.36
C MET I 356 23.09 -15.73 2.85
N HIS I 357 23.57 -14.87 1.95
CA HIS I 357 24.50 -13.79 2.30
C HIS I 357 24.43 -12.69 1.27
N ARG I 358 23.93 -11.51 1.65
CA ARG I 358 23.91 -10.37 0.75
C ARG I 358 25.26 -9.68 0.70
N GLY I 359 25.57 -9.07 -0.42
CA GLY I 359 26.76 -8.27 -0.59
C GLY I 359 26.42 -6.87 -1.04
N VAL I 360 27.33 -5.93 -0.77
CA VAL I 360 27.18 -4.55 -1.19
C VAL I 360 28.17 -4.20 -2.31
N GLN I 361 28.97 -5.17 -2.74
CA GLN I 361 29.97 -4.96 -3.79
C GLN I 361 29.33 -4.58 -5.10
N SER I 362 29.94 -3.60 -5.78
CA SER I 362 29.38 -3.03 -7.00
C SER I 362 29.97 -3.75 -8.20
N VAL I 363 29.11 -4.22 -9.09
CA VAL I 363 29.52 -4.78 -10.36
C VAL I 363 29.14 -3.75 -11.41
N TRP I 364 30.05 -2.82 -11.70
CA TRP I 364 29.73 -1.72 -12.59
C TRP I 364 31.04 -1.25 -13.19
N PRO I 365 31.14 -1.20 -14.52
CA PRO I 365 32.40 -0.79 -15.14
C PRO I 365 32.64 0.70 -15.02
N THR I 366 33.91 1.06 -14.93
CA THR I 366 34.29 2.46 -14.91
C THR I 366 34.22 3.12 -16.28
N THR I 367 34.11 2.33 -17.34
CA THR I 367 33.83 2.87 -18.66
C THR I 367 32.38 3.30 -18.81
N GLY I 368 31.50 2.87 -17.89
CA GLY I 368 30.11 3.27 -17.93
C GLY I 368 29.30 2.46 -18.92
N ALA I 369 27.99 2.65 -18.89
CA ALA I 369 27.08 2.02 -19.83
C ALA I 369 26.17 3.10 -20.43
N TYR I 370 25.91 2.98 -21.72
CA TYR I 370 25.01 3.87 -22.42
C TYR I 370 23.73 3.10 -22.70
N VAL I 371 22.77 3.24 -21.80
CA VAL I 371 21.54 2.45 -21.79
C VAL I 371 20.66 2.84 -22.97
N LYS I 372 20.10 1.84 -23.65
CA LYS I 372 19.04 2.12 -24.60
C LYS I 372 17.85 2.71 -23.86
N SER I 373 17.39 3.86 -24.34
CA SER I 373 16.59 4.75 -23.52
C SER I 373 15.20 4.16 -23.23
N PRO I 374 14.66 4.39 -22.04
CA PRO I 374 13.27 4.01 -21.79
C PRO I 374 12.28 4.86 -22.55
N PHE I 375 12.66 6.08 -22.94
CA PHE I 375 11.78 6.95 -23.70
C PHE I 375 11.55 6.45 -25.12
N SER I 376 12.42 5.58 -25.62
CA SER I 376 12.15 4.86 -26.86
C SER I 376 10.93 3.98 -26.67
N MET I 377 9.87 4.29 -27.40
CA MET I 377 8.55 3.76 -27.14
C MET I 377 7.90 3.56 -28.50
N VAL I 378 6.73 2.90 -28.51
CA VAL I 378 5.98 2.71 -29.75
C VAL I 378 5.51 4.05 -30.29
N HIS I 379 5.14 4.97 -29.40
CA HIS I 379 4.61 6.25 -29.83
C HIS I 379 5.72 7.19 -30.28
N THR I 380 6.80 7.30 -29.51
CA THR I 380 7.85 8.26 -29.83
C THR I 380 8.68 7.85 -31.05
N LEU I 381 8.66 6.57 -31.42
CA LEU I 381 9.29 6.16 -32.67
C LEU I 381 8.37 6.36 -33.87
N ASP I 382 7.08 6.58 -33.64
CA ASP I 382 6.21 7.00 -34.74
C ASP I 382 6.27 8.51 -34.92
N ALA I 383 6.53 9.25 -33.84
CA ALA I 383 6.64 10.69 -33.95
C ALA I 383 7.99 11.12 -34.52
N LEU I 384 9.00 10.26 -34.46
CA LEU I 384 10.20 10.50 -35.24
C LEU I 384 10.02 10.09 -36.69
N ALA I 385 9.14 9.12 -36.94
CA ALA I 385 8.93 8.63 -38.30
C ALA I 385 8.10 9.60 -39.13
N LEU I 386 7.47 10.60 -38.51
CA LEU I 386 6.75 11.60 -39.29
C LEU I 386 7.66 12.78 -39.59
N ILE I 387 8.36 13.28 -38.58
CA ILE I 387 9.18 14.48 -38.75
C ILE I 387 10.39 14.22 -39.64
N ARG I 388 10.99 13.03 -39.53
CA ARG I 388 12.10 12.70 -40.41
C ARG I 388 11.66 12.22 -41.78
N GLN I 389 10.35 12.16 -42.04
CA GLN I 389 9.90 11.79 -43.38
C GLN I 389 9.09 12.89 -44.03
N ARG I 390 8.19 13.52 -43.28
CA ARG I 390 7.33 14.56 -43.85
C ARG I 390 7.94 15.95 -43.71
N LEU I 391 8.29 16.35 -42.50
CA LEU I 391 8.74 17.72 -42.28
C LEU I 391 10.19 17.97 -42.66
N SER I 392 11.04 16.94 -42.66
CA SER I 392 12.42 17.14 -43.06
C SER I 392 12.80 16.31 -44.28
N ARG I 393 12.58 15.00 -44.18
CA ARG I 393 13.10 13.96 -45.10
C ARG I 393 14.58 14.12 -45.41
#